data_1KX2
# 
_entry.id   1KX2 
# 
_audit_conform.dict_name       mmcif_pdbx.dic 
_audit_conform.dict_version    5.397 
_audit_conform.dict_location   http://mmcif.pdb.org/dictionaries/ascii/mmcif_pdbx.dic 
# 
loop_
_database_2.database_id 
_database_2.database_code 
_database_2.pdbx_database_accession 
_database_2.pdbx_DOI 
PDB   1KX2         pdb_00001kx2 10.2210/pdb1kx2/pdb 
RCSB  RCSB015428   ?            ?                   
WWPDB D_1000015428 ?            ?                   
# 
loop_
_pdbx_audit_revision_history.ordinal 
_pdbx_audit_revision_history.data_content_type 
_pdbx_audit_revision_history.major_revision 
_pdbx_audit_revision_history.minor_revision 
_pdbx_audit_revision_history.revision_date 
1 'Structure model' 1 0 2002-02-13 
2 'Structure model' 1 1 2008-04-27 
3 'Structure model' 1 2 2011-07-13 
4 'Structure model' 1 3 2022-02-23 
5 'Structure model' 1 4 2024-10-16 
# 
_pdbx_audit_revision_details.ordinal             1 
_pdbx_audit_revision_details.revision_ordinal    1 
_pdbx_audit_revision_details.data_content_type   'Structure model' 
_pdbx_audit_revision_details.provider            repository 
_pdbx_audit_revision_details.type                'Initial release' 
_pdbx_audit_revision_details.description         ? 
_pdbx_audit_revision_details.details             ? 
# 
loop_
_pdbx_audit_revision_group.ordinal 
_pdbx_audit_revision_group.revision_ordinal 
_pdbx_audit_revision_group.data_content_type 
_pdbx_audit_revision_group.group 
1 2 'Structure model' 'Version format compliance' 
2 3 'Structure model' 'Version format compliance' 
3 4 'Structure model' 'Data collection'           
4 4 'Structure model' 'Database references'       
5 4 'Structure model' 'Derived calculations'      
6 5 'Structure model' 'Data collection'           
7 5 'Structure model' 'Structure summary'         
# 
loop_
_pdbx_audit_revision_category.ordinal 
_pdbx_audit_revision_category.revision_ordinal 
_pdbx_audit_revision_category.data_content_type 
_pdbx_audit_revision_category.category 
1  4 'Structure model' database_2                
2  4 'Structure model' pdbx_nmr_software         
3  4 'Structure model' pdbx_nmr_spectrometer     
4  4 'Structure model' pdbx_struct_assembly      
5  4 'Structure model' pdbx_struct_oper_list     
6  4 'Structure model' struct_conn               
7  4 'Structure model' struct_conn_type          
8  4 'Structure model' struct_ref_seq_dif        
9  4 'Structure model' struct_site               
10 5 'Structure model' chem_comp_atom            
11 5 'Structure model' chem_comp_bond            
12 5 'Structure model' pdbx_entry_details        
13 5 'Structure model' pdbx_modification_feature 
# 
loop_
_pdbx_audit_revision_item.ordinal 
_pdbx_audit_revision_item.revision_ordinal 
_pdbx_audit_revision_item.data_content_type 
_pdbx_audit_revision_item.item 
1  4 'Structure model' '_database_2.pdbx_DOI'                
2  4 'Structure model' '_database_2.pdbx_database_accession' 
3  4 'Structure model' '_pdbx_nmr_software.name'             
4  4 'Structure model' '_pdbx_nmr_spectrometer.model'        
5  4 'Structure model' '_struct_conn.conn_type_id'           
6  4 'Structure model' '_struct_conn.id'                     
7  4 'Structure model' '_struct_conn.pdbx_dist_value'        
8  4 'Structure model' '_struct_conn.pdbx_leaving_atom_flag' 
9  4 'Structure model' '_struct_conn.ptnr1_auth_comp_id'     
10 4 'Structure model' '_struct_conn.ptnr1_auth_seq_id'      
11 4 'Structure model' '_struct_conn.ptnr1_label_asym_id'    
12 4 'Structure model' '_struct_conn.ptnr1_label_atom_id'    
13 4 'Structure model' '_struct_conn.ptnr1_label_comp_id'    
14 4 'Structure model' '_struct_conn.ptnr1_label_seq_id'     
15 4 'Structure model' '_struct_conn.ptnr2_auth_comp_id'     
16 4 'Structure model' '_struct_conn.ptnr2_auth_seq_id'      
17 4 'Structure model' '_struct_conn.ptnr2_label_asym_id'    
18 4 'Structure model' '_struct_conn.ptnr2_label_atom_id'    
19 4 'Structure model' '_struct_conn.ptnr2_label_comp_id'    
20 4 'Structure model' '_struct_conn.ptnr2_label_seq_id'     
21 4 'Structure model' '_struct_conn_type.id'                
22 4 'Structure model' '_struct_ref_seq_dif.details'         
23 4 'Structure model' '_struct_site.pdbx_auth_asym_id'      
24 4 'Structure model' '_struct_site.pdbx_auth_comp_id'      
25 4 'Structure model' '_struct_site.pdbx_auth_seq_id'       
# 
_pdbx_database_status.status_code                     REL 
_pdbx_database_status.entry_id                        1KX2 
_pdbx_database_status.recvd_initial_deposition_date   2002-01-30 
_pdbx_database_status.deposit_site                    RCSB 
_pdbx_database_status.process_site                    RCSB 
_pdbx_database_status.status_code_mr                  REL 
_pdbx_database_status.SG_entry                        . 
_pdbx_database_status.pdb_format_compatible           Y 
_pdbx_database_status.status_code_sf                  ? 
_pdbx_database_status.status_code_cs                  ? 
_pdbx_database_status.status_code_nmr_data            ? 
_pdbx_database_status.methods_development_category    ? 
# 
_pdbx_database_related.db_name        PDB 
_pdbx_database_related.db_id          1kx7 
_pdbx_database_related.details        '30 conformers ensemble of S. putrefaciens MONO-HEME C-TYPE CYTOCHROME SCYA' 
_pdbx_database_related.content_type   unspecified 
# 
loop_
_audit_author.name 
_audit_author.pdbx_ordinal 
'Bartalesi, I.' 1 
'Bertini, I.'   2 
'Hajieva, P.'   3 
'Rosato, A.'    4 
'Vasos, P.R.'   5 
# 
_citation.id                        primary 
_citation.title                     
;Solution structure of a monoheme ferrocytochrome c from Shewanella putrefaciens and structural analysis of sequence-similar proteins: functional implications.
;
_citation.journal_abbrev            Biochemistry 
_citation.journal_volume            41 
_citation.page_first                5112 
_citation.page_last                 5119 
_citation.year                      2002 
_citation.journal_id_ASTM           BICHAW 
_citation.country                   US 
_citation.journal_id_ISSN           0006-2960 
_citation.journal_id_CSD            0033 
_citation.book_publisher            ? 
_citation.pdbx_database_id_PubMed   11955059 
_citation.pdbx_database_id_DOI      10.1021/bi015984z 
# 
loop_
_citation_author.citation_id 
_citation_author.name 
_citation_author.ordinal 
_citation_author.identifier_ORCID 
primary 'Bartalesi, I.' 1 ? 
primary 'Bertini, I.'   2 ? 
primary 'Hajieva, P.'   3 ? 
primary 'Rosato, A.'    4 ? 
primary 'Vasos, P.R.'   5 ? 
# 
loop_
_entity.id 
_entity.type 
_entity.src_method 
_entity.pdbx_description 
_entity.formula_weight 
_entity.pdbx_number_of_molecules 
_entity.pdbx_ec 
_entity.pdbx_mutation 
_entity.pdbx_fragment 
_entity.details 
1 polymer     man 'mono-heme c-type cytochrome ScyA' 8600.770 1 ? ? ? ? 
2 non-polymer syn 'HEME C'                           618.503  1 ? ? ? ? 
# 
_entity_name_com.entity_id   1 
_entity_name_com.name        'MONO-HEME FERROCYTOCHROME C' 
# 
_entity_poly.entity_id                      1 
_entity_poly.type                           'polypeptide(L)' 
_entity_poly.nstd_linkage                   no 
_entity_poly.nstd_monomer                   no 
_entity_poly.pdbx_seq_one_letter_code       
;ADLQDAEAIYNKACTVCHSMGVAGAPKSHNTADWEPRLAKGVDNLVKSVKTGLNAMPPGGMCTDCTDEDYKAAIEFMSKA
K
;
_entity_poly.pdbx_seq_one_letter_code_can   
;ADLQDAEAIYNKACTVCHSMGVAGAPKSHNTADWEPRLAKGVDNLVKSVKTGLNAMPPGGMCTDCTDEDYKAAIEFMSKA
K
;
_entity_poly.pdbx_strand_id                 A 
_entity_poly.pdbx_target_identifier         ? 
# 
_pdbx_entity_nonpoly.entity_id   2 
_pdbx_entity_nonpoly.name        'HEME C' 
_pdbx_entity_nonpoly.comp_id     HEC 
# 
loop_
_entity_poly_seq.entity_id 
_entity_poly_seq.num 
_entity_poly_seq.mon_id 
_entity_poly_seq.hetero 
1 1  ALA n 
1 2  ASP n 
1 3  LEU n 
1 4  GLN n 
1 5  ASP n 
1 6  ALA n 
1 7  GLU n 
1 8  ALA n 
1 9  ILE n 
1 10 TYR n 
1 11 ASN n 
1 12 LYS n 
1 13 ALA n 
1 14 CYS n 
1 15 THR n 
1 16 VAL n 
1 17 CYS n 
1 18 HIS n 
1 19 SER n 
1 20 MET n 
1 21 GLY n 
1 22 VAL n 
1 23 ALA n 
1 24 GLY n 
1 25 ALA n 
1 26 PRO n 
1 27 LYS n 
1 28 SER n 
1 29 HIS n 
1 30 ASN n 
1 31 THR n 
1 32 ALA n 
1 33 ASP n 
1 34 TRP n 
1 35 GLU n 
1 36 PRO n 
1 37 ARG n 
1 38 LEU n 
1 39 ALA n 
1 40 LYS n 
1 41 GLY n 
1 42 VAL n 
1 43 ASP n 
1 44 ASN n 
1 45 LEU n 
1 46 VAL n 
1 47 LYS n 
1 48 SER n 
1 49 VAL n 
1 50 LYS n 
1 51 THR n 
1 52 GLY n 
1 53 LEU n 
1 54 ASN n 
1 55 ALA n 
1 56 MET n 
1 57 PRO n 
1 58 PRO n 
1 59 GLY n 
1 60 GLY n 
1 61 MET n 
1 62 CYS n 
1 63 THR n 
1 64 ASP n 
1 65 CYS n 
1 66 THR n 
1 67 ASP n 
1 68 GLU n 
1 69 ASP n 
1 70 TYR n 
1 71 LYS n 
1 72 ALA n 
1 73 ALA n 
1 74 ILE n 
1 75 GLU n 
1 76 PHE n 
1 77 MET n 
1 78 SER n 
1 79 LYS n 
1 80 ALA n 
1 81 LYS n 
# 
_entity_src_gen.entity_id                          1 
_entity_src_gen.pdbx_src_id                        1 
_entity_src_gen.pdbx_alt_source_flag               sample 
_entity_src_gen.pdbx_seq_type                      ? 
_entity_src_gen.pdbx_beg_seq_num                   ? 
_entity_src_gen.pdbx_end_seq_num                   ? 
_entity_src_gen.gene_src_common_name               ? 
_entity_src_gen.gene_src_genus                     Shewanella 
_entity_src_gen.pdbx_gene_src_gene                 ScyA 
_entity_src_gen.gene_src_species                   ? 
_entity_src_gen.gene_src_strain                    ? 
_entity_src_gen.gene_src_tissue                    ? 
_entity_src_gen.gene_src_tissue_fraction           ? 
_entity_src_gen.gene_src_details                   ? 
_entity_src_gen.pdbx_gene_src_fragment             ? 
_entity_src_gen.pdbx_gene_src_scientific_name      'Shewanella putrefaciens' 
_entity_src_gen.pdbx_gene_src_ncbi_taxonomy_id     24 
_entity_src_gen.pdbx_gene_src_variant              ? 
_entity_src_gen.pdbx_gene_src_cell_line            ? 
_entity_src_gen.pdbx_gene_src_atcc                 ? 
_entity_src_gen.pdbx_gene_src_organ                ? 
_entity_src_gen.pdbx_gene_src_organelle            ? 
_entity_src_gen.pdbx_gene_src_cell                 ? 
_entity_src_gen.pdbx_gene_src_cellular_location    ? 
_entity_src_gen.host_org_common_name               ? 
_entity_src_gen.pdbx_host_org_scientific_name      'Escherichia coli' 
_entity_src_gen.pdbx_host_org_ncbi_taxonomy_id     562 
_entity_src_gen.host_org_genus                     Escherichia 
_entity_src_gen.pdbx_host_org_gene                 ? 
_entity_src_gen.pdbx_host_org_organ                ? 
_entity_src_gen.host_org_species                   ? 
_entity_src_gen.pdbx_host_org_tissue               ? 
_entity_src_gen.pdbx_host_org_tissue_fraction      ? 
_entity_src_gen.pdbx_host_org_strain               'BL21(DE3)C41' 
_entity_src_gen.pdbx_host_org_variant              ? 
_entity_src_gen.pdbx_host_org_cell_line            ? 
_entity_src_gen.pdbx_host_org_atcc                 ? 
_entity_src_gen.pdbx_host_org_culture_collection   ? 
_entity_src_gen.pdbx_host_org_cell                 ? 
_entity_src_gen.pdbx_host_org_organelle            ? 
_entity_src_gen.pdbx_host_org_cellular_location    ? 
_entity_src_gen.pdbx_host_org_vector_type          plasmid 
_entity_src_gen.pdbx_host_org_vector               ? 
_entity_src_gen.host_org_details                   ? 
_entity_src_gen.expression_system_id               ? 
_entity_src_gen.plasmid_name                       pPB10ScyA 
_entity_src_gen.plasmid_details                    ? 
_entity_src_gen.pdbx_description                   ? 
# 
loop_
_chem_comp.id 
_chem_comp.type 
_chem_comp.mon_nstd_flag 
_chem_comp.name 
_chem_comp.pdbx_synonyms 
_chem_comp.formula 
_chem_comp.formula_weight 
ALA 'L-peptide linking' y ALANINE         ? 'C3 H7 N O2'       89.093  
ARG 'L-peptide linking' y ARGININE        ? 'C6 H15 N4 O2 1'   175.209 
ASN 'L-peptide linking' y ASPARAGINE      ? 'C4 H8 N2 O3'      132.118 
ASP 'L-peptide linking' y 'ASPARTIC ACID' ? 'C4 H7 N O4'       133.103 
CYS 'L-peptide linking' y CYSTEINE        ? 'C3 H7 N O2 S'     121.158 
GLN 'L-peptide linking' y GLUTAMINE       ? 'C5 H10 N2 O3'     146.144 
GLU 'L-peptide linking' y 'GLUTAMIC ACID' ? 'C5 H9 N O4'       147.129 
GLY 'peptide linking'   y GLYCINE         ? 'C2 H5 N O2'       75.067  
HEC non-polymer         . 'HEME C'        ? 'C34 H34 Fe N4 O4' 618.503 
HIS 'L-peptide linking' y HISTIDINE       ? 'C6 H10 N3 O2 1'   156.162 
ILE 'L-peptide linking' y ISOLEUCINE      ? 'C6 H13 N O2'      131.173 
LEU 'L-peptide linking' y LEUCINE         ? 'C6 H13 N O2'      131.173 
LYS 'L-peptide linking' y LYSINE          ? 'C6 H15 N2 O2 1'   147.195 
MET 'L-peptide linking' y METHIONINE      ? 'C5 H11 N O2 S'    149.211 
PHE 'L-peptide linking' y PHENYLALANINE   ? 'C9 H11 N O2'      165.189 
PRO 'L-peptide linking' y PROLINE         ? 'C5 H9 N O2'       115.130 
SER 'L-peptide linking' y SERINE          ? 'C3 H7 N O3'       105.093 
THR 'L-peptide linking' y THREONINE       ? 'C4 H9 N O3'       119.119 
TRP 'L-peptide linking' y TRYPTOPHAN      ? 'C11 H12 N2 O2'    204.225 
TYR 'L-peptide linking' y TYROSINE        ? 'C9 H11 N O3'      181.189 
VAL 'L-peptide linking' y VALINE          ? 'C5 H11 N O2'      117.146 
# 
loop_
_pdbx_poly_seq_scheme.asym_id 
_pdbx_poly_seq_scheme.entity_id 
_pdbx_poly_seq_scheme.seq_id 
_pdbx_poly_seq_scheme.mon_id 
_pdbx_poly_seq_scheme.ndb_seq_num 
_pdbx_poly_seq_scheme.pdb_seq_num 
_pdbx_poly_seq_scheme.auth_seq_num 
_pdbx_poly_seq_scheme.pdb_mon_id 
_pdbx_poly_seq_scheme.auth_mon_id 
_pdbx_poly_seq_scheme.pdb_strand_id 
_pdbx_poly_seq_scheme.pdb_ins_code 
_pdbx_poly_seq_scheme.hetero 
A 1 1  ALA 1  -3 -3 ALA ALA A . n 
A 1 2  ASP 2  -2 -2 ASP ASP A . n 
A 1 3  LEU 3  -1 -1 LEU LEU A . n 
A 1 4  GLN 4  1  1  GLN GLN A . n 
A 1 5  ASP 5  2  2  ASP ASP A . n 
A 1 6  ALA 6  3  3  ALA ALA A . n 
A 1 7  GLU 7  4  4  GLU GLU A . n 
A 1 8  ALA 8  5  5  ALA ALA A . n 
A 1 9  ILE 9  6  6  ILE ILE A . n 
A 1 10 TYR 10 7  7  TYR TYR A . n 
A 1 11 ASN 11 8  8  ASN ASN A . n 
A 1 12 LYS 12 9  9  LYS LYS A . n 
A 1 13 ALA 13 10 10 ALA ALA A . n 
A 1 14 CYS 14 11 11 CYS CYS A . n 
A 1 15 THR 15 12 12 THR THR A . n 
A 1 16 VAL 16 13 13 VAL VAL A . n 
A 1 17 CYS 17 14 14 CYS CYS A . n 
A 1 18 HIS 18 15 15 HIS HIS A . n 
A 1 19 SER 19 16 16 SER SER A . n 
A 1 20 MET 20 17 17 MET MET A . n 
A 1 21 GLY 21 18 18 GLY GLY A . n 
A 1 22 VAL 22 19 19 VAL VAL A . n 
A 1 23 ALA 23 20 20 ALA ALA A . n 
A 1 24 GLY 24 21 21 GLY GLY A . n 
A 1 25 ALA 25 22 22 ALA ALA A . n 
A 1 26 PRO 26 23 23 PRO PRO A . n 
A 1 27 LYS 27 24 24 LYS LYS A . n 
A 1 28 SER 28 25 25 SER SER A . n 
A 1 29 HIS 29 26 26 HIS HIS A . n 
A 1 30 ASN 30 27 27 ASN ASN A . n 
A 1 31 THR 31 28 28 THR THR A . n 
A 1 32 ALA 32 29 29 ALA ALA A . n 
A 1 33 ASP 33 30 30 ASP ASP A . n 
A 1 34 TRP 34 31 31 TRP TRP A . n 
A 1 35 GLU 35 32 32 GLU GLU A . n 
A 1 36 PRO 36 33 33 PRO PRO A . n 
A 1 37 ARG 37 34 34 ARG ARG A . n 
A 1 38 LEU 38 35 35 LEU LEU A . n 
A 1 39 ALA 39 36 36 ALA ALA A . n 
A 1 40 LYS 40 37 37 LYS LYS A . n 
A 1 41 GLY 41 38 38 GLY GLY A . n 
A 1 42 VAL 42 39 39 VAL VAL A . n 
A 1 43 ASP 43 40 40 ASP ASP A . n 
A 1 44 ASN 44 41 41 ASN ASN A . n 
A 1 45 LEU 45 42 42 LEU LEU A . n 
A 1 46 VAL 46 43 43 VAL VAL A . n 
A 1 47 LYS 47 44 44 LYS LYS A . n 
A 1 48 SER 48 45 45 SER SER A . n 
A 1 49 VAL 49 46 46 VAL VAL A . n 
A 1 50 LYS 50 47 47 LYS LYS A . n 
A 1 51 THR 51 48 48 THR THR A . n 
A 1 52 GLY 52 49 49 GLY GLY A . n 
A 1 53 LEU 53 50 50 LEU LEU A . n 
A 1 54 ASN 54 51 51 ASN ASN A . n 
A 1 55 ALA 55 52 52 ALA ALA A . n 
A 1 56 MET 56 53 53 MET MET A . n 
A 1 57 PRO 57 54 54 PRO PRO A . n 
A 1 58 PRO 58 55 55 PRO PRO A . n 
A 1 59 GLY 59 56 56 GLY GLY A . n 
A 1 60 GLY 60 57 57 GLY GLY A . n 
A 1 61 MET 61 58 58 MET MET A . n 
A 1 62 CYS 62 59 59 CYS CYS A . n 
A 1 63 THR 63 60 60 THR THR A . n 
A 1 64 ASP 64 61 61 ASP ASP A . n 
A 1 65 CYS 65 62 62 CYS CYS A . n 
A 1 66 THR 66 63 63 THR THR A . n 
A 1 67 ASP 67 64 64 ASP ASP A . n 
A 1 68 GLU 68 65 65 GLU GLU A . n 
A 1 69 ASP 69 66 66 ASP ASP A . n 
A 1 70 TYR 70 67 67 TYR TYR A . n 
A 1 71 LYS 71 68 68 LYS LYS A . n 
A 1 72 ALA 72 69 69 ALA ALA A . n 
A 1 73 ALA 73 70 70 ALA ALA A . n 
A 1 74 ILE 74 71 71 ILE ILE A . n 
A 1 75 GLU 75 72 72 GLU GLU A . n 
A 1 76 PHE 76 73 73 PHE PHE A . n 
A 1 77 MET 77 74 74 MET MET A . n 
A 1 78 SER 78 75 75 SER SER A . n 
A 1 79 LYS 79 76 76 LYS LYS A . n 
A 1 80 ALA 80 77 77 ALA ALA A . n 
A 1 81 LYS 81 78 78 LYS LYS A . n 
# 
_pdbx_nonpoly_scheme.asym_id         B 
_pdbx_nonpoly_scheme.entity_id       2 
_pdbx_nonpoly_scheme.mon_id          HEC 
_pdbx_nonpoly_scheme.ndb_seq_num     1 
_pdbx_nonpoly_scheme.pdb_seq_num     90 
_pdbx_nonpoly_scheme.auth_seq_num    90 
_pdbx_nonpoly_scheme.pdb_mon_id      HEC 
_pdbx_nonpoly_scheme.auth_mon_id     HEM 
_pdbx_nonpoly_scheme.pdb_strand_id   A 
_pdbx_nonpoly_scheme.pdb_ins_code    . 
# 
_exptl.entry_id          1KX2 
_exptl.method            'SOLUTION NMR' 
_exptl.crystals_number   ? 
# 
_exptl_crystal.id                    1 
_exptl_crystal.density_meas          ? 
_exptl_crystal.density_Matthews      ? 
_exptl_crystal.density_percent_sol   ? 
_exptl_crystal.description           ? 
# 
_diffrn.id                     1 
_diffrn.ambient_temp           ? 
_diffrn.ambient_temp_details   ? 
_diffrn.crystal_id             1 
# 
_diffrn_radiation.diffrn_id                        1 
_diffrn_radiation.wavelength_id                    1 
_diffrn_radiation.pdbx_monochromatic_or_laue_m_l   M 
_diffrn_radiation.monochromator                    ? 
_diffrn_radiation.pdbx_diffrn_protocol             'SINGLE WAVELENGTH' 
_diffrn_radiation.pdbx_scattering_type             ? 
# 
_diffrn_radiation_wavelength.id           1 
_diffrn_radiation_wavelength.wavelength   . 
_diffrn_radiation_wavelength.wt           1.0 
# 
_struct.entry_id                  1KX2 
_struct.title                     'Minimized average structure of a mono-heme ferrocytochrome c from Shewanella putrefaciens' 
_struct.pdbx_model_details        ? 
_struct.pdbx_CASP_flag            ? 
_struct.pdbx_model_type_details   'minimized average' 
# 
_struct_keywords.entry_id        1KX2 
_struct_keywords.pdbx_keywords   'OXYGEN STORAGE/TRANSPORT' 
_struct_keywords.text            
;haem protein, ferrocytochrome, electron transport, gram negative, bacteria, ScyA Shewanella Putrefaciens, mono haem, all-alpha, OXYGEN STORAGE-TRANSPORT COMPLEX
;
# 
loop_
_struct_asym.id 
_struct_asym.pdbx_blank_PDB_chainid_flag 
_struct_asym.pdbx_modified 
_struct_asym.entity_id 
_struct_asym.details 
A N N 1 ? 
B N N 2 ? 
# 
_struct_ref.id                         1 
_struct_ref.db_name                    UNP 
_struct_ref.db_code                    O52685_SHEPU 
_struct_ref.entity_id                  1 
_struct_ref.pdbx_seq_one_letter_code   QDAEAIYNKACTVCHSMGVAGAPKSHNTADWEPRLAKGVDNLVKSVKTGLNAMPPGGMCTDCTDEDYKAAIEFMSKAK 
_struct_ref.pdbx_align_begin           22 
_struct_ref.pdbx_db_accession          O52685 
_struct_ref.pdbx_db_isoform            ? 
# 
_struct_ref_seq.align_id                      1 
_struct_ref_seq.ref_id                        1 
_struct_ref_seq.pdbx_PDB_id_code              1KX2 
_struct_ref_seq.pdbx_strand_id                A 
_struct_ref_seq.seq_align_beg                 4 
_struct_ref_seq.pdbx_seq_align_beg_ins_code   ? 
_struct_ref_seq.seq_align_end                 81 
_struct_ref_seq.pdbx_seq_align_end_ins_code   ? 
_struct_ref_seq.pdbx_db_accession             O52685 
_struct_ref_seq.db_align_beg                  22 
_struct_ref_seq.pdbx_db_align_beg_ins_code    ? 
_struct_ref_seq.db_align_end                  99 
_struct_ref_seq.pdbx_db_align_end_ins_code    ? 
_struct_ref_seq.pdbx_auth_seq_align_beg       1 
_struct_ref_seq.pdbx_auth_seq_align_end       78 
# 
loop_
_struct_ref_seq_dif.align_id 
_struct_ref_seq_dif.pdbx_pdb_id_code 
_struct_ref_seq_dif.mon_id 
_struct_ref_seq_dif.pdbx_pdb_strand_id 
_struct_ref_seq_dif.seq_num 
_struct_ref_seq_dif.pdbx_pdb_ins_code 
_struct_ref_seq_dif.pdbx_seq_db_name 
_struct_ref_seq_dif.pdbx_seq_db_accession_code 
_struct_ref_seq_dif.db_mon_id 
_struct_ref_seq_dif.pdbx_seq_db_seq_num 
_struct_ref_seq_dif.details 
_struct_ref_seq_dif.pdbx_auth_seq_num 
_struct_ref_seq_dif.pdbx_ordinal 
1 1KX2 ALA A 1 ? UNP O52685 ? ? 'cloning artifact' -3 1 
1 1KX2 ASP A 2 ? UNP O52685 ? ? 'cloning artifact' -2 2 
1 1KX2 LEU A 3 ? UNP O52685 ? ? 'cloning artifact' -1 3 
# 
_pdbx_struct_assembly.id                   1 
_pdbx_struct_assembly.details              author_defined_assembly 
_pdbx_struct_assembly.method_details       ? 
_pdbx_struct_assembly.oligomeric_details   monomeric 
_pdbx_struct_assembly.oligomeric_count     1 
# 
_pdbx_struct_assembly_gen.assembly_id       1 
_pdbx_struct_assembly_gen.oper_expression   1 
_pdbx_struct_assembly_gen.asym_id_list      A,B 
# 
_pdbx_struct_oper_list.id                   1 
_pdbx_struct_oper_list.type                 'identity operation' 
_pdbx_struct_oper_list.name                 1_555 
_pdbx_struct_oper_list.symmetry_operation   x,y,z 
_pdbx_struct_oper_list.matrix[1][1]         1.0000000000 
_pdbx_struct_oper_list.matrix[1][2]         0.0000000000 
_pdbx_struct_oper_list.matrix[1][3]         0.0000000000 
_pdbx_struct_oper_list.vector[1]            0.0000000000 
_pdbx_struct_oper_list.matrix[2][1]         0.0000000000 
_pdbx_struct_oper_list.matrix[2][2]         1.0000000000 
_pdbx_struct_oper_list.matrix[2][3]         0.0000000000 
_pdbx_struct_oper_list.vector[2]            0.0000000000 
_pdbx_struct_oper_list.matrix[3][1]         0.0000000000 
_pdbx_struct_oper_list.matrix[3][2]         0.0000000000 
_pdbx_struct_oper_list.matrix[3][3]         1.0000000000 
_pdbx_struct_oper_list.vector[3]            0.0000000000 
# 
_struct_biol.id   1 
# 
loop_
_struct_conf.conf_type_id 
_struct_conf.id 
_struct_conf.pdbx_PDB_helix_id 
_struct_conf.beg_label_comp_id 
_struct_conf.beg_label_asym_id 
_struct_conf.beg_label_seq_id 
_struct_conf.pdbx_beg_PDB_ins_code 
_struct_conf.end_label_comp_id 
_struct_conf.end_label_asym_id 
_struct_conf.end_label_seq_id 
_struct_conf.pdbx_end_PDB_ins_code 
_struct_conf.beg_auth_comp_id 
_struct_conf.beg_auth_asym_id 
_struct_conf.beg_auth_seq_id 
_struct_conf.end_auth_comp_id 
_struct_conf.end_auth_asym_id 
_struct_conf.end_auth_seq_id 
_struct_conf.pdbx_PDB_helix_class 
_struct_conf.details 
_struct_conf.pdbx_PDB_helix_length 
HELX_P HELX_P1 1 ASP A 5  ? ALA A 13 ? ASP A 2  ALA A 10 1 ? 9  
HELX_P HELX_P2 2 GLY A 21 ? ALA A 25 ? GLY A 18 ALA A 22 5 ? 5  
HELX_P HELX_P3 3 TRP A 34 ? ALA A 39 ? TRP A 31 ALA A 36 1 ? 6  
HELX_P HELX_P4 4 ASN A 44 ? GLY A 52 ? ASN A 41 GLY A 49 1 ? 9  
HELX_P HELX_P5 5 PRO A 57 ? CYS A 62 ? PRO A 54 CYS A 59 5 ? 6  
HELX_P HELX_P6 6 THR A 66 ? SER A 78 ? THR A 63 SER A 75 1 ? 13 
# 
_struct_conf_type.id          HELX_P 
_struct_conf_type.criteria    ? 
_struct_conf_type.reference   ? 
# 
loop_
_struct_conn.id 
_struct_conn.conn_type_id 
_struct_conn.pdbx_leaving_atom_flag 
_struct_conn.pdbx_PDB_id 
_struct_conn.ptnr1_label_asym_id 
_struct_conn.ptnr1_label_comp_id 
_struct_conn.ptnr1_label_seq_id 
_struct_conn.ptnr1_label_atom_id 
_struct_conn.pdbx_ptnr1_label_alt_id 
_struct_conn.pdbx_ptnr1_PDB_ins_code 
_struct_conn.pdbx_ptnr1_standard_comp_id 
_struct_conn.ptnr1_symmetry 
_struct_conn.ptnr2_label_asym_id 
_struct_conn.ptnr2_label_comp_id 
_struct_conn.ptnr2_label_seq_id 
_struct_conn.ptnr2_label_atom_id 
_struct_conn.pdbx_ptnr2_label_alt_id 
_struct_conn.pdbx_ptnr2_PDB_ins_code 
_struct_conn.ptnr1_auth_asym_id 
_struct_conn.ptnr1_auth_comp_id 
_struct_conn.ptnr1_auth_seq_id 
_struct_conn.ptnr2_auth_asym_id 
_struct_conn.ptnr2_auth_comp_id 
_struct_conn.ptnr2_auth_seq_id 
_struct_conn.ptnr2_symmetry 
_struct_conn.pdbx_ptnr3_label_atom_id 
_struct_conn.pdbx_ptnr3_label_seq_id 
_struct_conn.pdbx_ptnr3_label_comp_id 
_struct_conn.pdbx_ptnr3_label_asym_id 
_struct_conn.pdbx_ptnr3_label_alt_id 
_struct_conn.pdbx_ptnr3_PDB_ins_code 
_struct_conn.details 
_struct_conn.pdbx_dist_value 
_struct_conn.pdbx_value_order 
_struct_conn.pdbx_role 
disulf1 disulf ?    ? A CYS 62 SG  ? ? ? 1_555 A CYS 65 SG  ? ? A CYS 59 A CYS 62 1_555 ? ? ? ? ? ? ? 2.094 ? ? 
covale1 covale none ? A CYS 14 SG  ? ? ? 1_555 B HEC .  CAB ? ? A CYS 11 A HEC 90 1_555 ? ? ? ? ? ? ? 1.814 ? ? 
covale2 covale none ? A CYS 17 SG  ? ? ? 1_555 B HEC .  CAC ? ? A CYS 14 A HEC 90 1_555 ? ? ? ? ? ? ? 1.816 ? ? 
metalc1 metalc ?    ? A HIS 18 NE2 ? ? ? 1_555 B HEC .  FE  ? ? A HIS 15 A HEC 90 1_555 ? ? ? ? ? ? ? 1.966 ? ? 
metalc2 metalc ?    ? A MET 56 SD  ? ? ? 1_555 B HEC .  FE  ? ? A MET 53 A HEC 90 1_555 ? ? ? ? ? ? ? 2.367 ? ? 
# 
loop_
_struct_conn_type.id 
_struct_conn_type.criteria 
_struct_conn_type.reference 
disulf ? ? 
covale ? ? 
metalc ? ? 
# 
loop_
_pdbx_struct_conn_angle.id 
_pdbx_struct_conn_angle.ptnr1_label_atom_id 
_pdbx_struct_conn_angle.ptnr1_label_alt_id 
_pdbx_struct_conn_angle.ptnr1_label_asym_id 
_pdbx_struct_conn_angle.ptnr1_label_comp_id 
_pdbx_struct_conn_angle.ptnr1_label_seq_id 
_pdbx_struct_conn_angle.ptnr1_auth_atom_id 
_pdbx_struct_conn_angle.ptnr1_auth_asym_id 
_pdbx_struct_conn_angle.ptnr1_auth_comp_id 
_pdbx_struct_conn_angle.ptnr1_auth_seq_id 
_pdbx_struct_conn_angle.ptnr1_PDB_ins_code 
_pdbx_struct_conn_angle.ptnr1_symmetry 
_pdbx_struct_conn_angle.ptnr2_label_atom_id 
_pdbx_struct_conn_angle.ptnr2_label_alt_id 
_pdbx_struct_conn_angle.ptnr2_label_asym_id 
_pdbx_struct_conn_angle.ptnr2_label_comp_id 
_pdbx_struct_conn_angle.ptnr2_label_seq_id 
_pdbx_struct_conn_angle.ptnr2_auth_atom_id 
_pdbx_struct_conn_angle.ptnr2_auth_asym_id 
_pdbx_struct_conn_angle.ptnr2_auth_comp_id 
_pdbx_struct_conn_angle.ptnr2_auth_seq_id 
_pdbx_struct_conn_angle.ptnr2_PDB_ins_code 
_pdbx_struct_conn_angle.ptnr2_symmetry 
_pdbx_struct_conn_angle.ptnr3_label_atom_id 
_pdbx_struct_conn_angle.ptnr3_label_alt_id 
_pdbx_struct_conn_angle.ptnr3_label_asym_id 
_pdbx_struct_conn_angle.ptnr3_label_comp_id 
_pdbx_struct_conn_angle.ptnr3_label_seq_id 
_pdbx_struct_conn_angle.ptnr3_auth_atom_id 
_pdbx_struct_conn_angle.ptnr3_auth_asym_id 
_pdbx_struct_conn_angle.ptnr3_auth_comp_id 
_pdbx_struct_conn_angle.ptnr3_auth_seq_id 
_pdbx_struct_conn_angle.ptnr3_PDB_ins_code 
_pdbx_struct_conn_angle.ptnr3_symmetry 
_pdbx_struct_conn_angle.value 
_pdbx_struct_conn_angle.value_esd 
1  NE2 ? A HIS 18 ? A HIS 15 ? 1_555 FE ? B HEC . ? A HEC 90 ? 1_555 NA ? B HEC .  ? A HEC 90 ? 1_555 94.9  ? 
2  NE2 ? A HIS 18 ? A HIS 15 ? 1_555 FE ? B HEC . ? A HEC 90 ? 1_555 NB ? B HEC .  ? A HEC 90 ? 1_555 90.7  ? 
3  NA  ? B HEC .  ? A HEC 90 ? 1_555 FE ? B HEC . ? A HEC 90 ? 1_555 NB ? B HEC .  ? A HEC 90 ? 1_555 90.4  ? 
4  NE2 ? A HIS 18 ? A HIS 15 ? 1_555 FE ? B HEC . ? A HEC 90 ? 1_555 NC ? B HEC .  ? A HEC 90 ? 1_555 86.7  ? 
5  NA  ? B HEC .  ? A HEC 90 ? 1_555 FE ? B HEC . ? A HEC 90 ? 1_555 NC ? B HEC .  ? A HEC 90 ? 1_555 176.8 ? 
6  NB  ? B HEC .  ? A HEC 90 ? 1_555 FE ? B HEC . ? A HEC 90 ? 1_555 NC ? B HEC .  ? A HEC 90 ? 1_555 92.3  ? 
7  NE2 ? A HIS 18 ? A HIS 15 ? 1_555 FE ? B HEC . ? A HEC 90 ? 1_555 ND ? B HEC .  ? A HEC 90 ? 1_555 87.5  ? 
8  NA  ? B HEC .  ? A HEC 90 ? 1_555 FE ? B HEC . ? A HEC 90 ? 1_555 ND ? B HEC .  ? A HEC 90 ? 1_555 88.0  ? 
9  NB  ? B HEC .  ? A HEC 90 ? 1_555 FE ? B HEC . ? A HEC 90 ? 1_555 ND ? B HEC .  ? A HEC 90 ? 1_555 177.5 ? 
10 NC  ? B HEC .  ? A HEC 90 ? 1_555 FE ? B HEC . ? A HEC 90 ? 1_555 ND ? B HEC .  ? A HEC 90 ? 1_555 89.4  ? 
11 NE2 ? A HIS 18 ? A HIS 15 ? 1_555 FE ? B HEC . ? A HEC 90 ? 1_555 SD ? A MET 56 ? A MET 53 ? 1_555 168.2 ? 
12 NA  ? B HEC .  ? A HEC 90 ? 1_555 FE ? B HEC . ? A HEC 90 ? 1_555 SD ? A MET 56 ? A MET 53 ? 1_555 84.0  ? 
13 NB  ? B HEC .  ? A HEC 90 ? 1_555 FE ? B HEC . ? A HEC 90 ? 1_555 SD ? A MET 56 ? A MET 53 ? 1_555 101.0 ? 
14 NC  ? B HEC .  ? A HEC 90 ? 1_555 FE ? B HEC . ? A HEC 90 ? 1_555 SD ? A MET 56 ? A MET 53 ? 1_555 93.9  ? 
15 ND  ? B HEC .  ? A HEC 90 ? 1_555 FE ? B HEC . ? A HEC 90 ? 1_555 SD ? A MET 56 ? A MET 53 ? 1_555 80.8  ? 
# 
loop_
_pdbx_modification_feature.ordinal 
_pdbx_modification_feature.label_comp_id 
_pdbx_modification_feature.label_asym_id 
_pdbx_modification_feature.label_seq_id 
_pdbx_modification_feature.label_alt_id 
_pdbx_modification_feature.modified_residue_label_comp_id 
_pdbx_modification_feature.modified_residue_label_asym_id 
_pdbx_modification_feature.modified_residue_label_seq_id 
_pdbx_modification_feature.modified_residue_label_alt_id 
_pdbx_modification_feature.auth_comp_id 
_pdbx_modification_feature.auth_asym_id 
_pdbx_modification_feature.auth_seq_id 
_pdbx_modification_feature.PDB_ins_code 
_pdbx_modification_feature.symmetry 
_pdbx_modification_feature.modified_residue_auth_comp_id 
_pdbx_modification_feature.modified_residue_auth_asym_id 
_pdbx_modification_feature.modified_residue_auth_seq_id 
_pdbx_modification_feature.modified_residue_PDB_ins_code 
_pdbx_modification_feature.modified_residue_symmetry 
_pdbx_modification_feature.comp_id_linking_atom 
_pdbx_modification_feature.modified_residue_id_linking_atom 
_pdbx_modification_feature.modified_residue_id 
_pdbx_modification_feature.ref_pcm_id 
_pdbx_modification_feature.ref_comp_id 
_pdbx_modification_feature.type 
_pdbx_modification_feature.category 
1 HEC B .  ? CYS A 14 ? HEC A 90 ? 1_555 CYS A 11 ? 1_555 CAB SG CYS 2 HEC None Heme/heme-like     
2 HEC B .  ? CYS A 17 ? HEC A 90 ? 1_555 CYS A 14 ? 1_555 CAC SG CYS 3 HEC None Heme/heme-like     
3 CYS A 62 ? CYS A 65 ? CYS A 59 ? 1_555 CYS A 62 ? 1_555 SG  SG .   . .   None 'Disulfide bridge' 
# 
_struct_site.id                   AC1 
_struct_site.pdbx_evidence_code   Software 
_struct_site.pdbx_auth_asym_id    A 
_struct_site.pdbx_auth_comp_id    HEC 
_struct_site.pdbx_auth_seq_id     90 
_struct_site.pdbx_auth_ins_code   ? 
_struct_site.pdbx_num_residues    13 
_struct_site.details              'BINDING SITE FOR RESIDUE HEC A 90' 
# 
loop_
_struct_site_gen.id 
_struct_site_gen.site_id 
_struct_site_gen.pdbx_num_res 
_struct_site_gen.label_comp_id 
_struct_site_gen.label_asym_id 
_struct_site_gen.label_seq_id 
_struct_site_gen.pdbx_auth_ins_code 
_struct_site_gen.auth_comp_id 
_struct_site_gen.auth_asym_id 
_struct_site_gen.auth_seq_id 
_struct_site_gen.label_atom_id 
_struct_site_gen.label_alt_id 
_struct_site_gen.symmetry 
_struct_site_gen.details 
1  AC1 13 ALA A 13 ? ALA A 10 . ? 1_555 ? 
2  AC1 13 CYS A 14 ? CYS A 11 . ? 1_555 ? 
3  AC1 13 CYS A 17 ? CYS A 14 . ? 1_555 ? 
4  AC1 13 HIS A 18 ? HIS A 15 . ? 1_555 ? 
5  AC1 13 ALA A 23 ? ALA A 20 . ? 1_555 ? 
6  AC1 13 ALA A 25 ? ALA A 22 . ? 1_555 ? 
7  AC1 13 PRO A 26 ? PRO A 23 . ? 1_555 ? 
8  AC1 13 ARG A 37 ? ARG A 34 . ? 1_555 ? 
9  AC1 13 LEU A 45 ? LEU A 42 . ? 1_555 ? 
10 AC1 13 VAL A 49 ? VAL A 46 . ? 1_555 ? 
11 AC1 13 MET A 56 ? MET A 53 . ? 1_555 ? 
12 AC1 13 GLY A 60 ? GLY A 57 . ? 1_555 ? 
13 AC1 13 LYS A 81 ? LYS A 78 . ? 1_555 ? 
# 
_pdbx_entry_details.entry_id                   1KX2 
_pdbx_entry_details.compound_details           ? 
_pdbx_entry_details.source_details             ? 
_pdbx_entry_details.nonpolymer_details         ? 
_pdbx_entry_details.sequence_details           ? 
_pdbx_entry_details.has_ligand_of_interest     ? 
_pdbx_entry_details.has_protein_modification   Y 
# 
loop_
_pdbx_validate_torsion.id 
_pdbx_validate_torsion.PDB_model_num 
_pdbx_validate_torsion.auth_comp_id 
_pdbx_validate_torsion.auth_asym_id 
_pdbx_validate_torsion.auth_seq_id 
_pdbx_validate_torsion.PDB_ins_code 
_pdbx_validate_torsion.label_alt_id 
_pdbx_validate_torsion.phi 
_pdbx_validate_torsion.psi 
1  1 ALA A 10 ? ? -101.86 -65.98 
2  1 CYS A 11 ? ? -78.27  47.41  
3  1 PRO A 33 ? ? -76.50  27.56  
4  1 ARG A 34 ? ? -127.49 -52.97 
5  1 VAL A 39 ? ? -126.33 -63.92 
6  1 ASP A 40 ? ? -68.86  17.65  
7  1 MET A 58 ? ? 85.69   -4.22  
8  1 THR A 60 ? ? -80.20  -78.81 
9  1 ASP A 61 ? ? -83.32  32.38  
10 1 MET A 74 ? ? -71.69  -79.06 
11 1 SER A 75 ? ? -159.67 43.60  
12 1 LYS A 76 ? ? 36.68   52.77  
13 1 ALA A 77 ? ? -145.09 -67.33 
# 
loop_
_pdbx_validate_planes.id 
_pdbx_validate_planes.PDB_model_num 
_pdbx_validate_planes.auth_comp_id 
_pdbx_validate_planes.auth_asym_id 
_pdbx_validate_planes.auth_seq_id 
_pdbx_validate_planes.PDB_ins_code 
_pdbx_validate_planes.label_alt_id 
_pdbx_validate_planes.rmsd 
_pdbx_validate_planes.type 
1 1 TYR A 7  ? ? 0.094 'SIDE CHAIN' 
2 1 ARG A 34 ? ? 0.115 'SIDE CHAIN' 
3 1 TYR A 67 ? ? 0.121 'SIDE CHAIN' 
# 
_pdbx_database_remark.id     999 
_pdbx_database_remark.text   
;SEQUENCE
Recombinant protein, without the signaling peptide.
The first three amino-acids (Ala Asp Leu) have 
been added for protein expression purposes. 
;
# 
_pdbx_nmr_ensemble.entry_id                             1KX2 
_pdbx_nmr_ensemble.conformers_calculated_total_number   ? 
_pdbx_nmr_ensemble.conformers_submitted_total_number    1 
_pdbx_nmr_ensemble.conformer_selection_criteria         ? 
# 
_pdbx_nmr_representative.entry_id             1KX2 
_pdbx_nmr_representative.conformer_id         ? 
_pdbx_nmr_representative.selection_criteria   'minimized average structure' 
# 
_pdbx_nmr_sample_details.solution_id      1 
_pdbx_nmr_sample_details.contents         '1.5 mM Cytochrome c: 100 mM phosphate buffer; reduced with dithyonite' 
_pdbx_nmr_sample_details.solvent_system   '90% H2O/10% D2O' 
# 
_pdbx_nmr_exptl_sample_conditions.conditions_id       1 
_pdbx_nmr_exptl_sample_conditions.temperature         298 
_pdbx_nmr_exptl_sample_conditions.pressure            ambient 
_pdbx_nmr_exptl_sample_conditions.pH                  7.0 
_pdbx_nmr_exptl_sample_conditions.ionic_strength      ? 
_pdbx_nmr_exptl_sample_conditions.pressure_units      ? 
_pdbx_nmr_exptl_sample_conditions.temperature_units   K 
# 
loop_
_pdbx_nmr_exptl.experiment_id 
_pdbx_nmr_exptl.solution_id 
_pdbx_nmr_exptl.conditions_id 
_pdbx_nmr_exptl.type 
1 1 1 3D_15N-separated_NOESY 
2 1 1 3D_15N-separated_TOCSY 
3 1 1 2D_NOESY               
4 1 1 2D_TOCSY               
5 1 1 HNHA                   
6 1 1 HNHB                   
7 1 1 15N-HSQC               
# 
_pdbx_nmr_refine.entry_id           1KX2 
_pdbx_nmr_refine.method             
;simulated annealing in the dihedral angle space in DYANA in 15000 steps; 30 structures with the lowest target function out of a total number of 250 generated structures constitute the REM family - subject to restrained energy minimization in AMBER; the minimized mean is reported
;
_pdbx_nmr_refine.details            ? 
_pdbx_nmr_refine.software_ordinal   1 
# 
loop_
_pdbx_nmr_software.name 
_pdbx_nmr_software.version 
_pdbx_nmr_software.classification 
_pdbx_nmr_software.authors 
_pdbx_nmr_software.ordinal 
DYANA 1.5 'structure solution' 'Guntert, P., Mumenthaler, C., Wuthrich, K.' 1 
Amber 6   refinement           Case                                         2 
# 
loop_
_chem_comp_atom.comp_id 
_chem_comp_atom.atom_id 
_chem_comp_atom.type_symbol 
_chem_comp_atom.pdbx_aromatic_flag 
_chem_comp_atom.pdbx_stereo_config 
_chem_comp_atom.pdbx_ordinal 
ALA N    N  N N 1   
ALA CA   C  N S 2   
ALA C    C  N N 3   
ALA O    O  N N 4   
ALA CB   C  N N 5   
ALA OXT  O  N N 6   
ALA H    H  N N 7   
ALA H2   H  N N 8   
ALA HA   H  N N 9   
ALA HB1  H  N N 10  
ALA HB2  H  N N 11  
ALA HB3  H  N N 12  
ALA HXT  H  N N 13  
ARG N    N  N N 14  
ARG CA   C  N S 15  
ARG C    C  N N 16  
ARG O    O  N N 17  
ARG CB   C  N N 18  
ARG CG   C  N N 19  
ARG CD   C  N N 20  
ARG NE   N  N N 21  
ARG CZ   C  N N 22  
ARG NH1  N  N N 23  
ARG NH2  N  N N 24  
ARG OXT  O  N N 25  
ARG H    H  N N 26  
ARG H2   H  N N 27  
ARG HA   H  N N 28  
ARG HB2  H  N N 29  
ARG HB3  H  N N 30  
ARG HG2  H  N N 31  
ARG HG3  H  N N 32  
ARG HD2  H  N N 33  
ARG HD3  H  N N 34  
ARG HE   H  N N 35  
ARG HH11 H  N N 36  
ARG HH12 H  N N 37  
ARG HH21 H  N N 38  
ARG HH22 H  N N 39  
ARG HXT  H  N N 40  
ASN N    N  N N 41  
ASN CA   C  N S 42  
ASN C    C  N N 43  
ASN O    O  N N 44  
ASN CB   C  N N 45  
ASN CG   C  N N 46  
ASN OD1  O  N N 47  
ASN ND2  N  N N 48  
ASN OXT  O  N N 49  
ASN H    H  N N 50  
ASN H2   H  N N 51  
ASN HA   H  N N 52  
ASN HB2  H  N N 53  
ASN HB3  H  N N 54  
ASN HD21 H  N N 55  
ASN HD22 H  N N 56  
ASN HXT  H  N N 57  
ASP N    N  N N 58  
ASP CA   C  N S 59  
ASP C    C  N N 60  
ASP O    O  N N 61  
ASP CB   C  N N 62  
ASP CG   C  N N 63  
ASP OD1  O  N N 64  
ASP OD2  O  N N 65  
ASP OXT  O  N N 66  
ASP H    H  N N 67  
ASP H2   H  N N 68  
ASP HA   H  N N 69  
ASP HB2  H  N N 70  
ASP HB3  H  N N 71  
ASP HD2  H  N N 72  
ASP HXT  H  N N 73  
CYS N    N  N N 74  
CYS CA   C  N R 75  
CYS C    C  N N 76  
CYS O    O  N N 77  
CYS CB   C  N N 78  
CYS SG   S  N N 79  
CYS OXT  O  N N 80  
CYS H    H  N N 81  
CYS H2   H  N N 82  
CYS HA   H  N N 83  
CYS HB2  H  N N 84  
CYS HB3  H  N N 85  
CYS HG   H  N N 86  
CYS HXT  H  N N 87  
GLN N    N  N N 88  
GLN CA   C  N S 89  
GLN C    C  N N 90  
GLN O    O  N N 91  
GLN CB   C  N N 92  
GLN CG   C  N N 93  
GLN CD   C  N N 94  
GLN OE1  O  N N 95  
GLN NE2  N  N N 96  
GLN OXT  O  N N 97  
GLN H    H  N N 98  
GLN H2   H  N N 99  
GLN HA   H  N N 100 
GLN HB2  H  N N 101 
GLN HB3  H  N N 102 
GLN HG2  H  N N 103 
GLN HG3  H  N N 104 
GLN HE21 H  N N 105 
GLN HE22 H  N N 106 
GLN HXT  H  N N 107 
GLU N    N  N N 108 
GLU CA   C  N S 109 
GLU C    C  N N 110 
GLU O    O  N N 111 
GLU CB   C  N N 112 
GLU CG   C  N N 113 
GLU CD   C  N N 114 
GLU OE1  O  N N 115 
GLU OE2  O  N N 116 
GLU OXT  O  N N 117 
GLU H    H  N N 118 
GLU H2   H  N N 119 
GLU HA   H  N N 120 
GLU HB2  H  N N 121 
GLU HB3  H  N N 122 
GLU HG2  H  N N 123 
GLU HG3  H  N N 124 
GLU HE2  H  N N 125 
GLU HXT  H  N N 126 
GLY N    N  N N 127 
GLY CA   C  N N 128 
GLY C    C  N N 129 
GLY O    O  N N 130 
GLY OXT  O  N N 131 
GLY H    H  N N 132 
GLY H2   H  N N 133 
GLY HA2  H  N N 134 
GLY HA3  H  N N 135 
GLY HXT  H  N N 136 
HEC FE   FE N N 137 
HEC CHA  C  N N 138 
HEC CHB  C  N N 139 
HEC CHC  C  N N 140 
HEC CHD  C  N N 141 
HEC NA   N  Y N 142 
HEC C1A  C  Y N 143 
HEC C2A  C  Y N 144 
HEC C3A  C  Y N 145 
HEC C4A  C  Y N 146 
HEC CMA  C  N N 147 
HEC CAA  C  N N 148 
HEC CBA  C  N N 149 
HEC CGA  C  N N 150 
HEC O1A  O  N N 151 
HEC O2A  O  N N 152 
HEC NB   N  Y N 153 
HEC C1B  C  Y N 154 
HEC C2B  C  Y N 155 
HEC C3B  C  Y N 156 
HEC C4B  C  Y N 157 
HEC CMB  C  N N 158 
HEC CAB  C  N N 159 
HEC CBB  C  N N 160 
HEC NC   N  Y N 161 
HEC C1C  C  Y N 162 
HEC C2C  C  Y N 163 
HEC C3C  C  Y N 164 
HEC C4C  C  Y N 165 
HEC CMC  C  N N 166 
HEC CAC  C  N N 167 
HEC CBC  C  N N 168 
HEC ND   N  Y N 169 
HEC C1D  C  Y N 170 
HEC C2D  C  Y N 171 
HEC C3D  C  Y N 172 
HEC C4D  C  Y N 173 
HEC CMD  C  N N 174 
HEC CAD  C  N N 175 
HEC CBD  C  N N 176 
HEC CGD  C  N N 177 
HEC O1D  O  N N 178 
HEC O2D  O  N N 179 
HEC HHA  H  N N 180 
HEC HHB  H  N N 181 
HEC HHC  H  N N 182 
HEC HHD  H  N N 183 
HEC HMA1 H  N N 184 
HEC HMA2 H  N N 185 
HEC HMA3 H  N N 186 
HEC HAA1 H  N N 187 
HEC HAA2 H  N N 188 
HEC HBA1 H  N N 189 
HEC HBA2 H  N N 190 
HEC H2A  H  N N 191 
HEC HMB1 H  N N 192 
HEC HMB2 H  N N 193 
HEC HMB3 H  N N 194 
HEC HAB  H  N N 195 
HEC HBB1 H  N N 196 
HEC HBB2 H  N N 197 
HEC HBB3 H  N N 198 
HEC HMC1 H  N N 199 
HEC HMC2 H  N N 200 
HEC HMC3 H  N N 201 
HEC HAC  H  N N 202 
HEC HBC1 H  N N 203 
HEC HBC2 H  N N 204 
HEC HBC3 H  N N 205 
HEC HMD1 H  N N 206 
HEC HMD2 H  N N 207 
HEC HMD3 H  N N 208 
HEC HAD1 H  N N 209 
HEC HAD2 H  N N 210 
HEC HBD1 H  N N 211 
HEC HBD2 H  N N 212 
HEC H2D  H  N N 213 
HIS N    N  N N 214 
HIS CA   C  N S 215 
HIS C    C  N N 216 
HIS O    O  N N 217 
HIS CB   C  N N 218 
HIS CG   C  Y N 219 
HIS ND1  N  Y N 220 
HIS CD2  C  Y N 221 
HIS CE1  C  Y N 222 
HIS NE2  N  Y N 223 
HIS OXT  O  N N 224 
HIS H    H  N N 225 
HIS H2   H  N N 226 
HIS HA   H  N N 227 
HIS HB2  H  N N 228 
HIS HB3  H  N N 229 
HIS HD1  H  N N 230 
HIS HD2  H  N N 231 
HIS HE1  H  N N 232 
HIS HE2  H  N N 233 
HIS HXT  H  N N 234 
ILE N    N  N N 235 
ILE CA   C  N S 236 
ILE C    C  N N 237 
ILE O    O  N N 238 
ILE CB   C  N S 239 
ILE CG1  C  N N 240 
ILE CG2  C  N N 241 
ILE CD1  C  N N 242 
ILE OXT  O  N N 243 
ILE H    H  N N 244 
ILE H2   H  N N 245 
ILE HA   H  N N 246 
ILE HB   H  N N 247 
ILE HG12 H  N N 248 
ILE HG13 H  N N 249 
ILE HG21 H  N N 250 
ILE HG22 H  N N 251 
ILE HG23 H  N N 252 
ILE HD11 H  N N 253 
ILE HD12 H  N N 254 
ILE HD13 H  N N 255 
ILE HXT  H  N N 256 
LEU N    N  N N 257 
LEU CA   C  N S 258 
LEU C    C  N N 259 
LEU O    O  N N 260 
LEU CB   C  N N 261 
LEU CG   C  N N 262 
LEU CD1  C  N N 263 
LEU CD2  C  N N 264 
LEU OXT  O  N N 265 
LEU H    H  N N 266 
LEU H2   H  N N 267 
LEU HA   H  N N 268 
LEU HB2  H  N N 269 
LEU HB3  H  N N 270 
LEU HG   H  N N 271 
LEU HD11 H  N N 272 
LEU HD12 H  N N 273 
LEU HD13 H  N N 274 
LEU HD21 H  N N 275 
LEU HD22 H  N N 276 
LEU HD23 H  N N 277 
LEU HXT  H  N N 278 
LYS N    N  N N 279 
LYS CA   C  N S 280 
LYS C    C  N N 281 
LYS O    O  N N 282 
LYS CB   C  N N 283 
LYS CG   C  N N 284 
LYS CD   C  N N 285 
LYS CE   C  N N 286 
LYS NZ   N  N N 287 
LYS OXT  O  N N 288 
LYS H    H  N N 289 
LYS H2   H  N N 290 
LYS HA   H  N N 291 
LYS HB2  H  N N 292 
LYS HB3  H  N N 293 
LYS HG2  H  N N 294 
LYS HG3  H  N N 295 
LYS HD2  H  N N 296 
LYS HD3  H  N N 297 
LYS HE2  H  N N 298 
LYS HE3  H  N N 299 
LYS HZ1  H  N N 300 
LYS HZ2  H  N N 301 
LYS HZ3  H  N N 302 
LYS HXT  H  N N 303 
MET N    N  N N 304 
MET CA   C  N S 305 
MET C    C  N N 306 
MET O    O  N N 307 
MET CB   C  N N 308 
MET CG   C  N N 309 
MET SD   S  N N 310 
MET CE   C  N N 311 
MET OXT  O  N N 312 
MET H    H  N N 313 
MET H2   H  N N 314 
MET HA   H  N N 315 
MET HB2  H  N N 316 
MET HB3  H  N N 317 
MET HG2  H  N N 318 
MET HG3  H  N N 319 
MET HE1  H  N N 320 
MET HE2  H  N N 321 
MET HE3  H  N N 322 
MET HXT  H  N N 323 
PHE N    N  N N 324 
PHE CA   C  N S 325 
PHE C    C  N N 326 
PHE O    O  N N 327 
PHE CB   C  N N 328 
PHE CG   C  Y N 329 
PHE CD1  C  Y N 330 
PHE CD2  C  Y N 331 
PHE CE1  C  Y N 332 
PHE CE2  C  Y N 333 
PHE CZ   C  Y N 334 
PHE OXT  O  N N 335 
PHE H    H  N N 336 
PHE H2   H  N N 337 
PHE HA   H  N N 338 
PHE HB2  H  N N 339 
PHE HB3  H  N N 340 
PHE HD1  H  N N 341 
PHE HD2  H  N N 342 
PHE HE1  H  N N 343 
PHE HE2  H  N N 344 
PHE HZ   H  N N 345 
PHE HXT  H  N N 346 
PRO N    N  N N 347 
PRO CA   C  N S 348 
PRO C    C  N N 349 
PRO O    O  N N 350 
PRO CB   C  N N 351 
PRO CG   C  N N 352 
PRO CD   C  N N 353 
PRO OXT  O  N N 354 
PRO H    H  N N 355 
PRO HA   H  N N 356 
PRO HB2  H  N N 357 
PRO HB3  H  N N 358 
PRO HG2  H  N N 359 
PRO HG3  H  N N 360 
PRO HD2  H  N N 361 
PRO HD3  H  N N 362 
PRO HXT  H  N N 363 
SER N    N  N N 364 
SER CA   C  N S 365 
SER C    C  N N 366 
SER O    O  N N 367 
SER CB   C  N N 368 
SER OG   O  N N 369 
SER OXT  O  N N 370 
SER H    H  N N 371 
SER H2   H  N N 372 
SER HA   H  N N 373 
SER HB2  H  N N 374 
SER HB3  H  N N 375 
SER HG   H  N N 376 
SER HXT  H  N N 377 
THR N    N  N N 378 
THR CA   C  N S 379 
THR C    C  N N 380 
THR O    O  N N 381 
THR CB   C  N R 382 
THR OG1  O  N N 383 
THR CG2  C  N N 384 
THR OXT  O  N N 385 
THR H    H  N N 386 
THR H2   H  N N 387 
THR HA   H  N N 388 
THR HB   H  N N 389 
THR HG1  H  N N 390 
THR HG21 H  N N 391 
THR HG22 H  N N 392 
THR HG23 H  N N 393 
THR HXT  H  N N 394 
TRP N    N  N N 395 
TRP CA   C  N S 396 
TRP C    C  N N 397 
TRP O    O  N N 398 
TRP CB   C  N N 399 
TRP CG   C  Y N 400 
TRP CD1  C  Y N 401 
TRP CD2  C  Y N 402 
TRP NE1  N  Y N 403 
TRP CE2  C  Y N 404 
TRP CE3  C  Y N 405 
TRP CZ2  C  Y N 406 
TRP CZ3  C  Y N 407 
TRP CH2  C  Y N 408 
TRP OXT  O  N N 409 
TRP H    H  N N 410 
TRP H2   H  N N 411 
TRP HA   H  N N 412 
TRP HB2  H  N N 413 
TRP HB3  H  N N 414 
TRP HD1  H  N N 415 
TRP HE1  H  N N 416 
TRP HE3  H  N N 417 
TRP HZ2  H  N N 418 
TRP HZ3  H  N N 419 
TRP HH2  H  N N 420 
TRP HXT  H  N N 421 
TYR N    N  N N 422 
TYR CA   C  N S 423 
TYR C    C  N N 424 
TYR O    O  N N 425 
TYR CB   C  N N 426 
TYR CG   C  Y N 427 
TYR CD1  C  Y N 428 
TYR CD2  C  Y N 429 
TYR CE1  C  Y N 430 
TYR CE2  C  Y N 431 
TYR CZ   C  Y N 432 
TYR OH   O  N N 433 
TYR OXT  O  N N 434 
TYR H    H  N N 435 
TYR H2   H  N N 436 
TYR HA   H  N N 437 
TYR HB2  H  N N 438 
TYR HB3  H  N N 439 
TYR HD1  H  N N 440 
TYR HD2  H  N N 441 
TYR HE1  H  N N 442 
TYR HE2  H  N N 443 
TYR HH   H  N N 444 
TYR HXT  H  N N 445 
VAL N    N  N N 446 
VAL CA   C  N S 447 
VAL C    C  N N 448 
VAL O    O  N N 449 
VAL CB   C  N N 450 
VAL CG1  C  N N 451 
VAL CG2  C  N N 452 
VAL OXT  O  N N 453 
VAL H    H  N N 454 
VAL H2   H  N N 455 
VAL HA   H  N N 456 
VAL HB   H  N N 457 
VAL HG11 H  N N 458 
VAL HG12 H  N N 459 
VAL HG13 H  N N 460 
VAL HG21 H  N N 461 
VAL HG22 H  N N 462 
VAL HG23 H  N N 463 
VAL HXT  H  N N 464 
# 
loop_
_chem_comp_bond.comp_id 
_chem_comp_bond.atom_id_1 
_chem_comp_bond.atom_id_2 
_chem_comp_bond.value_order 
_chem_comp_bond.pdbx_aromatic_flag 
_chem_comp_bond.pdbx_stereo_config 
_chem_comp_bond.pdbx_ordinal 
ALA N   CA   sing N N 1   
ALA N   H    sing N N 2   
ALA N   H2   sing N N 3   
ALA CA  C    sing N N 4   
ALA CA  CB   sing N N 5   
ALA CA  HA   sing N N 6   
ALA C   O    doub N N 7   
ALA C   OXT  sing N N 8   
ALA CB  HB1  sing N N 9   
ALA CB  HB2  sing N N 10  
ALA CB  HB3  sing N N 11  
ALA OXT HXT  sing N N 12  
ARG N   CA   sing N N 13  
ARG N   H    sing N N 14  
ARG N   H2   sing N N 15  
ARG CA  C    sing N N 16  
ARG CA  CB   sing N N 17  
ARG CA  HA   sing N N 18  
ARG C   O    doub N N 19  
ARG C   OXT  sing N N 20  
ARG CB  CG   sing N N 21  
ARG CB  HB2  sing N N 22  
ARG CB  HB3  sing N N 23  
ARG CG  CD   sing N N 24  
ARG CG  HG2  sing N N 25  
ARG CG  HG3  sing N N 26  
ARG CD  NE   sing N N 27  
ARG CD  HD2  sing N N 28  
ARG CD  HD3  sing N N 29  
ARG NE  CZ   sing N N 30  
ARG NE  HE   sing N N 31  
ARG CZ  NH1  sing N N 32  
ARG CZ  NH2  doub N N 33  
ARG NH1 HH11 sing N N 34  
ARG NH1 HH12 sing N N 35  
ARG NH2 HH21 sing N N 36  
ARG NH2 HH22 sing N N 37  
ARG OXT HXT  sing N N 38  
ASN N   CA   sing N N 39  
ASN N   H    sing N N 40  
ASN N   H2   sing N N 41  
ASN CA  C    sing N N 42  
ASN CA  CB   sing N N 43  
ASN CA  HA   sing N N 44  
ASN C   O    doub N N 45  
ASN C   OXT  sing N N 46  
ASN CB  CG   sing N N 47  
ASN CB  HB2  sing N N 48  
ASN CB  HB3  sing N N 49  
ASN CG  OD1  doub N N 50  
ASN CG  ND2  sing N N 51  
ASN ND2 HD21 sing N N 52  
ASN ND2 HD22 sing N N 53  
ASN OXT HXT  sing N N 54  
ASP N   CA   sing N N 55  
ASP N   H    sing N N 56  
ASP N   H2   sing N N 57  
ASP CA  C    sing N N 58  
ASP CA  CB   sing N N 59  
ASP CA  HA   sing N N 60  
ASP C   O    doub N N 61  
ASP C   OXT  sing N N 62  
ASP CB  CG   sing N N 63  
ASP CB  HB2  sing N N 64  
ASP CB  HB3  sing N N 65  
ASP CG  OD1  doub N N 66  
ASP CG  OD2  sing N N 67  
ASP OD2 HD2  sing N N 68  
ASP OXT HXT  sing N N 69  
CYS N   CA   sing N N 70  
CYS N   H    sing N N 71  
CYS N   H2   sing N N 72  
CYS CA  C    sing N N 73  
CYS CA  CB   sing N N 74  
CYS CA  HA   sing N N 75  
CYS C   O    doub N N 76  
CYS C   OXT  sing N N 77  
CYS CB  SG   sing N N 78  
CYS CB  HB2  sing N N 79  
CYS CB  HB3  sing N N 80  
CYS SG  HG   sing N N 81  
CYS OXT HXT  sing N N 82  
GLN N   CA   sing N N 83  
GLN N   H    sing N N 84  
GLN N   H2   sing N N 85  
GLN CA  C    sing N N 86  
GLN CA  CB   sing N N 87  
GLN CA  HA   sing N N 88  
GLN C   O    doub N N 89  
GLN C   OXT  sing N N 90  
GLN CB  CG   sing N N 91  
GLN CB  HB2  sing N N 92  
GLN CB  HB3  sing N N 93  
GLN CG  CD   sing N N 94  
GLN CG  HG2  sing N N 95  
GLN CG  HG3  sing N N 96  
GLN CD  OE1  doub N N 97  
GLN CD  NE2  sing N N 98  
GLN NE2 HE21 sing N N 99  
GLN NE2 HE22 sing N N 100 
GLN OXT HXT  sing N N 101 
GLU N   CA   sing N N 102 
GLU N   H    sing N N 103 
GLU N   H2   sing N N 104 
GLU CA  C    sing N N 105 
GLU CA  CB   sing N N 106 
GLU CA  HA   sing N N 107 
GLU C   O    doub N N 108 
GLU C   OXT  sing N N 109 
GLU CB  CG   sing N N 110 
GLU CB  HB2  sing N N 111 
GLU CB  HB3  sing N N 112 
GLU CG  CD   sing N N 113 
GLU CG  HG2  sing N N 114 
GLU CG  HG3  sing N N 115 
GLU CD  OE1  doub N N 116 
GLU CD  OE2  sing N N 117 
GLU OE2 HE2  sing N N 118 
GLU OXT HXT  sing N N 119 
GLY N   CA   sing N N 120 
GLY N   H    sing N N 121 
GLY N   H2   sing N N 122 
GLY CA  C    sing N N 123 
GLY CA  HA2  sing N N 124 
GLY CA  HA3  sing N N 125 
GLY C   O    doub N N 126 
GLY C   OXT  sing N N 127 
GLY OXT HXT  sing N N 128 
HEC FE  NA   sing N N 129 
HEC FE  NB   sing N N 130 
HEC FE  NC   sing N N 131 
HEC FE  ND   sing N N 132 
HEC CHA C1A  doub N N 133 
HEC CHA C4D  sing N N 134 
HEC CHA HHA  sing N N 135 
HEC CHB C4A  doub N N 136 
HEC CHB C1B  sing N N 137 
HEC CHB HHB  sing N N 138 
HEC CHC C4B  doub N N 139 
HEC CHC C1C  sing N N 140 
HEC CHC HHC  sing N N 141 
HEC CHD C4C  doub N N 142 
HEC CHD C1D  sing N N 143 
HEC CHD HHD  sing N N 144 
HEC NA  C1A  sing Y N 145 
HEC NA  C4A  sing Y N 146 
HEC C1A C2A  sing Y N 147 
HEC C2A C3A  doub Y N 148 
HEC C2A CAA  sing N N 149 
HEC C3A C4A  sing Y N 150 
HEC C3A CMA  sing N N 151 
HEC CMA HMA1 sing N N 152 
HEC CMA HMA2 sing N N 153 
HEC CMA HMA3 sing N N 154 
HEC CAA CBA  sing N N 155 
HEC CAA HAA1 sing N N 156 
HEC CAA HAA2 sing N N 157 
HEC CBA CGA  sing N N 158 
HEC CBA HBA1 sing N N 159 
HEC CBA HBA2 sing N N 160 
HEC CGA O1A  doub N N 161 
HEC CGA O2A  sing N N 162 
HEC O2A H2A  sing N N 163 
HEC NB  C1B  sing Y N 164 
HEC NB  C4B  sing Y N 165 
HEC C1B C2B  doub Y N 166 
HEC C2B C3B  sing Y N 167 
HEC C2B CMB  sing N N 168 
HEC C3B C4B  sing Y N 169 
HEC C3B CAB  doub N E 170 
HEC CMB HMB1 sing N N 171 
HEC CMB HMB2 sing N N 172 
HEC CMB HMB3 sing N N 173 
HEC CAB CBB  sing N N 174 
HEC CAB HAB  sing N N 175 
HEC CBB HBB1 sing N N 176 
HEC CBB HBB2 sing N N 177 
HEC CBB HBB3 sing N N 178 
HEC NC  C1C  sing Y N 179 
HEC NC  C4C  sing Y N 180 
HEC C1C C2C  doub Y N 181 
HEC C2C C3C  sing Y N 182 
HEC C2C CMC  sing N N 183 
HEC C3C C4C  sing Y N 184 
HEC C3C CAC  doub N E 185 
HEC CMC HMC1 sing N N 186 
HEC CMC HMC2 sing N N 187 
HEC CMC HMC3 sing N N 188 
HEC CAC CBC  sing N N 189 
HEC CAC HAC  sing N N 190 
HEC CBC HBC1 sing N N 191 
HEC CBC HBC2 sing N N 192 
HEC CBC HBC3 sing N N 193 
HEC ND  C1D  sing Y N 194 
HEC ND  C4D  sing Y N 195 
HEC C1D C2D  doub Y N 196 
HEC C2D C3D  sing Y N 197 
HEC C2D CMD  sing N N 198 
HEC C3D C4D  doub Y N 199 
HEC C3D CAD  sing N N 200 
HEC CMD HMD1 sing N N 201 
HEC CMD HMD2 sing N N 202 
HEC CMD HMD3 sing N N 203 
HEC CAD CBD  sing N N 204 
HEC CAD HAD1 sing N N 205 
HEC CAD HAD2 sing N N 206 
HEC CBD CGD  sing N N 207 
HEC CBD HBD1 sing N N 208 
HEC CBD HBD2 sing N N 209 
HEC CGD O1D  doub N N 210 
HEC CGD O2D  sing N N 211 
HEC O2D H2D  sing N N 212 
HIS N   CA   sing N N 213 
HIS N   H    sing N N 214 
HIS N   H2   sing N N 215 
HIS CA  C    sing N N 216 
HIS CA  CB   sing N N 217 
HIS CA  HA   sing N N 218 
HIS C   O    doub N N 219 
HIS C   OXT  sing N N 220 
HIS CB  CG   sing N N 221 
HIS CB  HB2  sing N N 222 
HIS CB  HB3  sing N N 223 
HIS CG  ND1  sing Y N 224 
HIS CG  CD2  doub Y N 225 
HIS ND1 CE1  doub Y N 226 
HIS ND1 HD1  sing N N 227 
HIS CD2 NE2  sing Y N 228 
HIS CD2 HD2  sing N N 229 
HIS CE1 NE2  sing Y N 230 
HIS CE1 HE1  sing N N 231 
HIS NE2 HE2  sing N N 232 
HIS OXT HXT  sing N N 233 
ILE N   CA   sing N N 234 
ILE N   H    sing N N 235 
ILE N   H2   sing N N 236 
ILE CA  C    sing N N 237 
ILE CA  CB   sing N N 238 
ILE CA  HA   sing N N 239 
ILE C   O    doub N N 240 
ILE C   OXT  sing N N 241 
ILE CB  CG1  sing N N 242 
ILE CB  CG2  sing N N 243 
ILE CB  HB   sing N N 244 
ILE CG1 CD1  sing N N 245 
ILE CG1 HG12 sing N N 246 
ILE CG1 HG13 sing N N 247 
ILE CG2 HG21 sing N N 248 
ILE CG2 HG22 sing N N 249 
ILE CG2 HG23 sing N N 250 
ILE CD1 HD11 sing N N 251 
ILE CD1 HD12 sing N N 252 
ILE CD1 HD13 sing N N 253 
ILE OXT HXT  sing N N 254 
LEU N   CA   sing N N 255 
LEU N   H    sing N N 256 
LEU N   H2   sing N N 257 
LEU CA  C    sing N N 258 
LEU CA  CB   sing N N 259 
LEU CA  HA   sing N N 260 
LEU C   O    doub N N 261 
LEU C   OXT  sing N N 262 
LEU CB  CG   sing N N 263 
LEU CB  HB2  sing N N 264 
LEU CB  HB3  sing N N 265 
LEU CG  CD1  sing N N 266 
LEU CG  CD2  sing N N 267 
LEU CG  HG   sing N N 268 
LEU CD1 HD11 sing N N 269 
LEU CD1 HD12 sing N N 270 
LEU CD1 HD13 sing N N 271 
LEU CD2 HD21 sing N N 272 
LEU CD2 HD22 sing N N 273 
LEU CD2 HD23 sing N N 274 
LEU OXT HXT  sing N N 275 
LYS N   CA   sing N N 276 
LYS N   H    sing N N 277 
LYS N   H2   sing N N 278 
LYS CA  C    sing N N 279 
LYS CA  CB   sing N N 280 
LYS CA  HA   sing N N 281 
LYS C   O    doub N N 282 
LYS C   OXT  sing N N 283 
LYS CB  CG   sing N N 284 
LYS CB  HB2  sing N N 285 
LYS CB  HB3  sing N N 286 
LYS CG  CD   sing N N 287 
LYS CG  HG2  sing N N 288 
LYS CG  HG3  sing N N 289 
LYS CD  CE   sing N N 290 
LYS CD  HD2  sing N N 291 
LYS CD  HD3  sing N N 292 
LYS CE  NZ   sing N N 293 
LYS CE  HE2  sing N N 294 
LYS CE  HE3  sing N N 295 
LYS NZ  HZ1  sing N N 296 
LYS NZ  HZ2  sing N N 297 
LYS NZ  HZ3  sing N N 298 
LYS OXT HXT  sing N N 299 
MET N   CA   sing N N 300 
MET N   H    sing N N 301 
MET N   H2   sing N N 302 
MET CA  C    sing N N 303 
MET CA  CB   sing N N 304 
MET CA  HA   sing N N 305 
MET C   O    doub N N 306 
MET C   OXT  sing N N 307 
MET CB  CG   sing N N 308 
MET CB  HB2  sing N N 309 
MET CB  HB3  sing N N 310 
MET CG  SD   sing N N 311 
MET CG  HG2  sing N N 312 
MET CG  HG3  sing N N 313 
MET SD  CE   sing N N 314 
MET CE  HE1  sing N N 315 
MET CE  HE2  sing N N 316 
MET CE  HE3  sing N N 317 
MET OXT HXT  sing N N 318 
PHE N   CA   sing N N 319 
PHE N   H    sing N N 320 
PHE N   H2   sing N N 321 
PHE CA  C    sing N N 322 
PHE CA  CB   sing N N 323 
PHE CA  HA   sing N N 324 
PHE C   O    doub N N 325 
PHE C   OXT  sing N N 326 
PHE CB  CG   sing N N 327 
PHE CB  HB2  sing N N 328 
PHE CB  HB3  sing N N 329 
PHE CG  CD1  doub Y N 330 
PHE CG  CD2  sing Y N 331 
PHE CD1 CE1  sing Y N 332 
PHE CD1 HD1  sing N N 333 
PHE CD2 CE2  doub Y N 334 
PHE CD2 HD2  sing N N 335 
PHE CE1 CZ   doub Y N 336 
PHE CE1 HE1  sing N N 337 
PHE CE2 CZ   sing Y N 338 
PHE CE2 HE2  sing N N 339 
PHE CZ  HZ   sing N N 340 
PHE OXT HXT  sing N N 341 
PRO N   CA   sing N N 342 
PRO N   CD   sing N N 343 
PRO N   H    sing N N 344 
PRO CA  C    sing N N 345 
PRO CA  CB   sing N N 346 
PRO CA  HA   sing N N 347 
PRO C   O    doub N N 348 
PRO C   OXT  sing N N 349 
PRO CB  CG   sing N N 350 
PRO CB  HB2  sing N N 351 
PRO CB  HB3  sing N N 352 
PRO CG  CD   sing N N 353 
PRO CG  HG2  sing N N 354 
PRO CG  HG3  sing N N 355 
PRO CD  HD2  sing N N 356 
PRO CD  HD3  sing N N 357 
PRO OXT HXT  sing N N 358 
SER N   CA   sing N N 359 
SER N   H    sing N N 360 
SER N   H2   sing N N 361 
SER CA  C    sing N N 362 
SER CA  CB   sing N N 363 
SER CA  HA   sing N N 364 
SER C   O    doub N N 365 
SER C   OXT  sing N N 366 
SER CB  OG   sing N N 367 
SER CB  HB2  sing N N 368 
SER CB  HB3  sing N N 369 
SER OG  HG   sing N N 370 
SER OXT HXT  sing N N 371 
THR N   CA   sing N N 372 
THR N   H    sing N N 373 
THR N   H2   sing N N 374 
THR CA  C    sing N N 375 
THR CA  CB   sing N N 376 
THR CA  HA   sing N N 377 
THR C   O    doub N N 378 
THR C   OXT  sing N N 379 
THR CB  OG1  sing N N 380 
THR CB  CG2  sing N N 381 
THR CB  HB   sing N N 382 
THR OG1 HG1  sing N N 383 
THR CG2 HG21 sing N N 384 
THR CG2 HG22 sing N N 385 
THR CG2 HG23 sing N N 386 
THR OXT HXT  sing N N 387 
TRP N   CA   sing N N 388 
TRP N   H    sing N N 389 
TRP N   H2   sing N N 390 
TRP CA  C    sing N N 391 
TRP CA  CB   sing N N 392 
TRP CA  HA   sing N N 393 
TRP C   O    doub N N 394 
TRP C   OXT  sing N N 395 
TRP CB  CG   sing N N 396 
TRP CB  HB2  sing N N 397 
TRP CB  HB3  sing N N 398 
TRP CG  CD1  doub Y N 399 
TRP CG  CD2  sing Y N 400 
TRP CD1 NE1  sing Y N 401 
TRP CD1 HD1  sing N N 402 
TRP CD2 CE2  doub Y N 403 
TRP CD2 CE3  sing Y N 404 
TRP NE1 CE2  sing Y N 405 
TRP NE1 HE1  sing N N 406 
TRP CE2 CZ2  sing Y N 407 
TRP CE3 CZ3  doub Y N 408 
TRP CE3 HE3  sing N N 409 
TRP CZ2 CH2  doub Y N 410 
TRP CZ2 HZ2  sing N N 411 
TRP CZ3 CH2  sing Y N 412 
TRP CZ3 HZ3  sing N N 413 
TRP CH2 HH2  sing N N 414 
TRP OXT HXT  sing N N 415 
TYR N   CA   sing N N 416 
TYR N   H    sing N N 417 
TYR N   H2   sing N N 418 
TYR CA  C    sing N N 419 
TYR CA  CB   sing N N 420 
TYR CA  HA   sing N N 421 
TYR C   O    doub N N 422 
TYR C   OXT  sing N N 423 
TYR CB  CG   sing N N 424 
TYR CB  HB2  sing N N 425 
TYR CB  HB3  sing N N 426 
TYR CG  CD1  doub Y N 427 
TYR CG  CD2  sing Y N 428 
TYR CD1 CE1  sing Y N 429 
TYR CD1 HD1  sing N N 430 
TYR CD2 CE2  doub Y N 431 
TYR CD2 HD2  sing N N 432 
TYR CE1 CZ   doub Y N 433 
TYR CE1 HE1  sing N N 434 
TYR CE2 CZ   sing Y N 435 
TYR CE2 HE2  sing N N 436 
TYR CZ  OH   sing N N 437 
TYR OH  HH   sing N N 438 
TYR OXT HXT  sing N N 439 
VAL N   CA   sing N N 440 
VAL N   H    sing N N 441 
VAL N   H2   sing N N 442 
VAL CA  C    sing N N 443 
VAL CA  CB   sing N N 444 
VAL CA  HA   sing N N 445 
VAL C   O    doub N N 446 
VAL C   OXT  sing N N 447 
VAL CB  CG1  sing N N 448 
VAL CB  CG2  sing N N 449 
VAL CB  HB   sing N N 450 
VAL CG1 HG11 sing N N 451 
VAL CG1 HG12 sing N N 452 
VAL CG1 HG13 sing N N 453 
VAL CG2 HG21 sing N N 454 
VAL CG2 HG22 sing N N 455 
VAL CG2 HG23 sing N N 456 
VAL OXT HXT  sing N N 457 
# 
loop_
_pdbx_nmr_spectrometer.spectrometer_id 
_pdbx_nmr_spectrometer.type 
_pdbx_nmr_spectrometer.manufacturer 
_pdbx_nmr_spectrometer.model 
_pdbx_nmr_spectrometer.field_strength 
1 ? Bruker AVANCE 800 
2 ? Bruker AVANCE 700 
3 ? Bruker AVANCE 600 
# 
_atom_sites.entry_id                    1KX2 
_atom_sites.fract_transf_matrix[1][1]   1.000000 
_atom_sites.fract_transf_matrix[1][2]   0.000000 
_atom_sites.fract_transf_matrix[1][3]   0.000000 
_atom_sites.fract_transf_matrix[2][1]   0.000000 
_atom_sites.fract_transf_matrix[2][2]   1.000000 
_atom_sites.fract_transf_matrix[2][3]   0.000000 
_atom_sites.fract_transf_matrix[3][1]   0.000000 
_atom_sites.fract_transf_matrix[3][2]   0.000000 
_atom_sites.fract_transf_matrix[3][3]   1.000000 
_atom_sites.fract_transf_vector[1]      0.00000 
_atom_sites.fract_transf_vector[2]      0.00000 
_atom_sites.fract_transf_vector[3]      0.00000 
# 
loop_
_atom_type.symbol 
C  
FE 
H  
N  
O  
S  
# 
loop_
_atom_site.group_PDB 
_atom_site.id 
_atom_site.type_symbol 
_atom_site.label_atom_id 
_atom_site.label_alt_id 
_atom_site.label_comp_id 
_atom_site.label_asym_id 
_atom_site.label_entity_id 
_atom_site.label_seq_id 
_atom_site.pdbx_PDB_ins_code 
_atom_site.Cartn_x 
_atom_site.Cartn_y 
_atom_site.Cartn_z 
_atom_site.occupancy 
_atom_site.B_iso_or_equiv 
_atom_site.pdbx_formal_charge 
_atom_site.auth_seq_id 
_atom_site.auth_comp_id 
_atom_site.auth_asym_id 
_atom_site.auth_atom_id 
_atom_site.pdbx_PDB_model_num 
ATOM   1    N  N    . ALA A 1 1  ? -10.854 6.164   11.050  1.00 10.00 ? -3 ALA A N    1 
ATOM   2    C  CA   . ALA A 1 1  ? -9.930  7.259   10.688  1.00 10.00 ? -3 ALA A CA   1 
ATOM   3    C  C    . ALA A 1 1  ? -10.525 8.054   9.525   1.00 10.00 ? -3 ALA A C    1 
ATOM   4    O  O    . ALA A 1 1  ? -11.687 8.431   9.646   1.00 10.00 ? -3 ALA A O    1 
ATOM   5    C  CB   . ALA A 1 1  ? -8.507  6.739   10.444  1.00 10.00 ? -3 ALA A CB   1 
ATOM   6    H  H1   . ALA A 1 1  ? -10.869 5.466   10.320  1.00 10.00 ? -3 ALA A H1   1 
ATOM   7    H  H2   . ALA A 1 1  ? -10.593 5.740   11.928  1.00 10.00 ? -3 ALA A H2   1 
ATOM   8    H  H3   . ALA A 1 1  ? -11.782 6.568   11.125  1.00 10.00 ? -3 ALA A H3   1 
ATOM   9    H  HA   . ALA A 1 1  ? -9.884  7.954   11.530  1.00 10.00 ? -3 ALA A HA   1 
ATOM   10   H  HB1  . ALA A 1 1  ? -8.162  6.209   11.331  1.00 10.00 ? -3 ALA A HB1  1 
ATOM   11   H  HB2  . ALA A 1 1  ? -8.481  6.058   9.593   1.00 10.00 ? -3 ALA A HB2  1 
ATOM   12   H  HB3  . ALA A 1 1  ? -7.839  7.581   10.255  1.00 10.00 ? -3 ALA A HB3  1 
ATOM   13   N  N    . ASP A 1 2  ? -9.830  8.200   8.392   1.00 10.00 ? -2 ASP A N    1 
ATOM   14   C  CA   . ASP A 1 2  ? -10.055 9.334   7.508   1.00 10.00 ? -2 ASP A CA   1 
ATOM   15   C  C    . ASP A 1 2  ? -9.585  9.019   6.082   1.00 10.00 ? -2 ASP A C    1 
ATOM   16   O  O    . ASP A 1 2  ? -8.456  8.587   5.852   1.00 10.00 ? -2 ASP A O    1 
ATOM   17   C  CB   . ASP A 1 2  ? -9.287  10.538  8.072   1.00 10.00 ? -2 ASP A CB   1 
ATOM   18   C  CG   . ASP A 1 2  ? -9.990  11.141  9.273   1.00 10.00 ? -2 ASP A CG   1 
ATOM   19   O  OD1  . ASP A 1 2  ? -10.845 12.019  9.037   1.00 10.00 ? -2 ASP A OD1  1 
ATOM   20   O  OD2  . ASP A 1 2  ? -9.663  10.685  10.393  1.00 10.00 ? -2 ASP A OD2  1 
ATOM   21   H  H    . ASP A 1 2  ? -8.917  7.781   8.307   1.00 10.00 ? -2 ASP A H    1 
ATOM   22   H  HA   . ASP A 1 2  ? -11.118 9.585   7.478   1.00 10.00 ? -2 ASP A HA   1 
ATOM   23   H  HB2  . ASP A 1 2  ? -8.278  10.248  8.366   1.00 10.00 ? -2 ASP A HB2  1 
ATOM   24   H  HB3  . ASP A 1 2  ? -9.215  11.317  7.311   1.00 10.00 ? -2 ASP A HB3  1 
ATOM   25   N  N    . LEU A 1 3  ? -10.520 9.204   5.147   1.00 10.00 ? -1 LEU A N    1 
ATOM   26   C  CA   . LEU A 1 3  ? -10.448 8.882   3.732   1.00 10.00 ? -1 LEU A CA   1 
ATOM   27   C  C    . LEU A 1 3  ? -10.669 10.158  2.934   1.00 10.00 ? -1 LEU A C    1 
ATOM   28   O  O    . LEU A 1 3  ? -11.693 10.374  2.296   1.00 10.00 ? -1 LEU A O    1 
ATOM   29   C  CB   . LEU A 1 3  ? -11.540 7.859   3.477   1.00 10.00 ? -1 LEU A CB   1 
ATOM   30   C  CG   . LEU A 1 3  ? -11.578 7.380   2.022   1.00 10.00 ? -1 LEU A CG   1 
ATOM   31   C  CD1  . LEU A 1 3  ? -11.716 5.876   2.094   1.00 10.00 ? -1 LEU A CD1  1 
ATOM   32   C  CD2  . LEU A 1 3  ? -12.745 7.930   1.184   1.00 10.00 ? -1 LEU A CD2  1 
ATOM   33   H  H    . LEU A 1 3  ? -11.410 9.556   5.459   1.00 10.00 ? -1 LEU A H    1 
ATOM   34   H  HA   . LEU A 1 3  ? -9.477  8.463   3.465   1.00 10.00 ? -1 LEU A HA   1 
ATOM   35   H  HB2  . LEU A 1 3  ? -11.298 7.028   4.140   1.00 10.00 ? -1 LEU A HB2  1 
ATOM   36   H  HB3  . LEU A 1 3  ? -12.502 8.269   3.777   1.00 10.00 ? -1 LEU A HB3  1 
ATOM   37   H  HG   . LEU A 1 3  ? -10.631 7.606   1.537   1.00 10.00 ? -1 LEU A HG   1 
ATOM   38   H  HD11 . LEU A 1 3  ? -10.826 5.483   2.582   1.00 10.00 ? -1 LEU A HD11 1 
ATOM   39   H  HD12 . LEU A 1 3  ? -12.606 5.621   2.670   1.00 10.00 ? -1 LEU A HD12 1 
ATOM   40   H  HD13 . LEU A 1 3  ? -11.794 5.491   1.082   1.00 10.00 ? -1 LEU A HD13 1 
ATOM   41   H  HD21 . LEU A 1 3  ? -13.609 8.137   1.814   1.00 10.00 ? -1 LEU A HD21 1 
ATOM   42   H  HD22 . LEU A 1 3  ? -12.438 8.838   0.668   1.00 10.00 ? -1 LEU A HD22 1 
ATOM   43   H  HD23 . LEU A 1 3  ? -13.037 7.214   0.417   1.00 10.00 ? -1 LEU A HD23 1 
ATOM   44   N  N    . GLN A 1 4  ? -9.750  11.085  3.144   1.00 10.00 ? 1  GLN A N    1 
ATOM   45   C  CA   . GLN A 1 4  ? -9.670  12.336  2.408   1.00 10.00 ? 1  GLN A CA   1 
ATOM   46   C  C    . GLN A 1 4  ? -8.401  12.522  1.582   1.00 10.00 ? 1  GLN A C    1 
ATOM   47   O  O    . GLN A 1 4  ? -8.362  13.401  0.721   1.00 10.00 ? 1  GLN A O    1 
ATOM   48   C  CB   . GLN A 1 4  ? -10.008 13.503  3.344   1.00 10.00 ? 1  GLN A CB   1 
ATOM   49   C  CG   . GLN A 1 4  ? -11.533 13.699  3.300   1.00 10.00 ? 1  GLN A CG   1 
ATOM   50   C  CD   . GLN A 1 4  ? -12.068 14.762  4.250   1.00 10.00 ? 1  GLN A CD   1 
ATOM   51   O  OE1  . GLN A 1 4  ? -11.348 15.352  5.044   1.00 10.00 ? 1  GLN A OE1  1 
ATOM   52   N  NE2  . GLN A 1 4  ? -13.365 15.026  4.173   1.00 10.00 ? 1  GLN A NE2  1 
ATOM   53   H  H    . GLN A 1 4  ? -9.015  10.809  3.772   1.00 10.00 ? 1  GLN A H    1 
ATOM   54   H  HA   . GLN A 1 4  ? -10.400 12.265  1.599   1.00 10.00 ? 1  GLN A HA   1 
ATOM   55   H  HB2  . GLN A 1 4  ? -9.661  13.270  4.355   1.00 10.00 ? 1  GLN A HB2  1 
ATOM   56   H  HB3  . GLN A 1 4  ? -9.513  14.416  3.010   1.00 10.00 ? 1  GLN A HB3  1 
ATOM   57   H  HG2  . GLN A 1 4  ? -11.812 13.995  2.288   1.00 10.00 ? 1  GLN A HG2  1 
ATOM   58   H  HG3  . GLN A 1 4  ? -12.030 12.760  3.541   1.00 10.00 ? 1  GLN A HG3  1 
ATOM   59   H  HE21 . GLN A 1 4  ? -13.950 14.538  3.514   1.00 10.00 ? 1  GLN A HE21 1 
ATOM   60   H  HE22 . GLN A 1 4  ? -13.735 15.714  4.808   1.00 10.00 ? 1  GLN A HE22 1 
ATOM   61   N  N    . ASP A 1 5  ? -7.352  11.766  1.900   1.00 10.00 ? 2  ASP A N    1 
ATOM   62   C  CA   . ASP A 1 5  ? -6.042  11.971  1.313   1.00 10.00 ? 2  ASP A CA   1 
ATOM   63   C  C    . ASP A 1 5  ? -5.257  10.656  1.307   1.00 10.00 ? 2  ASP A C    1 
ATOM   64   O  O    . ASP A 1 5  ? -5.011  10.053  2.351   1.00 10.00 ? 2  ASP A O    1 
ATOM   65   C  CB   . ASP A 1 5  ? -5.326  13.098  2.073   1.00 10.00 ? 2  ASP A CB   1 
ATOM   66   C  CG   . ASP A 1 5  ? -4.017  13.516  1.422   1.00 10.00 ? 2  ASP A CG   1 
ATOM   67   O  OD1  . ASP A 1 5  ? -3.520  12.742  0.575   1.00 10.00 ? 2  ASP A OD1  1 
ATOM   68   O  OD2  . ASP A 1 5  ? -3.525  14.592  1.811   1.00 10.00 ? 2  ASP A OD2  1 
ATOM   69   H  H    . ASP A 1 5  ? -7.493  10.959  2.490   1.00 10.00 ? 2  ASP A H    1 
ATOM   70   H  HA   . ASP A 1 5  ? -6.171  12.297  0.279   1.00 10.00 ? 2  ASP A HA   1 
ATOM   71   H  HB2  . ASP A 1 5  ? -5.961  13.982  2.098   1.00 10.00 ? 2  ASP A HB2  1 
ATOM   72   H  HB3  . ASP A 1 5  ? -5.116  12.792  3.095   1.00 10.00 ? 2  ASP A HB3  1 
ATOM   73   N  N    . ALA A 1 6  ? -4.840  10.238  0.116   1.00 10.00 ? 3  ALA A N    1 
ATOM   74   C  CA   . ALA A 1 6  ? -3.858  9.193   -0.110  1.00 10.00 ? 3  ALA A CA   1 
ATOM   75   C  C    . ALA A 1 6  ? -2.645  9.286   0.828   1.00 10.00 ? 3  ALA A C    1 
ATOM   76   O  O    . ALA A 1 6  ? -2.222  8.275   1.396   1.00 10.00 ? 3  ALA A O    1 
ATOM   77   C  CB   . ALA A 1 6  ? -3.425  9.339   -1.560  1.00 10.00 ? 3  ALA A CB   1 
ATOM   78   H  H    . ALA A 1 6  ? -5.073  10.831  -0.665  1.00 10.00 ? 3  ALA A H    1 
ATOM   79   H  HA   . ALA A 1 6  ? -4.335  8.221   0.019   1.00 10.00 ? 3  ALA A HA   1 
ATOM   80   H  HB1  . ALA A 1 6  ? -4.299  9.153   -2.176  1.00 10.00 ? 3  ALA A HB1  1 
ATOM   81   H  HB2  . ALA A 1 6  ? -3.063  10.351  -1.743  1.00 10.00 ? 3  ALA A HB2  1 
ATOM   82   H  HB3  . ALA A 1 6  ? -2.636  8.632   -1.787  1.00 10.00 ? 3  ALA A HB3  1 
ATOM   83   N  N    . GLU A 1 7  ? -2.102  10.496  1.013   1.00 10.00 ? 4  GLU A N    1 
ATOM   84   C  CA   . GLU A 1 7  ? -1.015  10.725  1.953   1.00 10.00 ? 4  GLU A CA   1 
ATOM   85   C  C    . GLU A 1 7  ? -1.432  10.335  3.371   1.00 10.00 ? 4  GLU A C    1 
ATOM   86   O  O    . GLU A 1 7  ? -0.749  9.557   4.029   1.00 10.00 ? 4  GLU A O    1 
ATOM   87   C  CB   . GLU A 1 7  ? -0.489  12.160  1.858   1.00 10.00 ? 4  GLU A CB   1 
ATOM   88   C  CG   . GLU A 1 7  ? 0.629   12.393  2.893   1.00 10.00 ? 4  GLU A CG   1 
ATOM   89   C  CD   . GLU A 1 7  ? 1.654   13.452  2.495   1.00 10.00 ? 4  GLU A CD   1 
ATOM   90   O  OE1  . GLU A 1 7  ? 1.413   14.168  1.500   1.00 10.00 ? 4  GLU A OE1  1 
ATOM   91   O  OE2  . GLU A 1 7  ? 2.684   13.509  3.198   1.00 10.00 ? 4  GLU A OE2  1 
ATOM   92   H  H    . GLU A 1 7  ? -2.562  11.317  0.608   1.00 10.00 ? 4  GLU A H    1 
ATOM   93   H  HA   . GLU A 1 7  ? -0.191  10.085  1.659   1.00 10.00 ? 4  GLU A HA   1 
ATOM   94   H  HB2  . GLU A 1 7  ? -0.087  12.291  0.857   1.00 10.00 ? 4  GLU A HB2  1 
ATOM   95   H  HB3  . GLU A 1 7  ? -1.286  12.892  2.006   1.00 10.00 ? 4  GLU A HB3  1 
ATOM   96   H  HG2  . GLU A 1 7  ? 0.193   12.690  3.845   1.00 10.00 ? 4  GLU A HG2  1 
ATOM   97   H  HG3  . GLU A 1 7  ? 1.197   11.477  3.046   1.00 10.00 ? 4  GLU A HG3  1 
ATOM   98   N  N    . ALA A 1 8  ? -2.610  10.779  3.818   1.00 10.00 ? 5  ALA A N    1 
ATOM   99   C  CA   . ALA A 1 8  ? -3.088  10.483  5.165   1.00 10.00 ? 5  ALA A CA   1 
ATOM   100  C  C    . ALA A 1 8  ? -3.369  8.985   5.320   1.00 10.00 ? 5  ALA A C    1 
ATOM   101  O  O    . ALA A 1 8  ? -3.055  8.394   6.354   1.00 10.00 ? 5  ALA A O    1 
ATOM   102  C  CB   . ALA A 1 8  ? -4.345  11.308  5.456   1.00 10.00 ? 5  ALA A CB   1 
ATOM   103  H  H    . ALA A 1 8  ? -3.199  11.293  3.177   1.00 10.00 ? 5  ALA A H    1 
ATOM   104  H  HA   . ALA A 1 8  ? -2.321  10.768  5.887   1.00 10.00 ? 5  ALA A HA   1 
ATOM   105  H  HB1  . ALA A 1 8  ? -4.125  12.368  5.337   1.00 10.00 ? 5  ALA A HB1  1 
ATOM   106  H  HB2  . ALA A 1 8  ? -5.156  11.032  4.779   1.00 10.00 ? 5  ALA A HB2  1 
ATOM   107  H  HB3  . ALA A 1 8  ? -4.666  11.123  6.480   1.00 10.00 ? 5  ALA A HB3  1 
ATOM   108  N  N    . ILE A 1 9  ? -3.869  8.346   4.259   1.00 10.00 ? 6  ILE A N    1 
ATOM   109  C  CA   . ILE A 1 9  ? -4.166  6.922   4.261   1.00 10.00 ? 6  ILE A CA   1 
ATOM   110  C  C    . ILE A 1 9  ? -2.870  6.125   4.394   1.00 10.00 ? 6  ILE A C    1 
ATOM   111  O  O    . ILE A 1 9  ? -2.752  5.331   5.325   1.00 10.00 ? 6  ILE A O    1 
ATOM   112  C  CB   . ILE A 1 9  ? -4.911  6.555   2.961   1.00 10.00 ? 6  ILE A CB   1 
ATOM   113  C  CG1  . ILE A 1 9  ? -6.377  7.019   2.996   1.00 10.00 ? 6  ILE A CG1  1 
ATOM   114  C  CG2  . ILE A 1 9  ? -4.813  5.060   2.609   1.00 10.00 ? 6  ILE A CG2  1 
ATOM   115  C  CD1  . ILE A 1 9  ? -7.266  6.189   3.927   1.00 10.00 ? 6  ILE A CD1  1 
ATOM   116  H  H    . ILE A 1 9  ? -4.112  8.900   3.444   1.00 10.00 ? 6  ILE A H    1 
ATOM   117  H  HA   . ILE A 1 9  ? -4.789  6.680   5.122   1.00 10.00 ? 6  ILE A HA   1 
ATOM   118  H  HB   . ILE A 1 9  ? -4.433  7.089   2.140   1.00 10.00 ? 6  ILE A HB   1 
ATOM   119  H  HG12 . ILE A 1 9  ? -6.432  8.064   3.305   1.00 10.00 ? 6  ILE A HG12 1 
ATOM   120  H  HG13 . ILE A 1 9  ? -6.781  6.946   1.987   1.00 10.00 ? 6  ILE A HG13 1 
ATOM   121  H  HG21 . ILE A 1 9  ? -3.803  4.811   2.281   1.00 10.00 ? 6  ILE A HG21 1 
ATOM   122  H  HG22 . ILE A 1 9  ? -5.062  4.441   3.472   1.00 10.00 ? 6  ILE A HG22 1 
ATOM   123  H  HG23 . ILE A 1 9  ? -5.495  4.831   1.789   1.00 10.00 ? 6  ILE A HG23 1 
ATOM   124  H  HD11 . ILE A 1 9  ? -7.186  5.135   3.677   1.00 10.00 ? 6  ILE A HD11 1 
ATOM   125  H  HD12 . ILE A 1 9  ? -6.984  6.330   4.968   1.00 10.00 ? 6  ILE A HD12 1 
ATOM   126  H  HD13 . ILE A 1 9  ? -8.304  6.493   3.802   1.00 10.00 ? 6  ILE A HD13 1 
ATOM   127  N  N    . TYR A 1 10 ? -1.860  6.359   3.549   1.00 10.00 ? 7  TYR A N    1 
ATOM   128  C  CA   . TYR A 1 10 ? -0.638  5.569   3.688   1.00 10.00 ? 7  TYR A CA   1 
ATOM   129  C  C    . TYR A 1 10 ? 0.112   5.945   4.970   1.00 10.00 ? 7  TYR A C    1 
ATOM   130  O  O    . TYR A 1 10 ? 0.633   5.078   5.667   1.00 10.00 ? 7  TYR A O    1 
ATOM   131  C  CB   . TYR A 1 10 ? 0.238   5.578   2.423   1.00 10.00 ? 7  TYR A CB   1 
ATOM   132  C  CG   . TYR A 1 10 ? 1.419   6.523   2.468   1.00 10.00 ? 7  TYR A CG   1 
ATOM   133  C  CD1  . TYR A 1 10 ? 2.579   6.173   3.186   1.00 10.00 ? 7  TYR A CD1  1 
ATOM   134  C  CD2  . TYR A 1 10 ? 1.299   7.805   1.916   1.00 10.00 ? 7  TYR A CD2  1 
ATOM   135  C  CE1  . TYR A 1 10 ? 3.550   7.150   3.466   1.00 10.00 ? 7  TYR A CE1  1 
ATOM   136  C  CE2  . TYR A 1 10 ? 2.259   8.783   2.215   1.00 10.00 ? 7  TYR A CE2  1 
ATOM   137  C  CZ   . TYR A 1 10 ? 3.375   8.461   2.999   1.00 10.00 ? 7  TYR A CZ   1 
ATOM   138  O  OH   . TYR A 1 10 ? 4.300   9.415   3.286   1.00 10.00 ? 7  TYR A OH   1 
ATOM   139  H  H    . TYR A 1 10 ? -1.943  7.077   2.833   1.00 10.00 ? 7  TYR A H    1 
ATOM   140  H  HA   . TYR A 1 10 ? -0.964  4.545   3.819   1.00 10.00 ? 7  TYR A HA   1 
ATOM   141  H  HB2  . TYR A 1 10 ? 0.647   4.578   2.279   1.00 10.00 ? 7  TYR A HB2  1 
ATOM   142  H  HB3  . TYR A 1 10 ? -0.378  5.801   1.552   1.00 10.00 ? 7  TYR A HB3  1 
ATOM   143  H  HD1  . TYR A 1 10 ? 2.684   5.180   3.599   1.00 10.00 ? 7  TYR A HD1  1 
ATOM   144  H  HD2  . TYR A 1 10 ? 0.451   8.037   1.292   1.00 10.00 ? 7  TYR A HD2  1 
ATOM   145  H  HE1  . TYR A 1 10 ? 4.414   6.894   4.062   1.00 10.00 ? 7  TYR A HE1  1 
ATOM   146  H  HE2  . TYR A 1 10 ? 2.143   9.788   1.843   1.00 10.00 ? 7  TYR A HE2  1 
ATOM   147  H  HH   . TYR A 1 10 ? 4.941   9.119   3.932   1.00 10.00 ? 7  TYR A HH   1 
ATOM   148  N  N    . ASN A 1 11 ? 0.129   7.237   5.306   1.00 10.00 ? 8  ASN A N    1 
ATOM   149  C  CA   . ASN A 1 11 ? 0.884   7.742   6.439   1.00 10.00 ? 8  ASN A CA   1 
ATOM   150  C  C    . ASN A 1 11 ? 0.293   7.289   7.779   1.00 10.00 ? 8  ASN A C    1 
ATOM   151  O  O    . ASN A 1 11 ? 1.036   7.137   8.745   1.00 10.00 ? 8  ASN A O    1 
ATOM   152  C  CB   . ASN A 1 11 ? 0.998   9.264   6.303   1.00 10.00 ? 8  ASN A CB   1 
ATOM   153  C  CG   . ASN A 1 11 ? 1.958   9.918   7.282   1.00 10.00 ? 8  ASN A CG   1 
ATOM   154  O  OD1  . ASN A 1 11 ? 2.947   9.336   7.707   1.00 10.00 ? 8  ASN A OD1  1 
ATOM   155  N  ND2  . ASN A 1 11 ? 1.688   11.167  7.626   1.00 10.00 ? 8  ASN A ND2  1 
ATOM   156  H  H    . ASN A 1 11 ? -0.351  7.914   4.716   1.00 10.00 ? 8  ASN A H    1 
ATOM   157  H  HA   . ASN A 1 11 ? 1.872   7.291   6.379   1.00 10.00 ? 8  ASN A HA   1 
ATOM   158  H  HB2  . ASN A 1 11 ? 1.375   9.502   5.308   1.00 10.00 ? 8  ASN A HB2  1 
ATOM   159  H  HB3  . ASN A 1 11 ? 0.009   9.704   6.432   1.00 10.00 ? 8  ASN A HB3  1 
ATOM   160  H  HD21 . ASN A 1 11 ? 0.906   11.653  7.217   1.00 10.00 ? 8  ASN A HD21 1 
ATOM   161  H  HD22 . ASN A 1 11 ? 2.348   11.635  8.221   1.00 10.00 ? 8  ASN A HD22 1 
ATOM   162  N  N    . LYS A 1 12 ? -1.015  7.013   7.854   1.00 10.00 ? 9  LYS A N    1 
ATOM   163  C  CA   . LYS A 1 12 ? -1.606  6.369   9.000   1.00 10.00 ? 9  LYS A CA   1 
ATOM   164  C  C    . LYS A 1 12 ? -1.658  4.832   8.901   1.00 10.00 ? 9  LYS A C    1 
ATOM   165  O  O    . LYS A 1 12 ? -1.642  4.170   9.938   1.00 10.00 ? 9  LYS A O    1 
ATOM   166  C  CB   . LYS A 1 12 ? -2.989  6.983   9.163   1.00 10.00 ? 9  LYS A CB   1 
ATOM   167  C  CG   . LYS A 1 12 ? -3.617  6.369   10.395  1.00 10.00 ? 9  LYS A CG   1 
ATOM   168  C  CD   . LYS A 1 12 ? -4.590  7.346   11.041  1.00 10.00 ? 9  LYS A CD   1 
ATOM   169  C  CE   . LYS A 1 12 ? -5.202  6.511   12.151  1.00 10.00 ? 9  LYS A CE   1 
ATOM   170  N  NZ   . LYS A 1 12 ? -5.931  7.332   13.141  1.00 10.00 ? 9  LYS A NZ   1 
ATOM   171  H  H    . LYS A 1 12 ? -1.694  7.305   7.158   1.00 10.00 ? 9  LYS A H    1 
ATOM   172  H  HA   . LYS A 1 12 ? -1.031  6.620   9.893   1.00 10.00 ? 9  LYS A HA   1 
ATOM   173  H  HB2  . LYS A 1 12 ? -2.880  8.062   9.289   1.00 10.00 ? 9  LYS A HB2  1 
ATOM   174  H  HB3  . LYS A 1 12 ? -3.615  6.781   8.292   1.00 10.00 ? 9  LYS A HB3  1 
ATOM   175  H  HG2  . LYS A 1 12 ? -4.113  5.438   10.104  1.00 10.00 ? 9  LYS A HG2  1 
ATOM   176  H  HG3  . LYS A 1 12 ? -2.832  6.136   11.119  1.00 10.00 ? 9  LYS A HG3  1 
ATOM   177  H  HD2  . LYS A 1 12 ? -4.038  8.206   11.429  1.00 10.00 ? 9  LYS A HD2  1 
ATOM   178  H  HD3  . LYS A 1 12 ? -5.337  7.680   10.317  1.00 10.00 ? 9  LYS A HD3  1 
ATOM   179  H  HE2  . LYS A 1 12 ? -5.831  5.776   11.646  1.00 10.00 ? 9  LYS A HE2  1 
ATOM   180  H  HE3  . LYS A 1 12 ? -4.382  5.977   12.634  1.00 10.00 ? 9  LYS A HE3  1 
ATOM   181  H  HZ1  . LYS A 1 12 ? -5.283  7.946   13.614  1.00 10.00 ? 9  LYS A HZ1  1 
ATOM   182  H  HZ2  . LYS A 1 12 ? -6.636  7.897   12.689  1.00 10.00 ? 9  LYS A HZ2  1 
ATOM   183  H  HZ3  . LYS A 1 12 ? -6.369  6.737   13.832  1.00 10.00 ? 9  LYS A HZ3  1 
ATOM   184  N  N    . ALA A 1 13 ? -1.764  4.253   7.698   1.00 10.00 ? 10 ALA A N    1 
ATOM   185  C  CA   . ALA A 1 13 ? -1.981  2.810   7.528   1.00 10.00 ? 10 ALA A CA   1 
ATOM   186  C  C    . ALA A 1 13 ? -0.691  2.076   7.149   1.00 10.00 ? 10 ALA A C    1 
ATOM   187  O  O    . ALA A 1 13 ? -0.156  1.290   7.931   1.00 10.00 ? 10 ALA A O    1 
ATOM   188  C  CB   . ALA A 1 13 ? -3.100  2.554   6.512   1.00 10.00 ? 10 ALA A CB   1 
ATOM   189  H  H    . ALA A 1 13 ? -1.736  4.848   6.871   1.00 10.00 ? 10 ALA A H    1 
ATOM   190  H  HA   . ALA A 1 13 ? -2.330  2.372   8.466   1.00 10.00 ? 10 ALA A HA   1 
ATOM   191  H  HB1  . ALA A 1 13 ? -3.992  3.115   6.797   1.00 10.00 ? 10 ALA A HB1  1 
ATOM   192  H  HB2  . ALA A 1 13 ? -2.795  2.850   5.510   1.00 10.00 ? 10 ALA A HB2  1 
ATOM   193  H  HB3  . ALA A 1 13 ? -3.344  1.491   6.499   1.00 10.00 ? 10 ALA A HB3  1 
ATOM   194  N  N    . CYS A 1 14 ? -0.149  2.353   5.961   1.00 10.00 ? 11 CYS A N    1 
ATOM   195  C  CA   . CYS A 1 14 ? 1.059   1.728   5.423   1.00 10.00 ? 11 CYS A CA   1 
ATOM   196  C  C    . CYS A 1 14 ? 2.329   2.346   6.063   1.00 10.00 ? 11 CYS A C    1 
ATOM   197  O  O    . CYS A 1 14 ? 3.295   2.712   5.394   1.00 10.00 ? 11 CYS A O    1 
ATOM   198  C  CB   . CYS A 1 14 ? 1.057   1.802   3.903   1.00 10.00 ? 11 CYS A CB   1 
ATOM   199  S  SG   . CYS A 1 14 ? -0.556  2.060   3.096   1.00 10.00 ? 11 CYS A SG   1 
ATOM   200  H  H    . CYS A 1 14 ? -0.571  3.084   5.405   1.00 10.00 ? 11 CYS A H    1 
ATOM   201  H  HA   . CYS A 1 14 ? 1.044   0.673   5.694   1.00 10.00 ? 11 CYS A HA   1 
ATOM   202  H  HB2  . CYS A 1 14 ? 1.641   2.668   3.597   1.00 10.00 ? 11 CYS A HB2  1 
ATOM   203  H  HB3  . CYS A 1 14 ? 1.542   0.915   3.495   1.00 10.00 ? 11 CYS A HB3  1 
ATOM   204  N  N    . THR A 1 15 ? 2.325   2.470   7.393   1.00 10.00 ? 12 THR A N    1 
ATOM   205  C  CA   . THR A 1 15 ? 3.288   3.243   8.169   1.00 10.00 ? 12 THR A CA   1 
ATOM   206  C  C    . THR A 1 15 ? 3.968   2.446   9.267   1.00 10.00 ? 12 THR A C    1 
ATOM   207  O  O    . THR A 1 15 ? 5.113   2.690   9.633   1.00 10.00 ? 12 THR A O    1 
ATOM   208  C  CB   . THR A 1 15 ? 2.563   4.450   8.753   1.00 10.00 ? 12 THR A CB   1 
ATOM   209  O  OG1  . THR A 1 15 ? 3.500   5.258   9.399   1.00 10.00 ? 12 THR A OG1  1 
ATOM   210  C  CG2  . THR A 1 15 ? 1.510   4.082   9.809   1.00 10.00 ? 12 THR A CG2  1 
ATOM   211  H  H    . THR A 1 15 ? 1.477   2.208   7.871   1.00 10.00 ? 12 THR A H    1 
ATOM   212  H  HA   . THR A 1 15 ? 4.107   3.575   7.555   1.00 10.00 ? 12 THR A HA   1 
ATOM   213  H  HB   . THR A 1 15 ? 2.094   5.003   7.937   1.00 10.00 ? 12 THR A HB   1 
ATOM   214  H  HG1  . THR A 1 15 ? 3.022   5.653   10.127  1.00 10.00 ? 12 THR A HG1  1 
ATOM   215  H  HG21 . THR A 1 15 ? 0.788   3.372   9.411   1.00 10.00 ? 12 THR A HG21 1 
ATOM   216  H  HG22 . THR A 1 15 ? 1.981   3.655   10.693  1.00 10.00 ? 12 THR A HG22 1 
ATOM   217  H  HG23 . THR A 1 15 ? 0.976   4.978   10.120  1.00 10.00 ? 12 THR A HG23 1 
ATOM   218  N  N    . VAL A 1 16 ? 3.261   1.452   9.780   1.00 10.00 ? 13 VAL A N    1 
ATOM   219  C  CA   . VAL A 1 16 ? 3.710   0.685   10.924  1.00 10.00 ? 13 VAL A CA   1 
ATOM   220  C  C    . VAL A 1 16 ? 4.859   -0.223  10.485  1.00 10.00 ? 13 VAL A C    1 
ATOM   221  O  O    . VAL A 1 16 ? 5.896   -0.335  11.135  1.00 10.00 ? 13 VAL A O    1 
ATOM   222  C  CB   . VAL A 1 16 ? 2.524   -0.119  11.475  1.00 10.00 ? 13 VAL A CB   1 
ATOM   223  C  CG1  . VAL A 1 16 ? 2.965   -0.689  12.816  1.00 10.00 ? 13 VAL A CG1  1 
ATOM   224  C  CG2  . VAL A 1 16 ? 1.268   0.739   11.687  1.00 10.00 ? 13 VAL A CG2  1 
ATOM   225  H  H    . VAL A 1 16 ? 2.420   1.193   9.297   1.00 10.00 ? 13 VAL A H    1 
ATOM   226  H  HA   . VAL A 1 16 ? 4.074   1.371   11.691  1.00 10.00 ? 13 VAL A HA   1 
ATOM   227  H  HB   . VAL A 1 16 ? 2.270   -0.936  10.799  1.00 10.00 ? 13 VAL A HB   1 
ATOM   228  H  HG11 . VAL A 1 16 ? 3.829   -1.333  12.665  1.00 10.00 ? 13 VAL A HG11 1 
ATOM   229  H  HG12 . VAL A 1 16 ? 3.242   0.144   13.461  1.00 10.00 ? 13 VAL A HG12 1 
ATOM   230  H  HG13 . VAL A 1 16 ? 2.152   -1.260  13.259  1.00 10.00 ? 13 VAL A HG13 1 
ATOM   231  H  HG21 . VAL A 1 16 ? 1.504   1.607   12.302  1.00 10.00 ? 13 VAL A HG21 1 
ATOM   232  H  HG22 . VAL A 1 16 ? 0.862   1.073   10.732  1.00 10.00 ? 13 VAL A HG22 1 
ATOM   233  H  HG23 . VAL A 1 16 ? 0.501   0.146   12.186  1.00 10.00 ? 13 VAL A HG23 1 
ATOM   234  N  N    . CYS A 1 17 ? 4.631   -0.861  9.342   1.00 10.00 ? 14 CYS A N    1 
ATOM   235  C  CA   . CYS A 1 17 ? 5.470   -1.881  8.758   1.00 10.00 ? 14 CYS A CA   1 
ATOM   236  C  C    . CYS A 1 17 ? 6.369   -1.258  7.687   1.00 10.00 ? 14 CYS A C    1 
ATOM   237  O  O    . CYS A 1 17 ? 7.590   -1.382  7.745   1.00 10.00 ? 14 CYS A O    1 
ATOM   238  C  CB   . CYS A 1 17 ? 4.540   -2.936  8.214   1.00 10.00 ? 14 CYS A CB   1 
ATOM   239  S  SG   . CYS A 1 17 ? 3.402   -3.445  9.537   1.00 10.00 ? 14 CYS A SG   1 
ATOM   240  H  H    . CYS A 1 17 ? 3.717   -0.743  8.933   1.00 10.00 ? 14 CYS A H    1 
ATOM   241  H  HA   . CYS A 1 17 ? 6.106   -2.331  9.516   1.00 10.00 ? 14 CYS A HA   1 
ATOM   242  H  HB2  . CYS A 1 17 ? 3.976   -2.508  7.387   1.00 10.00 ? 14 CYS A HB2  1 
ATOM   243  H  HB3  . CYS A 1 17 ? 5.101   -3.800  7.875   1.00 10.00 ? 14 CYS A HB3  1 
ATOM   244  N  N    . HIS A 1 18 ? 5.763   -0.554  6.727   1.00 10.00 ? 15 HIS A N    1 
ATOM   245  C  CA   . HIS A 1 18 ? 6.429   -0.141  5.487   1.00 10.00 ? 15 HIS A CA   1 
ATOM   246  C  C    . HIS A 1 18 ? 7.345   1.084   5.640   1.00 10.00 ? 15 HIS A C    1 
ATOM   247  O  O    . HIS A 1 18 ? 8.224   1.303   4.806   1.00 10.00 ? 15 HIS A O    1 
ATOM   248  C  CB   . HIS A 1 18 ? 5.365   0.128   4.418   1.00 10.00 ? 15 HIS A CB   1 
ATOM   249  C  CG   . HIS A 1 18 ? 4.778   -1.102  3.787   1.00 10.00 ? 15 HIS A CG   1 
ATOM   250  N  ND1  . HIS A 1 18 ? 5.197   -1.634  2.598   1.00 10.00 ? 15 HIS A ND1  1 
ATOM   251  C  CD2  . HIS A 1 18 ? 3.634   -1.753  4.154   1.00 10.00 ? 15 HIS A CD2  1 
ATOM   252  C  CE1  . HIS A 1 18 ? 4.317   -2.583  2.244   1.00 10.00 ? 15 HIS A CE1  1 
ATOM   253  N  NE2  . HIS A 1 18 ? 3.358   -2.718  3.172   1.00 10.00 ? 15 HIS A NE2  1 
ATOM   254  H  H    . HIS A 1 18 ? 4.769   -0.380  6.845   1.00 10.00 ? 15 HIS A H    1 
ATOM   255  H  HA   . HIS A 1 18 ? 7.068   -0.955  5.134   1.00 10.00 ? 15 HIS A HA   1 
ATOM   256  H  HB2  . HIS A 1 18 ? 4.565   0.727   4.845   1.00 10.00 ? 15 HIS A HB2  1 
ATOM   257  H  HB3  . HIS A 1 18 ? 5.820   0.709   3.614   1.00 10.00 ? 15 HIS A HB3  1 
ATOM   258  H  HD1  . HIS A 1 18 ? 6.063   -1.385  2.130   1.00 10.00 ? 15 HIS A HD1  1 
ATOM   259  H  HD2  . HIS A 1 18 ? 3.040   -1.501  5.019   1.00 10.00 ? 15 HIS A HD2  1 
ATOM   260  H  HE1  . HIS A 1 18 ? 4.359   -3.149  1.328   1.00 10.00 ? 15 HIS A HE1  1 
ATOM   261  N  N    . SER A 1 19 ? 7.144   1.890   6.687   1.00 10.00 ? 16 SER A N    1 
ATOM   262  C  CA   . SER A 1 19 ? 7.952   3.086   6.933   1.00 10.00 ? 16 SER A CA   1 
ATOM   263  C  C    . SER A 1 19 ? 9.398   2.706   7.272   1.00 10.00 ? 16 SER A C    1 
ATOM   264  O  O    . SER A 1 19 ? 10.346  3.226   6.686   1.00 10.00 ? 16 SER A O    1 
ATOM   265  C  CB   . SER A 1 19 ? 7.318   3.918   8.055   1.00 10.00 ? 16 SER A CB   1 
ATOM   266  O  OG   . SER A 1 19 ? 7.992   5.151   8.195   1.00 10.00 ? 16 SER A OG   1 
ATOM   267  H  H    . SER A 1 19 ? 6.428   1.631   7.349   1.00 10.00 ? 16 SER A H    1 
ATOM   268  H  HA   . SER A 1 19 ? 7.961   3.698   6.030   1.00 10.00 ? 16 SER A HA   1 
ATOM   269  H  HB2  . SER A 1 19 ? 6.277   4.119   7.802   1.00 10.00 ? 16 SER A HB2  1 
ATOM   270  H  HB3  . SER A 1 19 ? 7.363   3.370   8.998   1.00 10.00 ? 16 SER A HB3  1 
ATOM   271  H  HG   . SER A 1 19 ? 7.535   5.686   8.852   1.00 10.00 ? 16 SER A HG   1 
ATOM   272  N  N    . MET A 1 20 ? 9.553   1.757   8.203   1.00 10.00 ? 17 MET A N    1 
ATOM   273  C  CA   . MET A 1 20 ? 10.844  1.248   8.661   1.00 10.00 ? 17 MET A CA   1 
ATOM   274  C  C    . MET A 1 20 ? 11.241  -0.065  7.963   1.00 10.00 ? 17 MET A C    1 
ATOM   275  O  O    . MET A 1 20 ? 12.427  -0.352  7.811   1.00 10.00 ? 17 MET A O    1 
ATOM   276  C  CB   . MET A 1 20 ? 10.788  1.078   10.191  1.00 10.00 ? 17 MET A CB   1 
ATOM   277  C  CG   . MET A 1 20 ? 11.918  1.843   10.890  1.00 10.00 ? 17 MET A CG   1 
ATOM   278  S  SD   . MET A 1 20 ? 11.878  3.645   10.710  1.00 10.00 ? 17 MET A SD   1 
ATOM   279  C  CE   . MET A 1 20 ? 13.315  4.083   11.703  1.00 10.00 ? 17 MET A CE   1 
ATOM   280  H  H    . MET A 1 20 ? 8.718   1.374   8.624   1.00 10.00 ? 17 MET A H    1 
ATOM   281  H  HA   . MET A 1 20 ? 11.622  1.972   8.417   1.00 10.00 ? 17 MET A HA   1 
ATOM   282  H  HB2  . MET A 1 20 ? 9.838   1.445   10.585  1.00 10.00 ? 17 MET A HB2  1 
ATOM   283  H  HB3  . MET A 1 20 ? 10.880  0.024   10.449  1.00 10.00 ? 17 MET A HB3  1 
ATOM   284  H  HG2  . MET A 1 20 ? 11.863  1.627   11.957  1.00 10.00 ? 17 MET A HG2  1 
ATOM   285  H  HG3  . MET A 1 20 ? 12.875  1.486   10.512  1.00 10.00 ? 17 MET A HG3  1 
ATOM   286  H  HE1  . MET A 1 20 ? 13.159  3.746   12.726  1.00 10.00 ? 17 MET A HE1  1 
ATOM   287  H  HE2  . MET A 1 20 ? 14.199  3.607   11.282  1.00 10.00 ? 17 MET A HE2  1 
ATOM   288  H  HE3  . MET A 1 20 ? 13.435  5.164   11.684  1.00 10.00 ? 17 MET A HE3  1 
ATOM   289  N  N    . GLY A 1 21 ? 10.253  -0.876  7.568   1.00 10.00 ? 18 GLY A N    1 
ATOM   290  C  CA   . GLY A 1 21 ? 10.440  -2.228  7.042   1.00 10.00 ? 18 GLY A CA   1 
ATOM   291  C  C    . GLY A 1 21 ? 10.372  -3.291  8.148   1.00 10.00 ? 18 GLY A C    1 
ATOM   292  O  O    . GLY A 1 21 ? 11.194  -4.204  8.199   1.00 10.00 ? 18 GLY A O    1 
ATOM   293  H  H    . GLY A 1 21 ? 9.292   -0.577  7.697   1.00 10.00 ? 18 GLY A H    1 
ATOM   294  H  HA2  . GLY A 1 21 ? 9.631   -2.424  6.341   1.00 10.00 ? 18 GLY A HA2  1 
ATOM   295  H  HA3  . GLY A 1 21 ? 11.381  -2.311  6.499   1.00 10.00 ? 18 GLY A HA3  1 
ATOM   296  N  N    . VAL A 1 22 ? 9.374   -3.186  9.033   1.00 10.00 ? 19 VAL A N    1 
ATOM   297  C  CA   . VAL A 1 22 ? 9.115   -4.154  10.097  1.00 10.00 ? 19 VAL A CA   1 
ATOM   298  C  C    . VAL A 1 22 ? 8.277   -5.307  9.531   1.00 10.00 ? 19 VAL A C    1 
ATOM   299  O  O    . VAL A 1 22 ? 7.649   -5.182  8.481   1.00 10.00 ? 19 VAL A O    1 
ATOM   300  C  CB   . VAL A 1 22 ? 8.450   -3.473  11.312  1.00 10.00 ? 19 VAL A CB   1 
ATOM   301  C  CG1  . VAL A 1 22 ? 8.316   -4.424  12.510  1.00 10.00 ? 19 VAL A CG1  1 
ATOM   302  C  CG2  . VAL A 1 22 ? 9.258   -2.249  11.761  1.00 10.00 ? 19 VAL A CG2  1 
ATOM   303  H  H    . VAL A 1 22 ? 8.664   -2.492  8.845   1.00 10.00 ? 19 VAL A H    1 
ATOM   304  H  HA   . VAL A 1 22 ? 10.069  -4.562  10.433  1.00 10.00 ? 19 VAL A HA   1 
ATOM   305  H  HB   . VAL A 1 22 ? 7.451   -3.135  11.044  1.00 10.00 ? 19 VAL A HB   1 
ATOM   306  H  HG11 . VAL A 1 22 ? 7.583   -5.204  12.303  1.00 10.00 ? 19 VAL A HG11 1 
ATOM   307  H  HG12 . VAL A 1 22 ? 9.280   -4.879  12.743  1.00 10.00 ? 19 VAL A HG12 1 
ATOM   308  H  HG13 . VAL A 1 22 ? 7.968   -3.873  13.384  1.00 10.00 ? 19 VAL A HG13 1 
ATOM   309  H  HG21 . VAL A 1 22 ? 10.292  -2.533  11.959  1.00 10.00 ? 19 VAL A HG21 1 
ATOM   310  H  HG22 . VAL A 1 22 ? 9.230   -1.483  10.989  1.00 10.00 ? 19 VAL A HG22 1 
ATOM   311  H  HG23 . VAL A 1 22 ? 8.824   -1.827  12.668  1.00 10.00 ? 19 VAL A HG23 1 
ATOM   312  N  N    . ALA A 1 23 ? 8.336   -6.469  10.187  1.00 10.00 ? 20 ALA A N    1 
ATOM   313  C  CA   . ALA A 1 23 ? 7.701   -7.711  9.736   1.00 10.00 ? 20 ALA A CA   1 
ATOM   314  C  C    . ALA A 1 23 ? 8.157   -8.134  8.327   1.00 10.00 ? 20 ALA A C    1 
ATOM   315  O  O    . ALA A 1 23 ? 7.446   -8.842  7.619   1.00 10.00 ? 20 ALA A O    1 
ATOM   316  C  CB   . ALA A 1 23 ? 6.178   -7.570  9.825   1.00 10.00 ? 20 ALA A CB   1 
ATOM   317  H  H    . ALA A 1 23 ? 8.879   -6.481  11.035  1.00 10.00 ? 20 ALA A H    1 
ATOM   318  H  HA   . ALA A 1 23 ? 8.002   -8.506  10.419  1.00 10.00 ? 20 ALA A HA   1 
ATOM   319  H  HB1  . ALA A 1 23 ? 5.897   -7.246  10.827  1.00 10.00 ? 20 ALA A HB1  1 
ATOM   320  H  HB2  . ALA A 1 23 ? 5.824   -6.840  9.098   1.00 10.00 ? 20 ALA A HB2  1 
ATOM   321  H  HB3  . ALA A 1 23 ? 5.706   -8.530  9.617   1.00 10.00 ? 20 ALA A HB3  1 
ATOM   322  N  N    . GLY A 1 24 ? 9.342   -7.672  7.916   1.00 10.00 ? 21 GLY A N    1 
ATOM   323  C  CA   . GLY A 1 24 ? 9.876   -7.872  6.575   1.00 10.00 ? 21 GLY A CA   1 
ATOM   324  C  C    . GLY A 1 24 ? 9.138   -7.066  5.498   1.00 10.00 ? 21 GLY A C    1 
ATOM   325  O  O    . GLY A 1 24 ? 9.242   -7.391  4.318   1.00 10.00 ? 21 GLY A O    1 
ATOM   326  H  H    . GLY A 1 24 ? 9.843   -7.060  8.540   1.00 10.00 ? 21 GLY A H    1 
ATOM   327  H  HA2  . GLY A 1 24 ? 10.922  -7.565  6.567   1.00 10.00 ? 21 GLY A HA2  1 
ATOM   328  H  HA3  . GLY A 1 24 ? 9.828   -8.931  6.313   1.00 10.00 ? 21 GLY A HA3  1 
ATOM   329  N  N    . ALA A 1 25 ? 8.395   -6.014  5.870   1.00 10.00 ? 22 ALA A N    1 
ATOM   330  C  CA   . ALA A 1 25 ? 7.664   -5.234  4.882   1.00 10.00 ? 22 ALA A CA   1 
ATOM   331  C  C    . ALA A 1 25 ? 8.609   -4.499  3.912   1.00 10.00 ? 22 ALA A C    1 
ATOM   332  O  O    . ALA A 1 25 ? 9.636   -3.957  4.320   1.00 10.00 ? 22 ALA A O    1 
ATOM   333  C  CB   . ALA A 1 25 ? 6.679   -4.266  5.542   1.00 10.00 ? 22 ALA A CB   1 
ATOM   334  H  H    . ALA A 1 25 ? 8.304   -5.766  6.850   1.00 10.00 ? 22 ALA A H    1 
ATOM   335  H  HA   . ALA A 1 25 ? 7.070   -5.967  4.342   1.00 10.00 ? 22 ALA A HA   1 
ATOM   336  H  HB1  . ALA A 1 25 ? 5.985   -4.815  6.176   1.00 10.00 ? 22 ALA A HB1  1 
ATOM   337  H  HB2  . ALA A 1 25 ? 7.215   -3.538  6.146   1.00 10.00 ? 22 ALA A HB2  1 
ATOM   338  H  HB3  . ALA A 1 25 ? 6.103   -3.744  4.772   1.00 10.00 ? 22 ALA A HB3  1 
ATOM   339  N  N    . PRO A 1 26 ? 8.253   -4.466  2.623   1.00 10.00 ? 23 PRO A N    1 
ATOM   340  C  CA   . PRO A 1 26 ? 9.012   -3.798  1.577   1.00 10.00 ? 23 PRO A CA   1 
ATOM   341  C  C    . PRO A 1 26 ? 8.878   -2.279  1.710   1.00 10.00 ? 23 PRO A C    1 
ATOM   342  O  O    . PRO A 1 26 ? 7.814   -1.778  2.068   1.00 10.00 ? 23 PRO A O    1 
ATOM   343  C  CB   . PRO A 1 26 ? 8.345   -4.296  0.316   1.00 10.00 ? 23 PRO A CB   1 
ATOM   344  C  CG   . PRO A 1 26 ? 6.889   -4.517  0.677   1.00 10.00 ? 23 PRO A CG   1 
ATOM   345  C  CD   . PRO A 1 26 ? 7.027   -5.044  2.093   1.00 10.00 ? 23 PRO A CD   1 
ATOM   346  H  HA   . PRO A 1 26 ? 10.073  -4.058  1.499   1.00 10.00 ? 23 PRO A HA   1 
ATOM   347  H  HB2  . PRO A 1 26 ? 8.461   -3.528  -0.419  1.00 10.00 ? 23 PRO A HB2  1 
ATOM   348  H  HB3  . PRO A 1 26 ? 8.797   -5.240  0.009   1.00 10.00 ? 23 PRO A HB3  1 
ATOM   349  H  HG2  . PRO A 1 26 ? 6.385   -3.558  0.685   1.00 10.00 ? 23 PRO A HG2  1 
ATOM   350  H  HG3  . PRO A 1 26 ? 6.389   -5.218  0.006   1.00 10.00 ? 23 PRO A HG3  1 
ATOM   351  H  HD2  . PRO A 1 26 ? 6.143   -4.773  2.668   1.00 10.00 ? 23 PRO A HD2  1 
ATOM   352  H  HD3  . PRO A 1 26 ? 7.147   -6.124  2.060   1.00 10.00 ? 23 PRO A HD3  1 
ATOM   353  N  N    . LYS A 1 27 ? 9.925   -1.517  1.391   1.00 10.00 ? 24 LYS A N    1 
ATOM   354  C  CA   . LYS A 1 27 ? 9.928   -0.095  1.727   1.00 10.00 ? 24 LYS A CA   1 
ATOM   355  C  C    . LYS A 1 27 ? 8.917   0.707   0.899   1.00 10.00 ? 24 LYS A C    1 
ATOM   356  O  O    . LYS A 1 27 ? 8.568   0.349   -0.237  1.00 10.00 ? 24 LYS A O    1 
ATOM   357  C  CB   . LYS A 1 27 ? 11.328  0.521   1.617   1.00 10.00 ? 24 LYS A CB   1 
ATOM   358  C  CG   . LYS A 1 27 ? 12.296  -0.074  2.646   1.00 10.00 ? 24 LYS A CG   1 
ATOM   359  C  CD   . LYS A 1 27 ? 13.719  0.431   2.375   1.00 10.00 ? 24 LYS A CD   1 
ATOM   360  C  CE   . LYS A 1 27 ? 14.688  -0.117  3.430   1.00 10.00 ? 24 LYS A CE   1 
ATOM   361  N  NZ   . LYS A 1 27 ? 16.093  0.170   3.068   1.00 10.00 ? 24 LYS A NZ   1 
ATOM   362  H  H    . LYS A 1 27 ? 10.674  -1.943  0.848   1.00 10.00 ? 24 LYS A H    1 
ATOM   363  H  HA   . LYS A 1 27 ? 9.628   -0.004  2.774   1.00 10.00 ? 24 LYS A HA   1 
ATOM   364  H  HB2  . LYS A 1 27 ? 11.694  0.381   0.605   1.00 10.00 ? 24 LYS A HB2  1 
ATOM   365  H  HB3  . LYS A 1 27 ? 11.264  1.595   1.802   1.00 10.00 ? 24 LYS A HB3  1 
ATOM   366  H  HG2  . LYS A 1 27 ? 11.975  0.227   3.647   1.00 10.00 ? 24 LYS A HG2  1 
ATOM   367  H  HG3  . LYS A 1 27 ? 12.272  -1.163  2.586   1.00 10.00 ? 24 LYS A HG3  1 
ATOM   368  H  HD2  . LYS A 1 27 ? 14.019  0.096   1.381   1.00 10.00 ? 24 LYS A HD2  1 
ATOM   369  H  HD3  . LYS A 1 27 ? 13.725  1.524   2.387   1.00 10.00 ? 24 LYS A HD3  1 
ATOM   370  H  HE2  . LYS A 1 27 ? 14.452  0.334   4.398   1.00 10.00 ? 24 LYS A HE2  1 
ATOM   371  H  HE3  . LYS A 1 27 ? 14.552  -1.198  3.518   1.00 10.00 ? 24 LYS A HE3  1 
ATOM   372  H  HZ1  . LYS A 1 27 ? 16.321  -0.275  2.189   1.00 10.00 ? 24 LYS A HZ1  1 
ATOM   373  H  HZ2  . LYS A 1 27 ? 16.233  1.166   2.973   1.00 10.00 ? 24 LYS A HZ2  1 
ATOM   374  H  HZ3  . LYS A 1 27 ? 16.717  -0.182  3.783   1.00 10.00 ? 24 LYS A HZ3  1 
ATOM   375  N  N    . SER A 1 28 ? 8.493   1.827   1.489   1.00 10.00 ? 25 SER A N    1 
ATOM   376  C  CA   . SER A 1 28 ? 7.722   2.898   0.877   1.00 10.00 ? 25 SER A CA   1 
ATOM   377  C  C    . SER A 1 28 ? 8.418   3.488   -0.359  1.00 10.00 ? 25 SER A C    1 
ATOM   378  O  O    . SER A 1 28 ? 7.755   3.783   -1.346  1.00 10.00 ? 25 SER A O    1 
ATOM   379  C  CB   . SER A 1 28 ? 7.493   3.971   1.949   1.00 10.00 ? 25 SER A CB   1 
ATOM   380  O  OG   . SER A 1 28 ? 8.706   4.172   2.661   1.00 10.00 ? 25 SER A OG   1 
ATOM   381  H  H    . SER A 1 28 ? 8.814   2.029   2.432   1.00 10.00 ? 25 SER A H    1 
ATOM   382  H  HA   . SER A 1 28 ? 6.752   2.506   0.576   1.00 10.00 ? 25 SER A HA   1 
ATOM   383  H  HB2  . SER A 1 28 ? 7.153   4.905   1.495   1.00 10.00 ? 25 SER A HB2  1 
ATOM   384  H  HB3  . SER A 1 28 ? 6.721   3.618   2.639   1.00 10.00 ? 25 SER A HB3  1 
ATOM   385  H  HG   . SER A 1 28 ? 8.525   4.633   3.487   1.00 10.00 ? 25 SER A HG   1 
ATOM   386  N  N    . HIS A 1 29 ? 9.744   3.653   -0.315  1.00 10.00 ? 26 HIS A N    1 
ATOM   387  C  CA   . HIS A 1 29 ? 10.527  4.257   -1.398  1.00 10.00 ? 26 HIS A CA   1 
ATOM   388  C  C    . HIS A 1 29 ? 11.779  3.435   -1.761  1.00 10.00 ? 26 HIS A C    1 
ATOM   389  O  O    . HIS A 1 29 ? 12.913  3.806   -1.473  1.00 10.00 ? 26 HIS A O    1 
ATOM   390  C  CB   . HIS A 1 29 ? 10.791  5.741   -1.097  1.00 10.00 ? 26 HIS A CB   1 
ATOM   391  C  CG   . HIS A 1 29 ? 11.849  6.047   -0.062  1.00 10.00 ? 26 HIS A CG   1 
ATOM   392  N  ND1  . HIS A 1 29 ? 12.843  6.987   -0.211  1.00 10.00 ? 26 HIS A ND1  1 
ATOM   393  C  CD2  . HIS A 1 29 ? 12.066  5.407   1.131   1.00 10.00 ? 26 HIS A CD2  1 
ATOM   394  C  CE1  . HIS A 1 29 ? 13.638  6.914   0.869   1.00 10.00 ? 26 HIS A CE1  1 
ATOM   395  N  NE2  . HIS A 1 29 ? 13.206  5.966   1.715   1.00 10.00 ? 26 HIS A NE2  1 
ATOM   396  H  H    . HIS A 1 29 ? 10.202  3.413   0.551   1.00 10.00 ? 26 HIS A H    1 
ATOM   397  H  HA   . HIS A 1 29 ? 9.923   4.258   -2.308  1.00 10.00 ? 26 HIS A HA   1 
ATOM   398  H  HB2  . HIS A 1 29 ? 11.100  6.214   -2.030  1.00 10.00 ? 26 HIS A HB2  1 
ATOM   399  H  HB3  . HIS A 1 29 ? 9.856   6.210   -0.786  1.00 10.00 ? 26 HIS A HB3  1 
ATOM   400  H  HD1  . HIS A 1 29 ? 12.962  7.607   -0.997  1.00 10.00 ? 26 HIS A HD1  1 
ATOM   401  H  HD2  . HIS A 1 29 ? 11.491  4.592   1.542   1.00 10.00 ? 26 HIS A HD2  1 
ATOM   402  H  HE1  . HIS A 1 29 ? 14.510  7.530   1.030   1.00 10.00 ? 26 HIS A HE1  1 
ATOM   403  N  N    . ASN A 1 30 ? 11.554  2.309   -2.437  1.00 10.00 ? 27 ASN A N    1 
ATOM   404  C  CA   . ASN A 1 30 ? 12.574  1.496   -3.098  1.00 10.00 ? 27 ASN A CA   1 
ATOM   405  C  C    . ASN A 1 30 ? 12.352  1.565   -4.620  1.00 10.00 ? 27 ASN A C    1 
ATOM   406  O  O    . ASN A 1 30 ? 11.269  1.951   -5.057  1.00 10.00 ? 27 ASN A O    1 
ATOM   407  C  CB   . ASN A 1 30 ? 12.410  0.044   -2.616  1.00 10.00 ? 27 ASN A CB   1 
ATOM   408  C  CG   . ASN A 1 30 ? 13.286  -0.373  -1.442  1.00 10.00 ? 27 ASN A CG   1 
ATOM   409  O  OD1  . ASN A 1 30 ? 14.330  0.206   -1.171  1.00 10.00 ? 27 ASN A OD1  1 
ATOM   410  N  ND2  . ASN A 1 30 ? 12.889  -1.421  -0.731  1.00 10.00 ? 27 ASN A ND2  1 
ATOM   411  H  H    . ASN A 1 30 ? 10.597  2.116   -2.692  1.00 10.00 ? 27 ASN A H    1 
ATOM   412  H  HA   . ASN A 1 30 ? 13.581  1.864   -2.897  1.00 10.00 ? 27 ASN A HA   1 
ATOM   413  H  HB2  . ASN A 1 30 ? 11.374  -0.107  -2.318  1.00 10.00 ? 27 ASN A HB2  1 
ATOM   414  H  HB3  . ASN A 1 30 ? 12.650  -0.635  -3.432  1.00 10.00 ? 27 ASN A HB3  1 
ATOM   415  H  HD21 . ASN A 1 30 ? 12.013  -1.924  -0.931  1.00 10.00 ? 27 ASN A HD21 1 
ATOM   416  H  HD22 . ASN A 1 30 ? 13.501  -1.765  -0.016  1.00 10.00 ? 27 ASN A HD22 1 
ATOM   417  N  N    . THR A 1 31 ? 13.330  1.123   -5.422  1.00 10.00 ? 28 THR A N    1 
ATOM   418  C  CA   . THR A 1 31 ? 13.092  0.868   -6.853  1.00 10.00 ? 28 THR A CA   1 
ATOM   419  C  C    . THR A 1 31 ? 13.052  -0.632  -7.161  1.00 10.00 ? 28 THR A C    1 
ATOM   420  O  O    . THR A 1 31 ? 12.156  -1.083  -7.864  1.00 10.00 ? 28 THR A O    1 
ATOM   421  C  CB   . THR A 1 31 ? 14.203  1.545   -7.675  1.00 10.00 ? 28 THR A CB   1 
ATOM   422  O  OG1  . THR A 1 31 ? 14.014  2.940   -7.610  1.00 10.00 ? 28 THR A OG1  1 
ATOM   423  C  CG2  . THR A 1 31 ? 14.211  1.137   -9.153  1.00 10.00 ? 28 THR A CG2  1 
ATOM   424  H  H    . THR A 1 31 ? 14.229  0.918   -5.019  1.00 10.00 ? 28 THR A H    1 
ATOM   425  H  HA   . THR A 1 31 ? 12.145  1.290   -7.193  1.00 10.00 ? 28 THR A HA   1 
ATOM   426  H  HB   . THR A 1 31 ? 15.179  1.300   -7.251  1.00 10.00 ? 28 THR A HB   1 
ATOM   427  H  HG1  . THR A 1 31 ? 14.329  3.328   -8.429  1.00 10.00 ? 28 THR A HG1  1 
ATOM   428  H  HG21 . THR A 1 31 ? 14.479  0.085   -9.266  1.00 10.00 ? 28 THR A HG21 1 
ATOM   429  H  HG22 . THR A 1 31 ? 13.231  1.307   -9.598  1.00 10.00 ? 28 THR A HG22 1 
ATOM   430  H  HG23 . THR A 1 31 ? 14.955  1.724   -9.692  1.00 10.00 ? 28 THR A HG23 1 
ATOM   431  N  N    . ALA A 1 32 ? 13.884  -1.443  -6.502  1.00 10.00 ? 29 ALA A N    1 
ATOM   432  C  CA   . ALA A 1 32 ? 13.977  -2.873  -6.811  1.00 10.00 ? 29 ALA A CA   1 
ATOM   433  C  C    . ALA A 1 32 ? 12.825  -3.689  -6.214  1.00 10.00 ? 29 ALA A C    1 
ATOM   434  O  O    . ALA A 1 32 ? 12.502  -4.778  -6.675  1.00 10.00 ? 29 ALA A O    1 
ATOM   435  C  CB   . ALA A 1 32 ? 15.317  -3.396  -6.310  1.00 10.00 ? 29 ALA A CB   1 
ATOM   436  H  H    . ALA A 1 32 ? 14.575  -1.045  -5.887  1.00 10.00 ? 29 ALA A H    1 
ATOM   437  H  HA   . ALA A 1 32 ? 13.958  -3.013  -7.891  1.00 10.00 ? 29 ALA A HA   1 
ATOM   438  H  HB1  . ALA A 1 32 ? 16.121  -2.836  -6.786  1.00 10.00 ? 29 ALA A HB1  1 
ATOM   439  H  HB2  . ALA A 1 32 ? 15.375  -3.285  -5.228  1.00 10.00 ? 29 ALA A HB2  1 
ATOM   440  H  HB3  . ALA A 1 32 ? 15.405  -4.449  -6.576  1.00 10.00 ? 29 ALA A HB3  1 
ATOM   441  N  N    . ASP A 1 33 ? 12.212  -3.141  -5.168  1.00 10.00 ? 30 ASP A N    1 
ATOM   442  C  CA   . ASP A 1 33 ? 11.092  -3.699  -4.434  1.00 10.00 ? 30 ASP A CA   1 
ATOM   443  C  C    . ASP A 1 33 ? 9.768   -3.432  -5.192  1.00 10.00 ? 30 ASP A C    1 
ATOM   444  O  O    . ASP A 1 33 ? 8.791   -4.173  -5.086  1.00 10.00 ? 30 ASP A O    1 
ATOM   445  C  CB   . ASP A 1 33 ? 11.195  -2.989  -3.079  1.00 10.00 ? 30 ASP A CB   1 
ATOM   446  C  CG   . ASP A 1 33 ? 10.555  -3.653  -1.906  1.00 10.00 ? 30 ASP A CG   1 
ATOM   447  O  OD1  . ASP A 1 33 ? 9.875   -4.676  -2.108  1.00 10.00 ? 30 ASP A OD1  1 
ATOM   448  O  OD2  . ASP A 1 33 ? 10.744  -3.042  -0.828  1.00 10.00 ? 30 ASP A OD2  1 
ATOM   449  H  H    . ASP A 1 33 ? 12.544  -2.244  -4.860  1.00 10.00 ? 30 ASP A H    1 
ATOM   450  H  HA   . ASP A 1 33 ? 11.234  -4.775  -4.308  1.00 10.00 ? 30 ASP A HA   1 
ATOM   451  H  HB2  . ASP A 1 33 ? 12.233  -2.930  -2.763  1.00 10.00 ? 30 ASP A HB2  1 
ATOM   452  H  HB3  . ASP A 1 33 ? 10.737  -2.011  -3.122  1.00 10.00 ? 30 ASP A HB3  1 
ATOM   453  N  N    . TRP A 1 34 ? 9.757   -2.353  -5.987  1.00 10.00 ? 31 TRP A N    1 
ATOM   454  C  CA   . TRP A 1 34 ? 8.633   -1.882  -6.795  1.00 10.00 ? 31 TRP A CA   1 
ATOM   455  C  C    . TRP A 1 34 ? 8.731   -2.367  -8.261  1.00 10.00 ? 31 TRP A C    1 
ATOM   456  O  O    . TRP A 1 34 ? 7.709   -2.701  -8.864  1.00 10.00 ? 31 TRP A O    1 
ATOM   457  C  CB   . TRP A 1 34 ? 8.540   -0.352  -6.634  1.00 10.00 ? 31 TRP A CB   1 
ATOM   458  C  CG   . TRP A 1 34 ? 8.216   0.138   -5.240  1.00 10.00 ? 31 TRP A CG   1 
ATOM   459  C  CD1  . TRP A 1 34 ? 9.082   0.157   -4.204  1.00 10.00 ? 31 TRP A CD1  1 
ATOM   460  C  CD2  . TRP A 1 34 ? 6.960   0.647   -4.686  1.00 10.00 ? 31 TRP A CD2  1 
ATOM   461  N  NE1  . TRP A 1 34 ? 8.459   0.560   -3.045  1.00 10.00 ? 31 TRP A NE1  1 
ATOM   462  C  CE2  . TRP A 1 34 ? 7.143   0.858   -3.285  1.00 10.00 ? 31 TRP A CE2  1 
ATOM   463  C  CE3  . TRP A 1 34 ? 5.684   0.953   -5.208  1.00 10.00 ? 31 TRP A CE3  1 
ATOM   464  C  CZ2  . TRP A 1 34 ? 6.105   1.239   -2.433  1.00 10.00 ? 31 TRP A CZ2  1 
ATOM   465  C  CZ3  . TRP A 1 34 ? 4.636   1.360   -4.358  1.00 10.00 ? 31 TRP A CZ3  1 
ATOM   466  C  CH2  . TRP A 1 34 ? 4.829   1.417   -2.970  1.00 10.00 ? 31 TRP A CH2  1 
ATOM   467  H  H    . TRP A 1 34 ? 10.611  -1.820  -6.050  1.00 10.00 ? 31 TRP A H    1 
ATOM   468  H  HA   . TRP A 1 34 ? 7.704   -2.301  -6.406  1.00 10.00 ? 31 TRP A HA   1 
ATOM   469  H  HB2  . TRP A 1 34 ? 9.506   0.071   -6.921  1.00 10.00 ? 31 TRP A HB2  1 
ATOM   470  H  HB3  . TRP A 1 34 ? 7.780   0.029   -7.317  1.00 10.00 ? 31 TRP A HB3  1 
ATOM   471  H  HD1  . TRP A 1 34 ? 10.107  -0.135  -4.268  1.00 10.00 ? 31 TRP A HD1  1 
ATOM   472  H  HE1  . TRP A 1 34 ? 8.900   0.613   -2.130  1.00 10.00 ? 31 TRP A HE1  1 
ATOM   473  H  HE3  . TRP A 1 34 ? 5.517   0.871   -6.271  1.00 10.00 ? 31 TRP A HE3  1 
ATOM   474  H  HZ2  . TRP A 1 34 ? 6.273   1.364   -1.375  1.00 10.00 ? 31 TRP A HZ2  1 
ATOM   475  H  HZ3  . TRP A 1 34 ? 3.642   1.548   -4.739  1.00 10.00 ? 31 TRP A HZ3  1 
ATOM   476  H  HH2  . TRP A 1 34 ? 3.998   1.613   -2.313  1.00 10.00 ? 31 TRP A HH2  1 
ATOM   477  N  N    . GLU A 1 35 ? 9.945   -2.484  -8.827  1.00 10.00 ? 32 GLU A N    1 
ATOM   478  C  CA   . GLU A 1 35 ? 10.185  -3.087  -10.145 1.00 10.00 ? 32 GLU A CA   1 
ATOM   479  C  C    . GLU A 1 35 ? 9.347   -4.356  -10.429 1.00 10.00 ? 32 GLU A C    1 
ATOM   480  O  O    . GLU A 1 35 ? 8.518   -4.339  -11.339 1.00 10.00 ? 32 GLU A O    1 
ATOM   481  C  CB   . GLU A 1 35 ? 11.691  -3.330  -10.349 1.00 10.00 ? 32 GLU A CB   1 
ATOM   482  C  CG   . GLU A 1 35 ? 12.378  -2.135  -11.031 1.00 10.00 ? 32 GLU A CG   1 
ATOM   483  C  CD   . GLU A 1 35 ? 13.881  -2.321  -11.214 1.00 10.00 ? 32 GLU A CD   1 
ATOM   484  O  OE1  . GLU A 1 35 ? 14.491  -2.972  -10.339 1.00 10.00 ? 32 GLU A OE1  1 
ATOM   485  O  OE2  . GLU A 1 35 ? 14.393  -1.792  -12.222 1.00 10.00 ? 32 GLU A OE2  1 
ATOM   486  H  H    . GLU A 1 35 ? 10.767  -2.146  -8.328  1.00 10.00 ? 32 GLU A H    1 
ATOM   487  H  HA   . GLU A 1 35 ? 9.871   -2.355  -10.891 1.00 10.00 ? 32 GLU A HA   1 
ATOM   488  H  HB2  . GLU A 1 35 ? 12.173  -3.524  -9.390  1.00 10.00 ? 32 GLU A HB2  1 
ATOM   489  H  HB3  . GLU A 1 35 ? 11.850  -4.201  -10.988 1.00 10.00 ? 32 GLU A HB3  1 
ATOM   490  H  HG2  . GLU A 1 35 ? 11.946  -1.988  -12.021 1.00 10.00 ? 32 GLU A HG2  1 
ATOM   491  H  HG3  . GLU A 1 35 ? 12.226  -1.229  -10.447 1.00 10.00 ? 32 GLU A HG3  1 
ATOM   492  N  N    . PRO A 1 36 ? 9.465   -5.445  -9.643  1.00 10.00 ? 33 PRO A N    1 
ATOM   493  C  CA   . PRO A 1 36 ? 8.718   -6.685  -9.861  1.00 10.00 ? 33 PRO A CA   1 
ATOM   494  C  C    . PRO A 1 36 ? 7.247   -6.588  -9.408  1.00 10.00 ? 33 PRO A C    1 
ATOM   495  O  O    . PRO A 1 36 ? 6.645   -7.591  -9.018  1.00 10.00 ? 33 PRO A O    1 
ATOM   496  C  CB   . PRO A 1 36 ? 9.496   -7.734  -9.058  1.00 10.00 ? 33 PRO A CB   1 
ATOM   497  C  CG   . PRO A 1 36 ? 9.967   -6.922  -7.853  1.00 10.00 ? 33 PRO A CG   1 
ATOM   498  C  CD   . PRO A 1 36 ? 10.350  -5.594  -8.501  1.00 10.00 ? 33 PRO A CD   1 
ATOM   499  H  HA   . PRO A 1 36 ? 8.729   -6.961  -10.916 1.00 10.00 ? 33 PRO A HA   1 
ATOM   500  H  HB2  . PRO A 1 36 ? 8.907   -8.607  -8.774  1.00 10.00 ? 33 PRO A HB2  1 
ATOM   501  H  HB3  . PRO A 1 36 ? 10.367  -8.053  -9.634  1.00 10.00 ? 33 PRO A HB3  1 
ATOM   502  H  HG2  . PRO A 1 36 ? 9.138   -6.768  -7.161  1.00 10.00 ? 33 PRO A HG2  1 
ATOM   503  H  HG3  . PRO A 1 36 ? 10.810  -7.384  -7.336  1.00 10.00 ? 33 PRO A HG3  1 
ATOM   504  H  HD2  . PRO A 1 36 ? 10.230  -4.794  -7.773  1.00 10.00 ? 33 PRO A HD2  1 
ATOM   505  H  HD3  . PRO A 1 36 ? 11.383  -5.652  -8.846  1.00 10.00 ? 33 PRO A HD3  1 
ATOM   506  N  N    . ARG A 1 37 ? 6.675   -5.380  -9.427  1.00 10.00 ? 34 ARG A N    1 
ATOM   507  C  CA   . ARG A 1 37 ? 5.268   -5.077  -9.206  1.00 10.00 ? 34 ARG A CA   1 
ATOM   508  C  C    . ARG A 1 37 ? 4.759   -4.224  -10.384 1.00 10.00 ? 34 ARG A C    1 
ATOM   509  O  O    . ARG A 1 37 ? 3.841   -4.618  -11.108 1.00 10.00 ? 34 ARG A O    1 
ATOM   510  C  CB   . ARG A 1 37 ? 5.123   -4.400  -7.829  1.00 10.00 ? 34 ARG A CB   1 
ATOM   511  C  CG   . ARG A 1 37 ? 5.807   -5.180  -6.691  1.00 10.00 ? 34 ARG A CG   1 
ATOM   512  C  CD   . ARG A 1 37 ? 5.102   -6.511  -6.412  1.00 10.00 ? 34 ARG A CD   1 
ATOM   513  N  NE   . ARG A 1 37 ? 6.061   -7.626  -6.316  1.00 10.00 ? 34 ARG A NE   1 
ATOM   514  C  CZ   . ARG A 1 37 ? 6.342   -8.297  -5.192  1.00 10.00 ? 34 ARG A CZ   1 
ATOM   515  N  NH1  . ARG A 1 37 ? 6.134   -7.743  -4.012  1.00 10.00 ? 34 ARG A NH1  1 
ATOM   516  N  NH2  . ARG A 1 37 ? 6.823   -9.532  -5.224  1.00 10.00 ? 34 ARG A NH2  1 
ATOM   517  H  H    . ARG A 1 37 ? 7.255   -4.586  -9.668  1.00 10.00 ? 34 ARG A H    1 
ATOM   518  H  HA   . ARG A 1 37 ? 4.684   -5.997  -9.230  1.00 10.00 ? 34 ARG A HA   1 
ATOM   519  H  HB2  . ARG A 1 37 ? 5.598   -3.424  -7.856  1.00 10.00 ? 34 ARG A HB2  1 
ATOM   520  H  HB3  . ARG A 1 37 ? 4.068   -4.262  -7.601  1.00 10.00 ? 34 ARG A HB3  1 
ATOM   521  H  HG2  . ARG A 1 37 ? 6.860   -5.340  -6.922  1.00 10.00 ? 34 ARG A HG2  1 
ATOM   522  H  HG3  . ARG A 1 37 ? 5.786   -4.579  -5.783  1.00 10.00 ? 34 ARG A HG3  1 
ATOM   523  H  HD2  . ARG A 1 37 ? 4.473   -6.419  -5.523  1.00 10.00 ? 34 ARG A HD2  1 
ATOM   524  H  HD3  . ARG A 1 37 ? 4.426   -6.756  -7.229  1.00 10.00 ? 34 ARG A HD3  1 
ATOM   525  H  HE   . ARG A 1 37 ? 6.398   -7.977  -7.210  1.00 10.00 ? 34 ARG A HE   1 
ATOM   526  H  HH11 . ARG A 1 37 ? 5.856   -6.780  -3.993  1.00 10.00 ? 34 ARG A HH11 1 
ATOM   527  H  HH12 . ARG A 1 37 ? 5.793   -8.365  -3.276  1.00 10.00 ? 34 ARG A HH12 1 
ATOM   528  H  HH21 . ARG A 1 37 ? 6.976   -10.003 -6.099  1.00 10.00 ? 34 ARG A HH21 1 
ATOM   529  H  HH22 . ARG A 1 37 ? 6.964   -10.008 -4.346  1.00 10.00 ? 34 ARG A HH22 1 
ATOM   530  N  N    . LEU A 1 38 ? 5.472   -3.123  -10.663 1.00 10.00 ? 35 LEU A N    1 
ATOM   531  C  CA   . LEU A 1 38 ? 5.298   -2.248  -11.831 1.00 10.00 ? 35 LEU A CA   1 
ATOM   532  C  C    . LEU A 1 38 ? 5.456   -2.981  -13.178 1.00 10.00 ? 35 LEU A C    1 
ATOM   533  O  O    . LEU A 1 38 ? 5.147   -2.428  -14.230 1.00 10.00 ? 35 LEU A O    1 
ATOM   534  C  CB   . LEU A 1 38 ? 6.313   -1.087  -11.745 1.00 10.00 ? 35 LEU A CB   1 
ATOM   535  C  CG   . LEU A 1 38 ? 5.662   0.304   -11.713 1.00 10.00 ? 35 LEU A CG   1 
ATOM   536  C  CD1  . LEU A 1 38 ? 6.733   1.345   -11.371 1.00 10.00 ? 35 LEU A CD1  1 
ATOM   537  C  CD2  . LEU A 1 38 ? 4.979   0.665   -13.035 1.00 10.00 ? 35 LEU A CD2  1 
ATOM   538  H  H    . LEU A 1 38 ? 6.252   -2.907  -10.050 1.00 10.00 ? 35 LEU A H    1 
ATOM   539  H  HA   . LEU A 1 38 ? 4.286   -1.846  -11.792 1.00 10.00 ? 35 LEU A HA   1 
ATOM   540  H  HB2  . LEU A 1 38 ? 6.910   -1.189  -10.839 1.00 10.00 ? 35 LEU A HB2  1 
ATOM   541  H  HB3  . LEU A 1 38 ? 7.008   -1.129  -12.585 1.00 10.00 ? 35 LEU A HB3  1 
ATOM   542  H  HG   . LEU A 1 38 ? 4.905   0.331   -10.935 1.00 10.00 ? 35 LEU A HG   1 
ATOM   543  H  HD11 . LEU A 1 38 ? 7.167   1.120   -10.396 1.00 10.00 ? 35 LEU A HD11 1 
ATOM   544  H  HD12 . LEU A 1 38 ? 7.522   1.332   -12.123 1.00 10.00 ? 35 LEU A HD12 1 
ATOM   545  H  HD13 . LEU A 1 38 ? 6.288   2.340   -11.329 1.00 10.00 ? 35 LEU A HD13 1 
ATOM   546  H  HD21 . LEU A 1 38 ? 5.702   0.653   -13.850 1.00 10.00 ? 35 LEU A HD21 1 
ATOM   547  H  HD22 . LEU A 1 38 ? 4.176   -0.041  -13.249 1.00 10.00 ? 35 LEU A HD22 1 
ATOM   548  H  HD23 . LEU A 1 38 ? 4.538   1.658   -12.950 1.00 10.00 ? 35 LEU A HD23 1 
ATOM   549  N  N    . ALA A 1 39 ? 5.935   -4.228  -13.150 1.00 10.00 ? 36 ALA A N    1 
ATOM   550  C  CA   . ALA A 1 39 ? 6.123   -5.079  -14.311 1.00 10.00 ? 36 ALA A CA   1 
ATOM   551  C  C    . ALA A 1 39 ? 4.790   -5.711  -14.714 1.00 10.00 ? 36 ALA A C    1 
ATOM   552  O  O    . ALA A 1 39 ? 4.582   -6.037  -15.880 1.00 10.00 ? 36 ALA A O    1 
ATOM   553  C  CB   . ALA A 1 39 ? 7.155   -6.160  -13.972 1.00 10.00 ? 36 ALA A CB   1 
ATOM   554  H  H    . ALA A 1 39 ? 6.003   -4.676  -12.255 1.00 10.00 ? 36 ALA A H    1 
ATOM   555  H  HA   . ALA A 1 39 ? 6.503   -4.481  -15.138 1.00 10.00 ? 36 ALA A HA   1 
ATOM   556  H  HB1  . ALA A 1 39 ? 8.104   -5.692  -13.706 1.00 10.00 ? 36 ALA A HB1  1 
ATOM   557  H  HB2  . ALA A 1 39 ? 6.807   -6.764  -13.133 1.00 10.00 ? 36 ALA A HB2  1 
ATOM   558  H  HB3  . ALA A 1 39 ? 7.309   -6.805  -14.837 1.00 10.00 ? 36 ALA A HB3  1 
ATOM   559  N  N    . LYS A 1 40 ? 3.890   -5.887  -13.738 1.00 10.00 ? 37 LYS A N    1 
ATOM   560  C  CA   . LYS A 1 40 ? 2.534   -6.336  -13.993 1.00 10.00 ? 37 LYS A CA   1 
ATOM   561  C  C    . LYS A 1 40 ? 1.628   -5.136  -14.283 1.00 10.00 ? 37 LYS A C    1 
ATOM   562  O  O    . LYS A 1 40 ? 0.960   -5.082  -15.310 1.00 10.00 ? 37 LYS A O    1 
ATOM   563  C  CB   . LYS A 1 40 ? 2.029   -7.178  -12.813 1.00 10.00 ? 37 LYS A CB   1 
ATOM   564  C  CG   . LYS A 1 40 ? 2.936   -8.398  -12.586 1.00 10.00 ? 37 LYS A CG   1 
ATOM   565  C  CD   . LYS A 1 40 ? 2.098   -9.670  -12.414 1.00 10.00 ? 37 LYS A CD   1 
ATOM   566  C  CE   . LYS A 1 40 ? 3.019   -10.883 -12.232 1.00 10.00 ? 37 LYS A CE   1 
ATOM   567  N  NZ   . LYS A 1 40 ? 2.250   -12.145 -12.181 1.00 10.00 ? 37 LYS A NZ   1 
ATOM   568  H  H    . LYS A 1 40 ? 4.102   -5.552  -12.805 1.00 10.00 ? 37 LYS A H    1 
ATOM   569  H  HA   . LYS A 1 40 ? 2.550   -6.970  -14.874 1.00 10.00 ? 37 LYS A HA   1 
ATOM   570  H  HB2  . LYS A 1 40 ? 2.002   -6.577  -11.903 1.00 10.00 ? 37 LYS A HB2  1 
ATOM   571  H  HB3  . LYS A 1 40 ? 1.012   -7.500  -13.043 1.00 10.00 ? 37 LYS A HB3  1 
ATOM   572  H  HG2  . LYS A 1 40 ? 3.600   -8.528  -13.443 1.00 10.00 ? 37 LYS A HG2  1 
ATOM   573  H  HG3  . LYS A 1 40 ? 3.553   -8.220  -11.702 1.00 10.00 ? 37 LYS A HG3  1 
ATOM   574  H  HD2  . LYS A 1 40 ? 1.440   -9.551  -11.550 1.00 10.00 ? 37 LYS A HD2  1 
ATOM   575  H  HD3  . LYS A 1 40 ? 1.485   -9.799  -13.311 1.00 10.00 ? 37 LYS A HD3  1 
ATOM   576  H  HE2  . LYS A 1 40 ? 3.723   -10.926 -13.069 1.00 10.00 ? 37 LYS A HE2  1 
ATOM   577  H  HE3  . LYS A 1 40 ? 3.593   -10.760 -11.310 1.00 10.00 ? 37 LYS A HE3  1 
ATOM   578  H  HZ1  . LYS A 1 40 ? 1.606   -12.131 -11.402 1.00 10.00 ? 37 LYS A HZ1  1 
ATOM   579  H  HZ2  . LYS A 1 40 ? 1.725   -12.266 -13.037 1.00 10.00 ? 37 LYS A HZ2  1 
ATOM   580  H  HZ3  . LYS A 1 40 ? 2.875   -12.933 -12.072 1.00 10.00 ? 37 LYS A HZ3  1 
ATOM   581  N  N    . GLY A 1 41 ? 1.615   -4.171  -13.359 1.00 10.00 ? 38 GLY A N    1 
ATOM   582  C  CA   . GLY A 1 41 ? 0.870   -2.923  -13.507 1.00 10.00 ? 38 GLY A CA   1 
ATOM   583  C  C    . GLY A 1 41 ? 0.717   -2.218  -12.157 1.00 10.00 ? 38 GLY A C    1 
ATOM   584  O  O    . GLY A 1 41 ? 1.696   -2.068  -11.432 1.00 10.00 ? 38 GLY A O    1 
ATOM   585  H  H    . GLY A 1 41 ? 2.142   -4.320  -12.504 1.00 10.00 ? 38 GLY A H    1 
ATOM   586  H  HA2  . GLY A 1 41 ? 1.408   -2.263  -14.188 1.00 10.00 ? 38 GLY A HA2  1 
ATOM   587  H  HA3  . GLY A 1 41 ? -0.117  -3.129  -13.928 1.00 10.00 ? 38 GLY A HA3  1 
ATOM   588  N  N    . VAL A 1 42 ? -0.516  -1.833  -11.805 1.00 10.00 ? 39 VAL A N    1 
ATOM   589  C  CA   . VAL A 1 42 ? -0.834  -1.135  -10.557 1.00 10.00 ? 39 VAL A CA   1 
ATOM   590  C  C    . VAL A 1 42 ? -1.941  -1.886  -9.805  1.00 10.00 ? 39 VAL A C    1 
ATOM   591  O  O    . VAL A 1 42 ? -1.716  -2.478  -8.745  1.00 10.00 ? 39 VAL A O    1 
ATOM   592  C  CB   . VAL A 1 42 ? -1.212  0.339   -10.842 1.00 10.00 ? 39 VAL A CB   1 
ATOM   593  C  CG1  . VAL A 1 42 ? -0.685  1.228   -9.715  1.00 10.00 ? 39 VAL A CG1  1 
ATOM   594  C  CG2  . VAL A 1 42 ? -0.669  0.875   -12.177 1.00 10.00 ? 39 VAL A CG2  1 
ATOM   595  H  H    . VAL A 1 42 ? -1.270  -2.007  -12.453 1.00 10.00 ? 39 VAL A H    1 
ATOM   596  H  HA   . VAL A 1 42 ? 0.031   -1.153  -9.891  1.00 10.00 ? 39 VAL A HA   1 
ATOM   597  H  HB   . VAL A 1 42 ? -2.294  0.456   -10.873 1.00 10.00 ? 39 VAL A HB   1 
ATOM   598  H  HG11 . VAL A 1 42 ? -1.062  0.879   -8.753  1.00 10.00 ? 39 VAL A HG11 1 
ATOM   599  H  HG12 . VAL A 1 42 ? 0.402   1.187   -9.716  1.00 10.00 ? 39 VAL A HG12 1 
ATOM   600  H  HG13 . VAL A 1 42 ? -1.001  2.259   -9.872  1.00 10.00 ? 39 VAL A HG13 1 
ATOM   601  H  HG21 . VAL A 1 42 ? 0.413   0.755   -12.225 1.00 10.00 ? 39 VAL A HG21 1 
ATOM   602  H  HG22 . VAL A 1 42 ? -1.136  0.353   -13.014 1.00 10.00 ? 39 VAL A HG22 1 
ATOM   603  H  HG23 . VAL A 1 42 ? -0.912  1.934   -12.271 1.00 10.00 ? 39 VAL A HG23 1 
ATOM   604  N  N    . ASP A 1 43 ? -3.132  -1.960  -10.406 1.00 10.00 ? 40 ASP A N    1 
ATOM   605  C  CA   . ASP A 1 43 ? -4.360  -2.486  -9.815  1.00 10.00 ? 40 ASP A CA   1 
ATOM   606  C  C    . ASP A 1 43 ? -4.342  -4.020  -9.573  1.00 10.00 ? 40 ASP A C    1 
ATOM   607  O  O    . ASP A 1 43 ? -5.383  -4.636  -9.344  1.00 10.00 ? 40 ASP A O    1 
ATOM   608  C  CB   . ASP A 1 43 ? -5.539  -2.024  -10.698 1.00 10.00 ? 40 ASP A CB   1 
ATOM   609  C  CG   . ASP A 1 43 ? -5.457  -0.567  -11.147 1.00 10.00 ? 40 ASP A CG   1 
ATOM   610  O  OD1  . ASP A 1 43 ? -4.519  -0.261  -11.913 1.00 10.00 ? 40 ASP A OD1  1 
ATOM   611  O  OD2  . ASP A 1 43 ? -6.325  0.232   -10.729 1.00 10.00 ? 40 ASP A OD2  1 
ATOM   612  H  H    . ASP A 1 43 ? -3.275  -1.422  -11.258 1.00 10.00 ? 40 ASP A H    1 
ATOM   613  H  HA   . ASP A 1 43 ? -4.474  -2.006  -8.843  1.00 10.00 ? 40 ASP A HA   1 
ATOM   614  H  HB2  . ASP A 1 43 ? -5.577  -2.633  -11.601 1.00 10.00 ? 40 ASP A HB2  1 
ATOM   615  H  HB3  . ASP A 1 43 ? -6.471  -2.156  -10.150 1.00 10.00 ? 40 ASP A HB3  1 
ATOM   616  N  N    . ASN A 1 44 ? -3.153  -4.638  -9.569  1.00 10.00 ? 41 ASN A N    1 
ATOM   617  C  CA   . ASN A 1 44 ? -2.885  -6.028  -9.197  1.00 10.00 ? 41 ASN A CA   1 
ATOM   618  C  C    . ASN A 1 44 ? -2.487  -6.126  -7.717  1.00 10.00 ? 41 ASN A C    1 
ATOM   619  O  O    . ASN A 1 44 ? -2.674  -7.165  -7.090  1.00 10.00 ? 41 ASN A O    1 
ATOM   620  C  CB   . ASN A 1 44 ? -1.736  -6.611  -10.046 1.00 10.00 ? 41 ASN A CB   1 
ATOM   621  C  CG   . ASN A 1 44 ? -1.415  -5.859  -11.325 1.00 10.00 ? 41 ASN A CG   1 
ATOM   622  O  OD1  . ASN A 1 44 ? -2.097  -5.982  -12.332 1.00 10.00 ? 41 ASN A OD1  1 
ATOM   623  N  ND2  . ASN A 1 44 ? -0.332  -5.097  -11.308 1.00 10.00 ? 41 ASN A ND2  1 
ATOM   624  H  H    . ASN A 1 44 ? -2.349  -4.047  -9.719  1.00 10.00 ? 41 ASN A H    1 
ATOM   625  H  HA   . ASN A 1 44 ? -3.794  -6.620  -9.316  1.00 10.00 ? 41 ASN A HA   1 
ATOM   626  H  HB2  . ASN A 1 44 ? -0.825  -6.643  -9.456  1.00 10.00 ? 41 ASN A HB2  1 
ATOM   627  H  HB3  . ASN A 1 44 ? -1.953  -7.632  -10.339 1.00 10.00 ? 41 ASN A HB3  1 
ATOM   628  H  HD21 . ASN A 1 44 ? 0.255   -5.005  -10.494 1.00 10.00 ? 41 ASN A HD21 1 
ATOM   629  H  HD22 . ASN A 1 44 ? -0.067  -4.690  -12.187 1.00 10.00 ? 41 ASN A HD22 1 
ATOM   630  N  N    . LEU A 1 45 ? -1.929  -5.050  -7.161  1.00 10.00 ? 42 LEU A N    1 
ATOM   631  C  CA   . LEU A 1 45 ? -1.411  -5.024  -5.800  1.00 10.00 ? 42 LEU A CA   1 
ATOM   632  C  C    . LEU A 1 45 ? -2.459  -4.481  -4.826  1.00 10.00 ? 42 LEU A C    1 
ATOM   633  O  O    . LEU A 1 45 ? -2.662  -5.047  -3.751  1.00 10.00 ? 42 LEU A O    1 
ATOM   634  C  CB   . LEU A 1 45 ? -0.136  -4.182  -5.794  1.00 10.00 ? 42 LEU A CB   1 
ATOM   635  C  CG   . LEU A 1 45 ? 1.118   -4.874  -6.368  1.00 10.00 ? 42 LEU A CG   1 
ATOM   636  C  CD1  . LEU A 1 45 ? 1.264   -6.332  -5.917  1.00 10.00 ? 42 LEU A CD1  1 
ATOM   637  C  CD2  . LEU A 1 45 ? 1.217   -4.790  -7.896  1.00 10.00 ? 42 LEU A CD2  1 
ATOM   638  H  H    . LEU A 1 45 ? -1.809  -4.211  -7.720  1.00 10.00 ? 42 LEU A H    1 
ATOM   639  H  HA   . LEU A 1 45 ? -1.190  -6.028  -5.446  1.00 10.00 ? 42 LEU A HA   1 
ATOM   640  H  HB2  . LEU A 1 45 ? -0.343  -3.265  -6.339  1.00 10.00 ? 42 LEU A HB2  1 
ATOM   641  H  HB3  . LEU A 1 45 ? 0.062   -3.906  -4.767  1.00 10.00 ? 42 LEU A HB3  1 
ATOM   642  H  HG   . LEU A 1 45 ? 1.977   -4.334  -5.977  1.00 10.00 ? 42 LEU A HG   1 
ATOM   643  H  HD11 . LEU A 1 45 ? 1.131   -6.412  -4.838  1.00 10.00 ? 42 LEU A HD11 1 
ATOM   644  H  HD12 . LEU A 1 45 ? 0.541   -6.971  -6.425  1.00 10.00 ? 42 LEU A HD12 1 
ATOM   645  H  HD13 . LEU A 1 45 ? 2.258   -6.694  -6.169  1.00 10.00 ? 42 LEU A HD13 1 
ATOM   646  H  HD21 . LEU A 1 45 ? 0.316   -5.176  -8.351  1.00 10.00 ? 42 LEU A HD21 1 
ATOM   647  H  HD22 . LEU A 1 45 ? 1.356   -3.757  -8.212  1.00 10.00 ? 42 LEU A HD22 1 
ATOM   648  H  HD23 . LEU A 1 45 ? 2.065   -5.381  -8.246  1.00 10.00 ? 42 LEU A HD23 1 
ATOM   649  N  N    . VAL A 1 46 ? -3.196  -3.447  -5.249  1.00 10.00 ? 43 VAL A N    1 
ATOM   650  C  CA   . VAL A 1 46 ? -4.421  -2.967  -4.594  1.00 10.00 ? 43 VAL A CA   1 
ATOM   651  C  C    . VAL A 1 46 ? -5.326  -4.139  -4.134  1.00 10.00 ? 43 VAL A C    1 
ATOM   652  O  O    . VAL A 1 46 ? -5.976  -4.086  -3.089  1.00 10.00 ? 43 VAL A O    1 
ATOM   653  C  CB   . VAL A 1 46 ? -5.120  -1.961  -5.545  1.00 10.00 ? 43 VAL A CB   1 
ATOM   654  C  CG1  . VAL A 1 46 ? -6.066  -2.638  -6.539  1.00 10.00 ? 43 VAL A CG1  1 
ATOM   655  C  CG2  . VAL A 1 46 ? -5.880  -0.839  -4.826  1.00 10.00 ? 43 VAL A CG2  1 
ATOM   656  H  H    . VAL A 1 46 ? -2.914  -3.008  -6.117  1.00 10.00 ? 43 VAL A H    1 
ATOM   657  H  HA   . VAL A 1 46 ? -4.113  -2.423  -3.701  1.00 10.00 ? 43 VAL A HA   1 
ATOM   658  H  HB   . VAL A 1 46 ? -4.342  -1.464  -6.128  1.00 10.00 ? 43 VAL A HB   1 
ATOM   659  H  HG11 . VAL A 1 46 ? -5.536  -3.434  -7.057  1.00 10.00 ? 43 VAL A HG11 1 
ATOM   660  H  HG12 . VAL A 1 46 ? -6.937  -3.045  -6.026  1.00 10.00 ? 43 VAL A HG12 1 
ATOM   661  H  HG13 . VAL A 1 46 ? -6.407  -1.905  -7.272  1.00 10.00 ? 43 VAL A HG13 1 
ATOM   662  H  HG21 . VAL A 1 46 ? -6.599  -1.249  -4.120  1.00 10.00 ? 43 VAL A HG21 1 
ATOM   663  H  HG22 . VAL A 1 46 ? -5.172  -0.191  -4.313  1.00 10.00 ? 43 VAL A HG22 1 
ATOM   664  H  HG23 . VAL A 1 46 ? -6.418  -0.211  -5.539  1.00 10.00 ? 43 VAL A HG23 1 
ATOM   665  N  N    . LYS A 1 47 ? -5.326  -5.248  -4.890  1.00 10.00 ? 44 LYS A N    1 
ATOM   666  C  CA   . LYS A 1 47 ? -6.087  -6.455  -4.564  1.00 10.00 ? 44 LYS A CA   1 
ATOM   667  C  C    . LYS A 1 47 ? -5.481  -7.247  -3.405  1.00 10.00 ? 44 LYS A C    1 
ATOM   668  O  O    . LYS A 1 47 ? -6.161  -7.571  -2.435  1.00 10.00 ? 44 LYS A O    1 
ATOM   669  C  CB   . LYS A 1 47 ? -6.206  -7.387  -5.775  1.00 10.00 ? 44 LYS A CB   1 
ATOM   670  C  CG   . LYS A 1 47 ? -6.020  -6.667  -7.113  1.00 10.00 ? 44 LYS A CG   1 
ATOM   671  C  CD   . LYS A 1 47 ? -6.707  -7.440  -8.227  1.00 10.00 ? 44 LYS A CD   1 
ATOM   672  C  CE   . LYS A 1 47 ? -8.150  -6.955  -8.168  1.00 10.00 ? 44 LYS A CE   1 
ATOM   673  N  NZ   . LYS A 1 47 ? -9.020  -7.805  -9.005  1.00 10.00 ? 44 LYS A NZ   1 
ATOM   674  H  H    . LYS A 1 47 ? -4.752  -5.255  -5.722  1.00 10.00 ? 44 LYS A H    1 
ATOM   675  H  HA   . LYS A 1 47 ? -7.087  -6.133  -4.275  1.00 10.00 ? 44 LYS A HA   1 
ATOM   676  H  HB2  . LYS A 1 47 ? -5.447  -8.170  -5.733  1.00 10.00 ? 44 LYS A HB2  1 
ATOM   677  H  HB3  . LYS A 1 47 ? -7.173  -7.884  -5.703  1.00 10.00 ? 44 LYS A HB3  1 
ATOM   678  H  HG2  . LYS A 1 47 ? -6.404  -5.646  -7.093  1.00 10.00 ? 44 LYS A HG2  1 
ATOM   679  H  HG3  . LYS A 1 47 ? -4.964  -6.624  -7.326  1.00 10.00 ? 44 LYS A HG3  1 
ATOM   680  H  HD2  . LYS A 1 47 ? -6.254  -7.180  -9.189  1.00 10.00 ? 44 LYS A HD2  1 
ATOM   681  H  HD3  . LYS A 1 47 ? -6.601  -8.515  -8.054  1.00 10.00 ? 44 LYS A HD3  1 
ATOM   682  H  HE2  . LYS A 1 47 ? -8.461  -6.931  -7.114  1.00 10.00 ? 44 LYS A HE2  1 
ATOM   683  H  HE3  . LYS A 1 47 ? -8.153  -5.921  -8.520  1.00 10.00 ? 44 LYS A HE3  1 
ATOM   684  H  HZ1  . LYS A 1 47 ? -9.955  -7.422  -9.048  1.00 10.00 ? 44 LYS A HZ1  1 
ATOM   685  H  HZ2  . LYS A 1 47 ? -8.645  -7.857  -9.944  1.00 10.00 ? 44 LYS A HZ2  1 
ATOM   686  H  HZ3  . LYS A 1 47 ? -9.059  -8.740  -8.622  1.00 10.00 ? 44 LYS A HZ3  1 
ATOM   687  N  N    . SER A 1 48 ? -4.183  -7.548  -3.491  1.00 10.00 ? 45 SER A N    1 
ATOM   688  C  CA   . SER A 1 48 ? -3.458  -8.227  -2.425  1.00 10.00 ? 45 SER A CA   1 
ATOM   689  C  C    . SER A 1 48 ? -3.543  -7.398  -1.144  1.00 10.00 ? 45 SER A C    1 
ATOM   690  O  O    . SER A 1 48 ? -3.455  -7.933  -0.040  1.00 10.00 ? 45 SER A O    1 
ATOM   691  C  CB   . SER A 1 48 ? -1.999  -8.429  -2.841  1.00 10.00 ? 45 SER A CB   1 
ATOM   692  O  OG   . SER A 1 48 ? -1.945  -9.098  -4.087  1.00 10.00 ? 45 SER A OG   1 
ATOM   693  H  H    . SER A 1 48 ? -3.629  -7.126  -4.221  1.00 10.00 ? 45 SER A H    1 
ATOM   694  H  HA   . SER A 1 48 ? -3.909  -9.205  -2.249  1.00 10.00 ? 45 SER A HA   1 
ATOM   695  H  HB2  . SER A 1 48 ? -1.507  -7.458  -2.915  1.00 10.00 ? 45 SER A HB2  1 
ATOM   696  H  HB3  . SER A 1 48 ? -1.495  -9.025  -2.079  1.00 10.00 ? 45 SER A HB3  1 
ATOM   697  H  HG   . SER A 1 48 ? -1.029  -9.245  -4.342  1.00 10.00 ? 45 SER A HG   1 
ATOM   698  N  N    . VAL A 1 49 ? -3.752  -6.086  -1.305  1.00 10.00 ? 46 VAL A N    1 
ATOM   699  C  CA   . VAL A 1 49 ? -3.962  -5.211  -0.160  1.00 10.00 ? 46 VAL A CA   1 
ATOM   700  C  C    . VAL A 1 49 ? -5.347  -5.440  0.439   1.00 10.00 ? 46 VAL A C    1 
ATOM   701  O  O    . VAL A 1 49 ? -5.469  -5.838  1.600   1.00 10.00 ? 46 VAL A O    1 
ATOM   702  C  CB   . VAL A 1 49 ? -3.687  -3.751  -0.540  1.00 10.00 ? 46 VAL A CB   1 
ATOM   703  C  CG1  . VAL A 1 49 ? -4.139  -2.738  0.516   1.00 10.00 ? 46 VAL A CG1  1 
ATOM   704  C  CG2  . VAL A 1 49 ? -2.192  -3.552  -0.730  1.00 10.00 ? 46 VAL A CG2  1 
ATOM   705  H  H    . VAL A 1 49 ? -3.867  -5.728  -2.262  1.00 10.00 ? 46 VAL A H    1 
ATOM   706  H  HA   . VAL A 1 49 ? -3.244  -5.499  0.592   1.00 10.00 ? 46 VAL A HA   1 
ATOM   707  H  HB   . VAL A 1 49 ? -4.171  -3.539  -1.484  1.00 10.00 ? 46 VAL A HB   1 
ATOM   708  H  HG11 . VAL A 1 49 ? -5.175  -2.907  0.801   1.00 10.00 ? 46 VAL A HG11 1 
ATOM   709  H  HG12 . VAL A 1 49 ? -3.514  -2.822  1.400   1.00 10.00 ? 46 VAL A HG12 1 
ATOM   710  H  HG13 . VAL A 1 49 ? -4.042  -1.731  0.106   1.00 10.00 ? 46 VAL A HG13 1 
ATOM   711  H  HG21 . VAL A 1 49 ? -1.733  -3.485  0.253   1.00 10.00 ? 46 VAL A HG21 1 
ATOM   712  H  HG22 . VAL A 1 49 ? -1.781  -4.398  -1.270  1.00 10.00 ? 46 VAL A HG22 1 
ATOM   713  H  HG23 . VAL A 1 49 ? -2.016  -2.630  -1.281  1.00 10.00 ? 46 VAL A HG23 1 
ATOM   714  N  N    . LYS A 1 50 ? -6.400  -5.221  -0.352  1.00 10.00 ? 47 LYS A N    1 
ATOM   715  C  CA   . LYS A 1 50 ? -7.765  -5.364  0.148   1.00 10.00 ? 47 LYS A CA   1 
ATOM   716  C  C    . LYS A 1 50 ? -8.049  -6.759  0.715   1.00 10.00 ? 47 LYS A C    1 
ATOM   717  O  O    . LYS A 1 50 ? -8.736  -6.907  1.721   1.00 10.00 ? 47 LYS A O    1 
ATOM   718  C  CB   . LYS A 1 50 ? -8.751  -4.896  -0.919  1.00 10.00 ? 47 LYS A CB   1 
ATOM   719  C  CG   . LYS A 1 50 ? -9.141  -5.975  -1.927  1.00 10.00 ? 47 LYS A CG   1 
ATOM   720  C  CD   . LYS A 1 50 ? -9.568  -5.304  -3.233  1.00 10.00 ? 47 LYS A CD   1 
ATOM   721  C  CE   . LYS A 1 50 ? -10.934 -4.609  -3.093  1.00 10.00 ? 47 LYS A CE   1 
ATOM   722  N  NZ   . LYS A 1 50 ? -11.461 -4.117  -4.390  1.00 10.00 ? 47 LYS A NZ   1 
ATOM   723  H  H    . LYS A 1 50 ? -6.253  -4.910  -1.312  1.00 10.00 ? 47 LYS A H    1 
ATOM   724  H  HA   . LYS A 1 50 ? -7.860  -4.680  0.981   1.00 10.00 ? 47 LYS A HA   1 
ATOM   725  H  HB2  . LYS A 1 50 ? -9.648  -4.500  -0.441  1.00 10.00 ? 47 LYS A HB2  1 
ATOM   726  H  HB3  . LYS A 1 50 ? -8.245  -4.100  -1.459  1.00 10.00 ? 47 LYS A HB3  1 
ATOM   727  H  HG2  . LYS A 1 50 ? -8.273  -6.585  -2.150  1.00 10.00 ? 47 LYS A HG2  1 
ATOM   728  H  HG3  . LYS A 1 50 ? -9.919  -6.626  -1.523  1.00 10.00 ? 47 LYS A HG3  1 
ATOM   729  H  HD2  . LYS A 1 50 ? -8.774  -4.589  -3.487  1.00 10.00 ? 47 LYS A HD2  1 
ATOM   730  H  HD3  . LYS A 1 50 ? -9.603  -6.088  -3.988  1.00 10.00 ? 47 LYS A HD3  1 
ATOM   731  H  HE2  . LYS A 1 50 ? -11.644 -5.320  -2.662  1.00 10.00 ? 47 LYS A HE2  1 
ATOM   732  H  HE3  . LYS A 1 50 ? -10.842 -3.765  -2.405  1.00 10.00 ? 47 LYS A HE3  1 
ATOM   733  H  HZ1  . LYS A 1 50 ? -10.866 -3.396  -4.783  1.00 10.00 ? 47 LYS A HZ1  1 
ATOM   734  H  HZ2  . LYS A 1 50 ? -11.541 -4.882  -5.045  1.00 10.00 ? 47 LYS A HZ2  1 
ATOM   735  H  HZ3  . LYS A 1 50 ? -12.379 -3.712  -4.261  1.00 10.00 ? 47 LYS A HZ3  1 
ATOM   736  N  N    . THR A 1 51 ? -7.421  -7.772  0.120   1.00 10.00 ? 48 THR A N    1 
ATOM   737  C  CA   . THR A 1 51 ? -7.518  -9.162  0.557   1.00 10.00 ? 48 THR A CA   1 
ATOM   738  C  C    . THR A 1 51 ? -6.767  -9.422  1.872   1.00 10.00 ? 48 THR A C    1 
ATOM   739  O  O    . THR A 1 51 ? -7.172  -10.301 2.627   1.00 10.00 ? 48 THR A O    1 
ATOM   740  C  CB   . THR A 1 51 ? -6.969  -10.062 -0.562  1.00 10.00 ? 48 THR A CB   1 
ATOM   741  O  OG1  . THR A 1 51 ? -7.834  -9.984  -1.677  1.00 10.00 ? 48 THR A OG1  1 
ATOM   742  C  CG2  . THR A 1 51 ? -6.852  -11.536 -0.167  1.00 10.00 ? 48 THR A CG2  1 
ATOM   743  H  H    . THR A 1 51 ? -6.922  -7.557  -0.739  1.00 10.00 ? 48 THR A H    1 
ATOM   744  H  HA   . THR A 1 51 ? -8.567  -9.420  0.717   1.00 10.00 ? 48 THR A HA   1 
ATOM   745  H  HB   . THR A 1 51 ? -5.976  -9.707  -0.847  1.00 10.00 ? 48 THR A HB   1 
ATOM   746  H  HG1  . THR A 1 51 ? -7.471  -10.522 -2.383  1.00 10.00 ? 48 THR A HG1  1 
ATOM   747  H  HG21 . THR A 1 51 ? -6.084  -11.670 0.596   1.00 10.00 ? 48 THR A HG21 1 
ATOM   748  H  HG22 . THR A 1 51 ? -7.807  -11.895 0.217   1.00 10.00 ? 48 THR A HG22 1 
ATOM   749  H  HG23 . THR A 1 51 ? -6.571  -12.127 -1.037  1.00 10.00 ? 48 THR A HG23 1 
ATOM   750  N  N    . GLY A 1 52 ? -5.684  -8.689  2.163   1.00 10.00 ? 49 GLY A N    1 
ATOM   751  C  CA   . GLY A 1 52 ? -4.836  -8.998  3.316   1.00 10.00 ? 49 GLY A CA   1 
ATOM   752  C  C    . GLY A 1 52 ? -3.889  -10.172 3.053   1.00 10.00 ? 49 GLY A C    1 
ATOM   753  O  O    . GLY A 1 52 ? -4.245  -11.335 3.227   1.00 10.00 ? 49 GLY A O    1 
ATOM   754  H  H    . GLY A 1 52 ? -5.460  -7.865  1.610   1.00 10.00 ? 49 GLY A H    1 
ATOM   755  H  HA2  . GLY A 1 52 ? -4.256  -8.110  3.570   1.00 10.00 ? 49 GLY A HA2  1 
ATOM   756  H  HA3  . GLY A 1 52 ? -5.438  -9.266  4.182   1.00 10.00 ? 49 GLY A HA3  1 
ATOM   757  N  N    . LEU A 1 53 ? -2.657  -9.866  2.642   1.00 10.00 ? 50 LEU A N    1 
ATOM   758  C  CA   . LEU A 1 53 ? -1.566  -10.837 2.577   1.00 10.00 ? 50 LEU A CA   1 
ATOM   759  C  C    . LEU A 1 53 ? -1.234  -11.411 3.972   1.00 10.00 ? 50 LEU A C    1 
ATOM   760  O  O    . LEU A 1 53 ? -1.719  -10.932 4.986   1.00 10.00 ? 50 LEU A O    1 
ATOM   761  C  CB   . LEU A 1 53 ? -0.350  -10.131 1.964   1.00 10.00 ? 50 LEU A CB   1 
ATOM   762  C  CG   . LEU A 1 53 ? 0.570   -11.035 1.129   1.00 10.00 ? 50 LEU A CG   1 
ATOM   763  C  CD1  . LEU A 1 53 ? 0.078   -11.119 -0.320  1.00 10.00 ? 50 LEU A CD1  1 
ATOM   764  C  CD2  . LEU A 1 53 ? 1.994   -10.479 1.159   1.00 10.00 ? 50 LEU A CD2  1 
ATOM   765  H  H    . LEU A 1 53 ? -2.455  -8.896  2.461   1.00 10.00 ? 50 LEU A H    1 
ATOM   766  H  HA   . LEU A 1 53 ? -1.879  -11.653 1.924   1.00 10.00 ? 50 LEU A HA   1 
ATOM   767  H  HB2  . LEU A 1 53 ? -0.706  -9.349  1.306   1.00 10.00 ? 50 LEU A HB2  1 
ATOM   768  H  HB3  . LEU A 1 53 ? 0.200   -9.646  2.767   1.00 10.00 ? 50 LEU A HB3  1 
ATOM   769  H  HG   . LEU A 1 53 ? 0.588   -12.042 1.528   1.00 10.00 ? 50 LEU A HG   1 
ATOM   770  H  HD11 . LEU A 1 53 ? -0.955  -11.465 -0.346  1.00 10.00 ? 50 LEU A HD11 1 
ATOM   771  H  HD12 . LEU A 1 53 ? 0.145   -10.140 -0.793  1.00 10.00 ? 50 LEU A HD12 1 
ATOM   772  H  HD13 . LEU A 1 53 ? 0.699   -11.822 -0.877  1.00 10.00 ? 50 LEU A HD13 1 
ATOM   773  H  HD21 . LEU A 1 53 ? 1.994   -9.441  0.826   1.00 10.00 ? 50 LEU A HD21 1 
ATOM   774  H  HD22 . LEU A 1 53 ? 2.381   -10.528 2.177   1.00 10.00 ? 50 LEU A HD22 1 
ATOM   775  H  HD23 . LEU A 1 53 ? 2.642   -11.066 0.507   1.00 10.00 ? 50 LEU A HD23 1 
ATOM   776  N  N    . ASN A 1 54 ? -0.374  -12.425 4.049   1.00 10.00 ? 51 ASN A N    1 
ATOM   777  C  CA   . ASN A 1 54 ? -0.136  -13.237 5.257   1.00 10.00 ? 51 ASN A CA   1 
ATOM   778  C  C    . ASN A 1 54 ? 0.034   -12.421 6.545   1.00 10.00 ? 51 ASN A C    1 
ATOM   779  O  O    . ASN A 1 54 ? -0.749  -12.519 7.485   1.00 10.00 ? 51 ASN A O    1 
ATOM   780  C  CB   . ASN A 1 54 ? 1.089   -14.153 5.077   1.00 10.00 ? 51 ASN A CB   1 
ATOM   781  C  CG   . ASN A 1 54 ? 1.169   -14.689 3.663   1.00 10.00 ? 51 ASN A CG   1 
ATOM   782  O  OD1  . ASN A 1 54 ? 0.579   -15.701 3.315   1.00 10.00 ? 51 ASN A OD1  1 
ATOM   783  N  ND2  . ASN A 1 54 ? 1.825   -13.920 2.805   1.00 10.00 ? 51 ASN A ND2  1 
ATOM   784  H  H    . ASN A 1 54 ? -0.012  -12.747 3.168   1.00 10.00 ? 51 ASN A H    1 
ATOM   785  H  HA   . ASN A 1 54 ? -1.027  -13.853 5.360   1.00 10.00 ? 51 ASN A HA   1 
ATOM   786  H  HB2  . ASN A 1 54 ? 2.018   -13.616 5.266   1.00 10.00 ? 51 ASN A HB2  1 
ATOM   787  H  HB3  . ASN A 1 54 ? 1.033   -14.963 5.797   1.00 10.00 ? 51 ASN A HB3  1 
ATOM   788  H  HD21 . ASN A 1 54 ? 2.370   -13.133 3.119   1.00 10.00 ? 51 ASN A HD21 1 
ATOM   789  H  HD22 . ASN A 1 54 ? 1.704   -14.101 1.830   1.00 10.00 ? 51 ASN A HD22 1 
ATOM   790  N  N    . ALA A 1 55 ? 1.093   -11.610 6.565   1.00 10.00 ? 52 ALA A N    1 
ATOM   791  C  CA   . ALA A 1 55 ? 1.418   -10.683 7.643   1.00 10.00 ? 52 ALA A CA   1 
ATOM   792  C  C    . ALA A 1 55 ? 0.672   -9.340  7.523   1.00 10.00 ? 52 ALA A C    1 
ATOM   793  O  O    . ALA A 1 55 ? 0.957   -8.420  8.290   1.00 10.00 ? 52 ALA A O    1 
ATOM   794  C  CB   . ALA A 1 55 ? 2.936   -10.477 7.633   1.00 10.00 ? 52 ALA A CB   1 
ATOM   795  H  H    . ALA A 1 55 ? 1.710   -11.664 5.771   1.00 10.00 ? 52 ALA A H    1 
ATOM   796  H  HA   . ALA A 1 55 ? 1.147   -11.121 8.605   1.00 10.00 ? 52 ALA A HA   1 
ATOM   797  H  HB1  . ALA A 1 55 ? 3.439   -11.422 7.843   1.00 10.00 ? 52 ALA A HB1  1 
ATOM   798  H  HB2  . ALA A 1 55 ? 3.245   -10.126 6.649   1.00 10.00 ? 52 ALA A HB2  1 
ATOM   799  H  HB3  . ALA A 1 55 ? 3.232   -9.747  8.387   1.00 10.00 ? 52 ALA A HB3  1 
ATOM   800  N  N    . MET A 1 56 ? -0.247  -9.205  6.557   1.00 10.00 ? 53 MET A N    1 
ATOM   801  C  CA   . MET A 1 56 ? -0.934  -7.949  6.248   1.00 10.00 ? 53 MET A CA   1 
ATOM   802  C  C    . MET A 1 56 ? -2.453  -7.990  6.532   1.00 10.00 ? 53 MET A C    1 
ATOM   803  O  O    . MET A 1 56 ? -3.158  -8.853  6.013   1.00 10.00 ? 53 MET A O    1 
ATOM   804  C  CB   . MET A 1 56 ? -0.652  -7.616  4.779   1.00 10.00 ? 53 MET A CB   1 
ATOM   805  C  CG   . MET A 1 56 ? -0.429  -6.124  4.555   1.00 10.00 ? 53 MET A CG   1 
ATOM   806  S  SD   . MET A 1 56 ? 0.374   -5.821  2.968   1.00 10.00 ? 53 MET A SD   1 
ATOM   807  C  CE   . MET A 1 56 ? -1.055  -5.568  1.909   1.00 10.00 ? 53 MET A CE   1 
ATOM   808  H  H    . MET A 1 56 ? -0.418  -9.997  5.937   1.00 10.00 ? 53 MET A H    1 
ATOM   809  H  HA   . MET A 1 56 ? -0.478  -7.173  6.856   1.00 10.00 ? 53 MET A HA   1 
ATOM   810  H  HB2  . MET A 1 56 ? 0.276   -8.111  4.488   1.00 10.00 ? 53 MET A HB2  1 
ATOM   811  H  HB3  . MET A 1 56 ? -1.453  -7.975  4.135   1.00 10.00 ? 53 MET A HB3  1 
ATOM   812  H  HG2  . MET A 1 56 ? -1.356  -5.557  4.636   1.00 10.00 ? 53 MET A HG2  1 
ATOM   813  H  HG3  . MET A 1 56 ? 0.253   -5.795  5.329   1.00 10.00 ? 53 MET A HG3  1 
ATOM   814  H  HE1  . MET A 1 56 ? -1.619  -6.498  1.857   1.00 10.00 ? 53 MET A HE1  1 
ATOM   815  H  HE2  . MET A 1 56 ? -1.685  -4.772  2.306   1.00 10.00 ? 53 MET A HE2  1 
ATOM   816  H  HE3  . MET A 1 56 ? -0.707  -5.309  0.911   1.00 10.00 ? 53 MET A HE3  1 
ATOM   817  N  N    . PRO A 1 57 ? -3.006  -7.057  7.323   1.00 10.00 ? 54 PRO A N    1 
ATOM   818  C  CA   . PRO A 1 57 ? -4.426  -7.076  7.645   1.00 10.00 ? 54 PRO A CA   1 
ATOM   819  C  C    . PRO A 1 57 ? -5.291  -6.847  6.392   1.00 10.00 ? 54 PRO A C    1 
ATOM   820  O  O    . PRO A 1 57 ? -4.905  -6.076  5.506   1.00 10.00 ? 54 PRO A O    1 
ATOM   821  C  CB   . PRO A 1 57 ? -4.620  -5.980  8.700   1.00 10.00 ? 54 PRO A CB   1 
ATOM   822  C  CG   . PRO A 1 57 ? -3.476  -5.012  8.406   1.00 10.00 ? 54 PRO A CG   1 
ATOM   823  C  CD   . PRO A 1 57 ? -2.346  -5.929  7.956   1.00 10.00 ? 54 PRO A CD   1 
ATOM   824  H  HA   . PRO A 1 57 ? -4.655  -8.044  8.091   1.00 10.00 ? 54 PRO A HA   1 
ATOM   825  H  HB2  . PRO A 1 57 ? -5.597  -5.498  8.639   1.00 10.00 ? 54 PRO A HB2  1 
ATOM   826  H  HB3  . PRO A 1 57 ? -4.476  -6.406  9.695   1.00 10.00 ? 54 PRO A HB3  1 
ATOM   827  H  HG2  . PRO A 1 57 ? -3.755  -4.379  7.567   1.00 10.00 ? 54 PRO A HG2  1 
ATOM   828  H  HG3  . PRO A 1 57 ? -3.206  -4.403  9.270   1.00 10.00 ? 54 PRO A HG3  1 
ATOM   829  H  HD2  . PRO A 1 57 ? -1.692  -5.382  7.276   1.00 10.00 ? 54 PRO A HD2  1 
ATOM   830  H  HD3  . PRO A 1 57 ? -1.792  -6.287  8.823   1.00 10.00 ? 54 PRO A HD3  1 
ATOM   831  N  N    . PRO A 1 58 ? -6.464  -7.498  6.304   1.00 10.00 ? 55 PRO A N    1 
ATOM   832  C  CA   . PRO A 1 58 ? -7.385  -7.327  5.188   1.00 10.00 ? 55 PRO A CA   1 
ATOM   833  C  C    . PRO A 1 58 ? -7.767  -5.856  5.073   1.00 10.00 ? 55 PRO A C    1 
ATOM   834  O  O    . PRO A 1 58 ? -8.070  -5.221  6.083   1.00 10.00 ? 55 PRO A O    1 
ATOM   835  C  CB   . PRO A 1 58 ? -8.582  -8.233  5.495   1.00 10.00 ? 55 PRO A CB   1 
ATOM   836  C  CG   . PRO A 1 58 ? -8.574  -8.318  7.021   1.00 10.00 ? 55 PRO A CG   1 
ATOM   837  C  CD   . PRO A 1 58 ? -7.082  -8.295  7.353   1.00 10.00 ? 55 PRO A CD   1 
ATOM   838  H  HA   . PRO A 1 58 ? -6.933  -7.634  4.250   1.00 10.00 ? 55 PRO A HA   1 
ATOM   839  H  HB2  . PRO A 1 58 ? -9.521  -7.839  5.104   1.00 10.00 ? 55 PRO A HB2  1 
ATOM   840  H  HB3  . PRO A 1 58 ? -8.393  -9.226  5.083   1.00 10.00 ? 55 PRO A HB3  1 
ATOM   841  H  HG2  . PRO A 1 58 ? -9.051  -7.428  7.436   1.00 10.00 ? 55 PRO A HG2  1 
ATOM   842  H  HG3  . PRO A 1 58 ? -9.068  -9.216  7.392   1.00 10.00 ? 55 PRO A HG3  1 
ATOM   843  H  HD2  . PRO A 1 58 ? -6.942  -7.865  8.347   1.00 10.00 ? 55 PRO A HD2  1 
ATOM   844  H  HD3  . PRO A 1 58 ? -6.679  -9.308  7.321   1.00 10.00 ? 55 PRO A HD3  1 
ATOM   845  N  N    . GLY A 1 59 ? -7.675  -5.283  3.867   1.00 10.00 ? 56 GLY A N    1 
ATOM   846  C  CA   . GLY A 1 59 ? -7.908  -3.857  3.706   1.00 10.00 ? 56 GLY A CA   1 
ATOM   847  C  C    . GLY A 1 59 ? -6.615  -3.038  3.775   1.00 10.00 ? 56 GLY A C    1 
ATOM   848  O  O    . GLY A 1 59 ? -6.655  -1.818  3.609   1.00 10.00 ? 56 GLY A O    1 
ATOM   849  H  H    . GLY A 1 59 ? -7.367  -5.807  3.049   1.00 10.00 ? 56 GLY A H    1 
ATOM   850  H  HA2  . GLY A 1 59 ? -8.444  -3.685  2.781   1.00 10.00 ? 56 GLY A HA2  1 
ATOM   851  H  HA3  . GLY A 1 59 ? -8.565  -3.506  4.492   1.00 10.00 ? 56 GLY A HA3  1 
ATOM   852  N  N    . GLY A 1 60 ? -5.471  -3.680  4.055   1.00 10.00 ? 57 GLY A N    1 
ATOM   853  C  CA   . GLY A 1 60 ? -4.206  -3.000  4.321   1.00 10.00 ? 57 GLY A CA   1 
ATOM   854  C  C    . GLY A 1 60 ? -4.271  -2.117  5.570   1.00 10.00 ? 57 GLY A C    1 
ATOM   855  O  O    . GLY A 1 60 ? -3.561  -1.120  5.662   1.00 10.00 ? 57 GLY A O    1 
ATOM   856  H  H    . GLY A 1 60 ? -5.494  -4.685  4.210   1.00 10.00 ? 57 GLY A H    1 
ATOM   857  H  HA2  . GLY A 1 60 ? -3.426  -3.748  4.463   1.00 10.00 ? 57 GLY A HA2  1 
ATOM   858  H  HA3  . GLY A 1 60 ? -3.941  -2.376  3.474   1.00 10.00 ? 57 GLY A HA3  1 
ATOM   859  N  N    . MET A 1 61 ? -5.142  -2.501  6.512   1.00 10.00 ? 58 MET A N    1 
ATOM   860  C  CA   . MET A 1 61 ? -5.439  -1.831  7.775   1.00 10.00 ? 58 MET A CA   1 
ATOM   861  C  C    . MET A 1 61 ? -6.509  -0.725  7.662   1.00 10.00 ? 58 MET A C    1 
ATOM   862  O  O    . MET A 1 61 ? -6.925  -0.181  8.683   1.00 10.00 ? 58 MET A O    1 
ATOM   863  C  CB   . MET A 1 61 ? -4.158  -1.361  8.492   1.00 10.00 ? 58 MET A CB   1 
ATOM   864  C  CG   . MET A 1 61 ? -4.357  -1.273  10.016  1.00 10.00 ? 58 MET A CG   1 
ATOM   865  S  SD   . MET A 1 61 ? -4.002  0.327   10.785  1.00 10.00 ? 58 MET A SD   1 
ATOM   866  C  CE   . MET A 1 61 ? -4.552  -0.038  12.462  1.00 10.00 ? 58 MET A CE   1 
ATOM   867  H  H    . MET A 1 61 ? -5.653  -3.353  6.323   1.00 10.00 ? 58 MET A H    1 
ATOM   868  H  HA   . MET A 1 61 ? -5.887  -2.613  8.390   1.00 10.00 ? 58 MET A HA   1 
ATOM   869  H  HB2  . MET A 1 61 ? -3.346  -2.063  8.299   1.00 10.00 ? 58 MET A HB2  1 
ATOM   870  H  HB3  . MET A 1 61 ? -3.862  -0.384  8.109   1.00 10.00 ? 58 MET A HB3  1 
ATOM   871  H  HG2  . MET A 1 61 ? -5.385  -1.517  10.275  1.00 10.00 ? 58 MET A HG2  1 
ATOM   872  H  HG3  . MET A 1 61 ? -3.711  -2.006  10.495  1.00 10.00 ? 58 MET A HG3  1 
ATOM   873  H  HE1  . MET A 1 61 ? -5.607  -0.309  12.440  1.00 10.00 ? 58 MET A HE1  1 
ATOM   874  H  HE2  . MET A 1 61 ? -3.964  -0.862  12.861  1.00 10.00 ? 58 MET A HE2  1 
ATOM   875  H  HE3  . MET A 1 61 ? -4.415  0.848   13.079  1.00 10.00 ? 58 MET A HE3  1 
ATOM   876  N  N    . CYS A 1 62 ? -7.000  -0.411  6.454   1.00 10.00 ? 59 CYS A N    1 
ATOM   877  C  CA   . CYS A 1 62 ? -8.129  0.506   6.283   1.00 10.00 ? 59 CYS A CA   1 
ATOM   878  C  C    . CYS A 1 62 ? -9.457  -0.247  6.126   1.00 10.00 ? 59 CYS A C    1 
ATOM   879  O  O    . CYS A 1 62 ? -9.529  -1.231  5.396   1.00 10.00 ? 59 CYS A O    1 
ATOM   880  C  CB   . CYS A 1 62 ? -7.923  1.388   5.056   1.00 10.00 ? 59 CYS A CB   1 
ATOM   881  S  SG   . CYS A 1 62 ? -9.270  2.580   4.864   1.00 10.00 ? 59 CYS A SG   1 
ATOM   882  H  H    . CYS A 1 62 ? -6.667  -0.904  5.635   1.00 10.00 ? 59 CYS A H    1 
ATOM   883  H  HA   . CYS A 1 62 ? -8.202  1.176   7.141   1.00 10.00 ? 59 CYS A HA   1 
ATOM   884  H  HB2  . CYS A 1 62 ? -6.982  1.934   5.127   1.00 10.00 ? 59 CYS A HB2  1 
ATOM   885  H  HB3  . CYS A 1 62 ? -7.899  0.758   4.167   1.00 10.00 ? 59 CYS A HB3  1 
ATOM   886  N  N    . THR A 1 63 ? -10.517 0.259   6.767   1.00 10.00 ? 60 THR A N    1 
ATOM   887  C  CA   . THR A 1 63 ? -11.874 -0.267  6.627   1.00 10.00 ? 60 THR A CA   1 
ATOM   888  C  C    . THR A 1 63 ? -12.548 0.241   5.343   1.00 10.00 ? 60 THR A C    1 
ATOM   889  O  O    . THR A 1 63 ? -12.629 -0.473  4.347   1.00 10.00 ? 60 THR A O    1 
ATOM   890  C  CB   . THR A 1 63 ? -12.699 0.078   7.881   1.00 10.00 ? 60 THR A CB   1 
ATOM   891  O  OG1  . THR A 1 63 ? -11.997 -0.338  9.034   1.00 10.00 ? 60 THR A OG1  1 
ATOM   892  C  CG2  . THR A 1 63 ? -14.063 -0.614  7.872   1.00 10.00 ? 60 THR A CG2  1 
ATOM   893  H  H    . THR A 1 63 ? -10.372 1.025   7.403   1.00 10.00 ? 60 THR A H    1 
ATOM   894  H  HA   . THR A 1 63 ? -11.820 -1.356  6.563   1.00 10.00 ? 60 THR A HA   1 
ATOM   895  H  HB   . THR A 1 63 ? -12.848 1.156   7.959   1.00 10.00 ? 60 THR A HB   1 
ATOM   896  H  HG1  . THR A 1 63 ? -12.582 -0.282  9.793   1.00 10.00 ? 60 THR A HG1  1 
ATOM   897  H  HG21 . THR A 1 63 ? -14.661 -0.271  7.026   1.00 10.00 ? 60 THR A HG21 1 
ATOM   898  H  HG22 . THR A 1 63 ? -13.930 -1.693  7.804   1.00 10.00 ? 60 THR A HG22 1 
ATOM   899  H  HG23 . THR A 1 63 ? -14.601 -0.378  8.791   1.00 10.00 ? 60 THR A HG23 1 
ATOM   900  N  N    . ASP A 1 64 ? -13.045 1.482   5.353   1.00 10.00 ? 61 ASP A N    1 
ATOM   901  C  CA   . ASP A 1 64 ? -14.021 1.973   4.382   1.00 10.00 ? 61 ASP A CA   1 
ATOM   902  C  C    . ASP A 1 64 ? -13.364 2.456   3.068   1.00 10.00 ? 61 ASP A C    1 
ATOM   903  O  O    . ASP A 1 64 ? -13.821 3.409   2.443   1.00 10.00 ? 61 ASP A O    1 
ATOM   904  C  CB   . ASP A 1 64 ? -14.841 3.065   5.103   1.00 10.00 ? 61 ASP A CB   1 
ATOM   905  C  CG   . ASP A 1 64 ? -16.331 2.936   4.834   1.00 10.00 ? 61 ASP A CG   1 
ATOM   906  O  OD1  . ASP A 1 64 ? -16.923 2.031   5.458   1.00 10.00 ? 61 ASP A OD1  1 
ATOM   907  O  OD2  . ASP A 1 64 ? -16.848 3.752   4.044   1.00 10.00 ? 61 ASP A OD2  1 
ATOM   908  H  H    . ASP A 1 64 ? -12.876 2.073   6.147   1.00 10.00 ? 61 ASP A H    1 
ATOM   909  H  HA   . ASP A 1 64 ? -14.692 1.149   4.125   1.00 10.00 ? 61 ASP A HA   1 
ATOM   910  H  HB2  . ASP A 1 64 ? -14.740 2.985   6.183   1.00 10.00 ? 61 ASP A HB2  1 
ATOM   911  H  HB3  . ASP A 1 64 ? -14.514 4.062   4.804   1.00 10.00 ? 61 ASP A HB3  1 
ATOM   912  N  N    . CYS A 1 65 ? -12.251 1.835   2.658   1.00 10.00 ? 62 CYS A N    1 
ATOM   913  C  CA   . CYS A 1 65 ? -11.381 2.407   1.629   1.00 10.00 ? 62 CYS A CA   1 
ATOM   914  C  C    . CYS A 1 65 ? -11.808 2.113   0.183   1.00 10.00 ? 62 CYS A C    1 
ATOM   915  O  O    . CYS A 1 65 ? -12.006 0.962   -0.198  1.00 10.00 ? 62 CYS A O    1 
ATOM   916  C  CB   . CYS A 1 65 ? -9.907  2.087   1.885   1.00 10.00 ? 62 CYS A CB   1 
ATOM   917  S  SG   . CYS A 1 65 ? -9.012  3.270   2.905   1.00 10.00 ? 62 CYS A SG   1 
ATOM   918  H  H    . CYS A 1 65 ? -11.988 0.978   3.130   1.00 10.00 ? 62 CYS A H    1 
ATOM   919  H  HA   . CYS A 1 65 ? -11.436 3.480   1.725   1.00 10.00 ? 62 CYS A HA   1 
ATOM   920  H  HB2  . CYS A 1 65 ? -9.766  1.080   2.273   1.00 10.00 ? 62 CYS A HB2  1 
ATOM   921  H  HB3  . CYS A 1 65 ? -9.390  2.197   0.942   1.00 10.00 ? 62 CYS A HB3  1 
ATOM   922  N  N    . THR A 1 66 ? -11.884 3.171   -0.635  1.00 10.00 ? 63 THR A N    1 
ATOM   923  C  CA   . THR A 1 66 ? -12.280 3.129   -2.040  1.00 10.00 ? 63 THR A CA   1 
ATOM   924  C  C    . THR A 1 66 ? -11.028 3.103   -2.918  1.00 10.00 ? 63 THR A C    1 
ATOM   925  O  O    . THR A 1 66 ? -10.058 3.806   -2.625  1.00 10.00 ? 63 THR A O    1 
ATOM   926  C  CB   . THR A 1 66 ? -13.127 4.374   -2.371  1.00 10.00 ? 63 THR A CB   1 
ATOM   927  O  OG1  . THR A 1 66 ? -14.060 4.618   -1.341  1.00 10.00 ? 63 THR A OG1  1 
ATOM   928  C  CG2  . THR A 1 66 ? -13.923 4.196   -3.663  1.00 10.00 ? 63 THR A CG2  1 
ATOM   929  H  H    . THR A 1 66 ? -11.659 4.087   -0.280  1.00 10.00 ? 63 THR A H    1 
ATOM   930  H  HA   . THR A 1 66 ? -12.884 2.239   -2.222  1.00 10.00 ? 63 THR A HA   1 
ATOM   931  H  HB   . THR A 1 66 ? -12.475 5.248   -2.461  1.00 10.00 ? 63 THR A HB   1 
ATOM   932  H  HG1  . THR A 1 66 ? -14.588 5.387   -1.573  1.00 10.00 ? 63 THR A HG1  1 
ATOM   933  H  HG21 . THR A 1 66 ? -13.265 3.951   -4.495  1.00 10.00 ? 63 THR A HG21 1 
ATOM   934  H  HG22 . THR A 1 66 ? -14.653 3.395   -3.536  1.00 10.00 ? 63 THR A HG22 1 
ATOM   935  H  HG23 . THR A 1 66 ? -14.453 5.121   -3.898  1.00 10.00 ? 63 THR A HG23 1 
ATOM   936  N  N    . ASP A 1 67 ? -11.054 2.324   -4.005  1.00 10.00 ? 64 ASP A N    1 
ATOM   937  C  CA   . ASP A 1 67 ? -9.995  2.219   -4.997  1.00 10.00 ? 64 ASP A CA   1 
ATOM   938  C  C    . ASP A 1 67 ? -9.340  3.568   -5.353  1.00 10.00 ? 64 ASP A C    1 
ATOM   939  O  O    . ASP A 1 67 ? -8.122  3.634   -5.482  1.00 10.00 ? 64 ASP A O    1 
ATOM   940  C  CB   . ASP A 1 67 ? -10.588 1.496   -6.199  1.00 10.00 ? 64 ASP A CB   1 
ATOM   941  C  CG   . ASP A 1 67 ? -10.785 0.009   -5.903  1.00 10.00 ? 64 ASP A CG   1 
ATOM   942  O  OD1  . ASP A 1 67 ? -9.794  -0.744  -6.007  1.00 10.00 ? 64 ASP A OD1  1 
ATOM   943  O  OD2  . ASP A 1 67 ? -11.920 -0.354  -5.527  1.00 10.00 ? 64 ASP A OD2  1 
ATOM   944  H  H    . ASP A 1 67 ? -11.858 1.738   -4.190  1.00 10.00 ? 64 ASP A H    1 
ATOM   945  H  HA   . ASP A 1 67 ? -9.210  1.567   -4.622  1.00 10.00 ? 64 ASP A HA   1 
ATOM   946  H  HB2  . ASP A 1 67 ? -11.533 1.963   -6.462  1.00 10.00 ? 64 ASP A HB2  1 
ATOM   947  H  HB3  . ASP A 1 67 ? -9.902  1.606   -7.029  1.00 10.00 ? 64 ASP A HB3  1 
ATOM   948  N  N    . GLU A 1 68 ? -10.127 4.644   -5.456  1.00 10.00 ? 65 GLU A N    1 
ATOM   949  C  CA   . GLU A 1 68 ? -9.642  6.019   -5.593  1.00 10.00 ? 65 GLU A CA   1 
ATOM   950  C  C    . GLU A 1 68 ? -8.501  6.345   -4.603  1.00 10.00 ? 65 GLU A C    1 
ATOM   951  O  O    . GLU A 1 68 ? -7.354  6.537   -5.021  1.00 10.00 ? 65 GLU A O    1 
ATOM   952  C  CB   . GLU A 1 68 ? -10.811 7.018   -5.476  1.00 10.00 ? 65 GLU A CB   1 
ATOM   953  C  CG   . GLU A 1 68 ? -12.048 6.606   -6.298  1.00 10.00 ? 65 GLU A CG   1 
ATOM   954  C  CD   . GLU A 1 68 ? -13.057 7.737   -6.458  1.00 10.00 ? 65 GLU A CD   1 
ATOM   955  O  OE1  . GLU A 1 68 ? -12.760 8.644   -7.265  1.00 10.00 ? 65 GLU A OE1  1 
ATOM   956  O  OE2  . GLU A 1 68 ? -14.108 7.656   -5.788  1.00 10.00 ? 65 GLU A OE2  1 
ATOM   957  H  H    . GLU A 1 68 ? -11.119 4.495   -5.401  1.00 10.00 ? 65 GLU A H    1 
ATOM   958  H  HA   . GLU A 1 68 ? -9.235  6.118   -6.601  1.00 10.00 ? 65 GLU A HA   1 
ATOM   959  H  HB2  . GLU A 1 68 ? -11.111 7.150   -4.434  1.00 10.00 ? 65 GLU A HB2  1 
ATOM   960  H  HB3  . GLU A 1 68 ? -10.461 7.987   -5.842  1.00 10.00 ? 65 GLU A HB3  1 
ATOM   961  H  HG2  . GLU A 1 68 ? -11.748 6.292   -7.296  1.00 10.00 ? 65 GLU A HG2  1 
ATOM   962  H  HG3  . GLU A 1 68 ? -12.575 5.791   -5.807  1.00 10.00 ? 65 GLU A HG3  1 
ATOM   963  N  N    . ASP A 1 69 ? -8.783  6.344   -3.292  1.00 10.00 ? 66 ASP A N    1 
ATOM   964  C  CA   . ASP A 1 69 ? -7.784  6.695   -2.284  1.00 10.00 ? 66 ASP A CA   1 
ATOM   965  C  C    . ASP A 1 69 ? -6.764  5.545   -2.143  1.00 10.00 ? 66 ASP A C    1 
ATOM   966  O  O    . ASP A 1 69 ? -5.573  5.787   -1.935  1.00 10.00 ? 66 ASP A O    1 
ATOM   967  C  CB   . ASP A 1 69 ? -8.465  7.094   -0.953  1.00 10.00 ? 66 ASP A CB   1 
ATOM   968  C  CG   . ASP A 1 69 ? -9.051  8.499   -0.946  1.00 10.00 ? 66 ASP A CG   1 
ATOM   969  O  OD1  . ASP A 1 69 ? -9.620  8.890   -1.985  1.00 10.00 ? 66 ASP A OD1  1 
ATOM   970  O  OD2  . ASP A 1 69 ? -8.926  9.146   0.119   1.00 10.00 ? 66 ASP A OD2  1 
ATOM   971  H  H    . ASP A 1 69 ? -9.698  6.049   -2.968  1.00 10.00 ? 66 ASP A H    1 
ATOM   972  H  HA   . ASP A 1 69 ? -7.230  7.572   -2.623  1.00 10.00 ? 66 ASP A HA   1 
ATOM   973  H  HB2  . ASP A 1 69 ? -9.261  6.406   -0.678  1.00 10.00 ? 66 ASP A HB2  1 
ATOM   974  H  HB3  . ASP A 1 69 ? -7.726  7.117   -0.157  1.00 10.00 ? 66 ASP A HB3  1 
ATOM   975  N  N    . TYR A 1 70 ? -7.201  4.291   -2.333  1.00 10.00 ? 67 TYR A N    1 
ATOM   976  C  CA   . TYR A 1 70 ? -6.338  3.111   -2.308  1.00 10.00 ? 67 TYR A CA   1 
ATOM   977  C  C    . TYR A 1 70 ? -5.175  3.238   -3.295  1.00 10.00 ? 67 TYR A C    1 
ATOM   978  O  O    . TYR A 1 70 ? -4.002  3.105   -2.948  1.00 10.00 ? 67 TYR A O    1 
ATOM   979  C  CB   . TYR A 1 70 ? -7.188  1.892   -2.694  1.00 10.00 ? 67 TYR A CB   1 
ATOM   980  C  CG   . TYR A 1 70 ? -7.290  0.809   -1.658  1.00 10.00 ? 67 TYR A CG   1 
ATOM   981  C  CD1  . TYR A 1 70 ? -6.337  -0.218  -1.630  1.00 10.00 ? 67 TYR A CD1  1 
ATOM   982  C  CD2  . TYR A 1 70 ? -8.479  0.675   -0.921  1.00 10.00 ? 67 TYR A CD2  1 
ATOM   983  C  CE1  . TYR A 1 70 ? -6.630  -1.400  -0.942  1.00 10.00 ? 67 TYR A CE1  1 
ATOM   984  C  CE2  . TYR A 1 70 ? -8.617  -0.382  -0.007  1.00 10.00 ? 67 TYR A CE2  1 
ATOM   985  C  CZ   . TYR A 1 70 ? -7.669  -1.408  -0.006  1.00 10.00 ? 67 TYR A CZ   1 
ATOM   986  O  OH   . TYR A 1 70 ? -7.614  -2.268  1.035   1.00 10.00 ? 67 TYR A OH   1 
ATOM   987  H  H    . TYR A 1 70 ? -8.171  4.146   -2.605  1.00 10.00 ? 67 TYR A H    1 
ATOM   988  H  HA   . TYR A 1 70 ? -5.935  2.985   -1.301  1.00 10.00 ? 67 TYR A HA   1 
ATOM   989  H  HB2  . TYR A 1 70 ? -8.203  2.204   -2.892  1.00 10.00 ? 67 TYR A HB2  1 
ATOM   990  H  HB3  . TYR A 1 70 ? -6.827  1.439   -3.616  1.00 10.00 ? 67 TYR A HB3  1 
ATOM   991  H  HD1  . TYR A 1 70 ? -5.419  -0.139  -2.187  1.00 10.00 ? 67 TYR A HD1  1 
ATOM   992  H  HD2  . TYR A 1 70 ? -9.277  1.388   -1.055  1.00 10.00 ? 67 TYR A HD2  1 
ATOM   993  H  HE1  . TYR A 1 70 ? -6.046  -2.285  -1.113  1.00 10.00 ? 67 TYR A HE1  1 
ATOM   994  H  HE2  . TYR A 1 70 ? -9.492  -0.463  0.621   1.00 10.00 ? 67 TYR A HE2  1 
ATOM   995  H  HH   . TYR A 1 70 ? -7.613  -1.795  1.876   1.00 10.00 ? 67 TYR A HH   1 
ATOM   996  N  N    . LYS A 1 71 ? -5.521  3.478   -4.558  1.00 10.00 ? 68 LYS A N    1 
ATOM   997  C  CA   . LYS A 1 71 ? -4.560  3.489   -5.639  1.00 10.00 ? 68 LYS A CA   1 
ATOM   998  C  C    . LYS A 1 71 ? -3.739  4.761   -5.556  1.00 10.00 ? 68 LYS A C    1 
ATOM   999  O  O    . LYS A 1 71 ? -2.522  4.662   -5.586  1.00 10.00 ? 68 LYS A O    1 
ATOM   1000 C  CB   . LYS A 1 71 ? -5.194  3.218   -7.006  1.00 10.00 ? 68 LYS A CB   1 
ATOM   1001 C  CG   . LYS A 1 71 ? -5.894  4.406   -7.683  1.00 10.00 ? 68 LYS A CG   1 
ATOM   1002 C  CD   . LYS A 1 71 ? -6.638  3.926   -8.940  1.00 10.00 ? 68 LYS A CD   1 
ATOM   1003 C  CE   . LYS A 1 71 ? -5.671  3.544   -10.075 1.00 10.00 ? 68 LYS A CE   1 
ATOM   1004 N  NZ   . LYS A 1 71 ? -6.353  2.796   -11.151 1.00 10.00 ? 68 LYS A NZ   1 
ATOM   1005 H  H    . LYS A 1 71 ? -6.483  3.715   -4.748  1.00 10.00 ? 68 LYS A H    1 
ATOM   1006 H  HA   . LYS A 1 71 ? -3.883  2.651   -5.470  1.00 10.00 ? 68 LYS A HA   1 
ATOM   1007 H  HB2  . LYS A 1 71 ? -4.376  2.887   -7.644  1.00 10.00 ? 68 LYS A HB2  1 
ATOM   1008 H  HB3  . LYS A 1 71 ? -5.896  2.390   -6.897  1.00 10.00 ? 68 LYS A HB3  1 
ATOM   1009 H  HG2  . LYS A 1 71 ? -6.617  4.842   -6.993  1.00 10.00 ? 68 LYS A HG2  1 
ATOM   1010 H  HG3  . LYS A 1 71 ? -5.171  5.180   -7.951  1.00 10.00 ? 68 LYS A HG3  1 
ATOM   1011 H  HD2  . LYS A 1 71 ? -7.265  3.074   -8.665  1.00 10.00 ? 68 LYS A HD2  1 
ATOM   1012 H  HD3  . LYS A 1 71 ? -7.294  4.732   -9.281  1.00 10.00 ? 68 LYS A HD3  1 
ATOM   1013 H  HE2  . LYS A 1 71 ? -5.212  4.454   -10.469 1.00 10.00 ? 68 LYS A HE2  1 
ATOM   1014 H  HE3  . LYS A 1 71 ? -4.874  2.897   -9.709  1.00 10.00 ? 68 LYS A HE3  1 
ATOM   1015 H  HZ1  . LYS A 1 71 ? -6.573  1.851   -10.826 1.00 10.00 ? 68 LYS A HZ1  1 
ATOM   1016 H  HZ2  . LYS A 1 71 ? -7.202  3.254   -11.447 1.00 10.00 ? 68 LYS A HZ2  1 
ATOM   1017 H  HZ3  . LYS A 1 71 ? -5.736  2.661   -11.939 1.00 10.00 ? 68 LYS A HZ3  1 
ATOM   1018 N  N    . ALA A 1 72 ? -4.376  5.919   -5.337  1.00 10.00 ? 69 ALA A N    1 
ATOM   1019 C  CA   . ALA A 1 72 ? -3.673  7.158   -5.007  1.00 10.00 ? 69 ALA A CA   1 
ATOM   1020 C  C    . ALA A 1 72 ? -2.610  6.953   -3.909  1.00 10.00 ? 69 ALA A C    1 
ATOM   1021 O  O    . ALA A 1 72 ? -1.506  7.486   -3.994  1.00 10.00 ? 69 ALA A O    1 
ATOM   1022 C  CB   . ALA A 1 72 ? -4.699  8.224   -4.640  1.00 10.00 ? 69 ALA A CB   1 
ATOM   1023 H  H    . ALA A 1 72 ? -5.391  5.929   -5.283  1.00 10.00 ? 69 ALA A H    1 
ATOM   1024 H  HA   . ALA A 1 72 ? -3.177  7.539   -5.895  1.00 10.00 ? 69 ALA A HA   1 
ATOM   1025 H  HB1  . ALA A 1 72 ? -5.385  8.373   -5.475  1.00 10.00 ? 69 ALA A HB1  1 
ATOM   1026 H  HB2  . ALA A 1 72 ? -5.263  7.903   -3.767  1.00 10.00 ? 69 ALA A HB2  1 
ATOM   1027 H  HB3  . ALA A 1 72 ? -4.189  9.166   -4.439  1.00 10.00 ? 69 ALA A HB3  1 
ATOM   1028 N  N    . ALA A 1 73 ? -2.907  6.139   -2.890  1.00 10.00 ? 70 ALA A N    1 
ATOM   1029 C  CA   . ALA A 1 73 ? -1.946  5.806   -1.836  1.00 10.00 ? 70 ALA A CA   1 
ATOM   1030 C  C    . ALA A 1 73 ? -0.782  4.950   -2.365  1.00 10.00 ? 70 ALA A C    1 
ATOM   1031 O  O    . ALA A 1 73 ? 0.378   5.282   -2.135  1.00 10.00 ? 70 ALA A O    1 
ATOM   1032 C  CB   . ALA A 1 73 ? -2.666  5.166   -0.645  1.00 10.00 ? 70 ALA A CB   1 
ATOM   1033 H  H    . ALA A 1 73 ? -3.827  5.708   -2.878  1.00 10.00 ? 70 ALA A H    1 
ATOM   1034 H  HA   . ALA A 1 73 ? -1.500  6.727   -1.461  1.00 10.00 ? 70 ALA A HA   1 
ATOM   1035 H  HB1  . ALA A 1 73 ? -3.412  5.860   -0.255  1.00 10.00 ? 70 ALA A HB1  1 
ATOM   1036 H  HB2  . ALA A 1 73 ? -3.156  4.240   -0.933  1.00 10.00 ? 70 ALA A HB2  1 
ATOM   1037 H  HB3  . ALA A 1 73 ? -1.948  4.948   0.145   1.00 10.00 ? 70 ALA A HB3  1 
ATOM   1038 N  N    . ILE A 1 74 ? -1.071  3.881   -3.112  1.00 10.00 ? 71 ILE A N    1 
ATOM   1039 C  CA   . ILE A 1 74 ? -0.045  3.064   -3.778  1.00 10.00 ? 71 ILE A CA   1 
ATOM   1040 C  C    . ILE A 1 74 ? 0.832   3.911   -4.728  1.00 10.00 ? 71 ILE A C    1 
ATOM   1041 O  O    . ILE A 1 74 ? 2.059   3.777   -4.758  1.00 10.00 ? 71 ILE A O    1 
ATOM   1042 C  CB   . ILE A 1 74 ? -0.732  1.859   -4.460  1.00 10.00 ? 71 ILE A CB   1 
ATOM   1043 C  CG1  . ILE A 1 74 ? -0.974  0.716   -3.463  1.00 10.00 ? 71 ILE A CG1  1 
ATOM   1044 C  CG2  . ILE A 1 74 ? 0.022   1.345   -5.693  1.00 10.00 ? 71 ILE A CG2  1 
ATOM   1045 C  CD1  . ILE A 1 74 ? -2.303  0.003   -3.710  1.00 10.00 ? 71 ILE A CD1  1 
ATOM   1046 H  H    . ILE A 1 74 ? -2.050  3.704   -3.320  1.00 10.00 ? 71 ILE A H    1 
ATOM   1047 H  HA   . ILE A 1 74 ? 0.633   2.663   -3.027  1.00 10.00 ? 71 ILE A HA   1 
ATOM   1048 H  HB   . ILE A 1 74 ? -1.717  2.164   -4.785  1.00 10.00 ? 71 ILE A HB   1 
ATOM   1049 H  HG12 . ILE A 1 74 ? -0.190  -0.028  -3.561  1.00 10.00 ? 71 ILE A HG12 1 
ATOM   1050 H  HG13 . ILE A 1 74 ? -0.979  1.105   -2.447  1.00 10.00 ? 71 ILE A HG13 1 
ATOM   1051 H  HG21 . ILE A 1 74 ? -0.003  2.087   -6.491  1.00 10.00 ? 71 ILE A HG21 1 
ATOM   1052 H  HG22 . ILE A 1 74 ? 1.056   1.133   -5.427  1.00 10.00 ? 71 ILE A HG22 1 
ATOM   1053 H  HG23 . ILE A 1 74 ? -0.449  0.434   -6.062  1.00 10.00 ? 71 ILE A HG23 1 
ATOM   1054 H  HD11 . ILE A 1 74 ? -3.126  0.696   -3.543  1.00 10.00 ? 71 ILE A HD11 1 
ATOM   1055 H  HD12 . ILE A 1 74 ? -2.345  -0.376  -4.731  1.00 10.00 ? 71 ILE A HD12 1 
ATOM   1056 H  HD13 . ILE A 1 74 ? -2.393  -0.830  -3.014  1.00 10.00 ? 71 ILE A HD13 1 
ATOM   1057 N  N    . GLU A 1 75 ? 0.210   4.810   -5.495  1.00 10.00 ? 72 GLU A N    1 
ATOM   1058 C  CA   . GLU A 1 75 ? 0.898   5.709   -6.416  1.00 10.00 ? 72 GLU A CA   1 
ATOM   1059 C  C    . GLU A 1 75 ? 1.600   6.893   -5.748  1.00 10.00 ? 72 GLU A C    1 
ATOM   1060 O  O    . GLU A 1 75 ? 2.587   7.378   -6.299  1.00 10.00 ? 72 GLU A O    1 
ATOM   1061 C  CB   . GLU A 1 75 ? 0.085   6.050   -7.672  1.00 10.00 ? 72 GLU A CB   1 
ATOM   1062 C  CG   . GLU A 1 75 ? -1.135  6.949   -7.466  1.00 10.00 ? 72 GLU A CG   1 
ATOM   1063 C  CD   . GLU A 1 75 ? -1.615  7.609   -8.752  1.00 10.00 ? 72 GLU A CD   1 
ATOM   1064 O  OE1  . GLU A 1 75 ? -1.612  6.908   -9.787  1.00 10.00 ? 72 GLU A OE1  1 
ATOM   1065 O  OE2  . GLU A 1 75 ? -1.994  8.796   -8.667  1.00 10.00 ? 72 GLU A OE2  1 
ATOM   1066 H  H    . GLU A 1 75 ? -0.793  4.870   -5.400  1.00 10.00 ? 72 GLU A H    1 
ATOM   1067 H  HA   . GLU A 1 75 ? 1.729   5.151   -6.810  1.00 10.00 ? 72 GLU A HA   1 
ATOM   1068 H  HB2  . GLU A 1 75 ? 0.748   6.571   -8.363  1.00 10.00 ? 72 GLU A HB2  1 
ATOM   1069 H  HB3  . GLU A 1 75 ? -0.248  5.122   -8.141  1.00 10.00 ? 72 GLU A HB3  1 
ATOM   1070 H  HG2  . GLU A 1 75 ? -1.954  6.324   -7.144  1.00 10.00 ? 72 GLU A HG2  1 
ATOM   1071 H  HG3  . GLU A 1 75 ? -0.930  7.725   -6.730  1.00 10.00 ? 72 GLU A HG3  1 
ATOM   1072 N  N    . PHE A 1 76 ? 1.191   7.296   -4.538  1.00 10.00 ? 73 PHE A N    1 
ATOM   1073 C  CA   . PHE A 1 76 ? 1.998   8.218   -3.738  1.00 10.00 ? 73 PHE A CA   1 
ATOM   1074 C  C    . PHE A 1 76 ? 3.449   7.721   -3.588  1.00 10.00 ? 73 PHE A C    1 
ATOM   1075 O  O    . PHE A 1 76 ? 4.390   8.501   -3.715  1.00 10.00 ? 73 PHE A O    1 
ATOM   1076 C  CB   . PHE A 1 76 ? 1.338   8.452   -2.374  1.00 10.00 ? 73 PHE A CB   1 
ATOM   1077 C  CG   . PHE A 1 76 ? 1.996   9.558   -1.571  1.00 10.00 ? 73 PHE A CG   1 
ATOM   1078 C  CD1  . PHE A 1 76 ? 3.176   9.300   -0.848  1.00 10.00 ? 73 PHE A CD1  1 
ATOM   1079 C  CD2  . PHE A 1 76 ? 1.468   10.861  -1.600  1.00 10.00 ? 73 PHE A CD2  1 
ATOM   1080 C  CE1  . PHE A 1 76 ? 3.826   10.340  -0.160  1.00 10.00 ? 73 PHE A CE1  1 
ATOM   1081 C  CE2  . PHE A 1 76 ? 2.094   11.891  -0.875  1.00 10.00 ? 73 PHE A CE2  1 
ATOM   1082 C  CZ   . PHE A 1 76 ? 3.262   11.628  -0.142  1.00 10.00 ? 73 PHE A CZ   1 
ATOM   1083 H  H    . PHE A 1 76 ? 0.304   6.957   -4.167  1.00 10.00 ? 73 PHE A H    1 
ATOM   1084 H  HA   . PHE A 1 76 ? 2.028   9.176   -4.261  1.00 10.00 ? 73 PHE A HA   1 
ATOM   1085 H  HB2  . PHE A 1 76 ? 0.291   8.710   -2.531  1.00 10.00 ? 73 PHE A HB2  1 
ATOM   1086 H  HB3  . PHE A 1 76 ? 1.371   7.533   -1.789  1.00 10.00 ? 73 PHE A HB3  1 
ATOM   1087 H  HD1  . PHE A 1 76 ? 3.582   8.299   -0.806  1.00 10.00 ? 73 PHE A HD1  1 
ATOM   1088 H  HD2  . PHE A 1 76 ? 0.573   11.077  -2.167  1.00 10.00 ? 73 PHE A HD2  1 
ATOM   1089 H  HE1  . PHE A 1 76 ? 4.704   10.130  0.432   1.00 10.00 ? 73 PHE A HE1  1 
ATOM   1090 H  HE2  . PHE A 1 76 ? 1.655   12.881  -0.841  1.00 10.00 ? 73 PHE A HE2  1 
ATOM   1091 H  HZ   . PHE A 1 76 ? 3.695   12.407  0.471   1.00 10.00 ? 73 PHE A HZ   1 
ATOM   1092 N  N    . MET A 1 77 ? 3.636   6.420   -3.323  1.00 10.00 ? 74 MET A N    1 
ATOM   1093 C  CA   . MET A 1 77 ? 4.962   5.818   -3.205  1.00 10.00 ? 74 MET A CA   1 
ATOM   1094 C  C    . MET A 1 77 ? 5.692   5.696   -4.557  1.00 10.00 ? 74 MET A C    1 
ATOM   1095 O  O    . MET A 1 77 ? 6.602   6.471   -4.846  1.00 10.00 ? 74 MET A O    1 
ATOM   1096 C  CB   . MET A 1 77 ? 4.851   4.449   -2.522  1.00 10.00 ? 74 MET A CB   1 
ATOM   1097 C  CG   . MET A 1 77 ? 4.718   4.536   -0.991  1.00 10.00 ? 74 MET A CG   1 
ATOM   1098 S  SD   . MET A 1 77 ? 3.068   4.728   -0.266  1.00 10.00 ? 74 MET A SD   1 
ATOM   1099 C  CE   . MET A 1 77 ? 2.382   3.070   -0.502  1.00 10.00 ? 74 MET A CE   1 
ATOM   1100 H  H    . MET A 1 77 ? 2.822   5.829   -3.213  1.00 10.00 ? 74 MET A H    1 
ATOM   1101 H  HA   . MET A 1 77 ? 5.577   6.467   -2.583  1.00 10.00 ? 74 MET A HA   1 
ATOM   1102 H  HB2  . MET A 1 77 ? 3.997   3.914   -2.932  1.00 10.00 ? 74 MET A HB2  1 
ATOM   1103 H  HB3  . MET A 1 77 ? 5.766   3.891   -2.756  1.00 10.00 ? 74 MET A HB3  1 
ATOM   1104 H  HG2  . MET A 1 77 ? 5.115   3.617   -0.568  1.00 10.00 ? 74 MET A HG2  1 
ATOM   1105 H  HG3  . MET A 1 77 ? 5.329   5.360   -0.629  1.00 10.00 ? 74 MET A HG3  1 
ATOM   1106 H  HE1  . MET A 1 77 ? 2.300   2.847   -1.561  1.00 10.00 ? 74 MET A HE1  1 
ATOM   1107 H  HE2  . MET A 1 77 ? 3.022   2.329   -0.024  1.00 10.00 ? 74 MET A HE2  1 
ATOM   1108 H  HE3  . MET A 1 77 ? 1.392   3.028   -0.052  1.00 10.00 ? 74 MET A HE3  1 
ATOM   1109 N  N    . SER A 1 78 ? 5.347   4.686   -5.366  1.00 10.00 ? 75 SER A N    1 
ATOM   1110 C  CA   . SER A 1 78 ? 5.976   4.464   -6.676  1.00 10.00 ? 75 SER A CA   1 
ATOM   1111 C  C    . SER A 1 78 ? 5.103   3.594   -7.596  1.00 10.00 ? 75 SER A C    1 
ATOM   1112 O  O    . SER A 1 78 ? 5.576   2.688   -8.277  1.00 10.00 ? 75 SER A O    1 
ATOM   1113 C  CB   . SER A 1 78 ? 7.401   3.909   -6.509  1.00 10.00 ? 75 SER A CB   1 
ATOM   1114 O  OG   . SER A 1 78 ? 8.124   4.049   -7.719  1.00 10.00 ? 75 SER A OG   1 
ATOM   1115 H  H    . SER A 1 78 ? 4.602   4.074   -5.054  1.00 10.00 ? 75 SER A H    1 
ATOM   1116 H  HA   . SER A 1 78 ? 6.063   5.432   -7.171  1.00 10.00 ? 75 SER A HA   1 
ATOM   1117 H  HB2  . SER A 1 78 ? 7.927   4.463   -5.728  1.00 10.00 ? 75 SER A HB2  1 
ATOM   1118 H  HB3  . SER A 1 78 ? 7.360   2.861   -6.224  1.00 10.00 ? 75 SER A HB3  1 
ATOM   1119 H  HG   . SER A 1 78 ? 8.997   3.657   -7.618  1.00 10.00 ? 75 SER A HG   1 
ATOM   1120 N  N    . LYS A 1 79 ? 3.801   3.896   -7.605  1.00 10.00 ? 76 LYS A N    1 
ATOM   1121 C  CA   . LYS A 1 79 ? 2.765   3.368   -8.499  1.00 10.00 ? 76 LYS A CA   1 
ATOM   1122 C  C    . LYS A 1 79 ? 2.917   1.893   -8.879  1.00 10.00 ? 76 LYS A C    1 
ATOM   1123 O  O    . LYS A 1 79 ? 2.846   1.511   -10.044 1.00 10.00 ? 76 LYS A O    1 
ATOM   1124 C  CB   . LYS A 1 79 ? 2.559   4.317   -9.686  1.00 10.00 ? 76 LYS A CB   1 
ATOM   1125 C  CG   . LYS A 1 79 ? 3.756   4.367   -10.637 1.00 10.00 ? 76 LYS A CG   1 
ATOM   1126 C  CD   . LYS A 1 79 ? 3.480   5.399   -11.730 1.00 10.00 ? 76 LYS A CD   1 
ATOM   1127 C  CE   . LYS A 1 79 ? 4.456   5.131   -12.875 1.00 10.00 ? 76 LYS A CE   1 
ATOM   1128 N  NZ   . LYS A 1 79 ? 4.378   6.188   -13.903 1.00 10.00 ? 76 LYS A NZ   1 
ATOM   1129 H  H    . LYS A 1 79 ? 3.521   4.611   -6.951  1.00 10.00 ? 76 LYS A H    1 
ATOM   1130 H  HA   . LYS A 1 79 ? 1.826   3.374   -7.949  1.00 10.00 ? 76 LYS A HA   1 
ATOM   1131 H  HB2  . LYS A 1 79 ? 1.671   4.000   -10.237 1.00 10.00 ? 76 LYS A HB2  1 
ATOM   1132 H  HB3  . LYS A 1 79 ? 2.387   5.322   -9.303  1.00 10.00 ? 76 LYS A HB3  1 
ATOM   1133 H  HG2  . LYS A 1 79 ? 4.662   4.642   -10.096 1.00 10.00 ? 76 LYS A HG2  1 
ATOM   1134 H  HG3  . LYS A 1 79 ? 3.905   3.385   -11.085 1.00 10.00 ? 76 LYS A HG3  1 
ATOM   1135 H  HD2  . LYS A 1 79 ? 2.450   5.294   -12.084 1.00 10.00 ? 76 LYS A HD2  1 
ATOM   1136 H  HD3  . LYS A 1 79 ? 3.609   6.400   -11.310 1.00 10.00 ? 76 LYS A HD3  1 
ATOM   1137 H  HE2  . LYS A 1 79 ? 5.465   5.065   -12.463 1.00 10.00 ? 76 LYS A HE2  1 
ATOM   1138 H  HE3  . LYS A 1 79 ? 4.204   4.158   -13.308 1.00 10.00 ? 76 LYS A HE3  1 
ATOM   1139 H  HZ1  . LYS A 1 79 ? 3.428   6.274   -14.241 1.00 10.00 ? 76 LYS A HZ1  1 
ATOM   1140 H  HZ2  . LYS A 1 79 ? 4.662   7.072   -13.507 1.00 10.00 ? 76 LYS A HZ2  1 
ATOM   1141 H  HZ3  . LYS A 1 79 ? 4.985   5.965   -14.681 1.00 10.00 ? 76 LYS A HZ3  1 
ATOM   1142 N  N    . ALA A 1 80 ? 3.046   1.064   -7.846  1.00 10.00 ? 77 ALA A N    1 
ATOM   1143 C  CA   . ALA A 1 80 ? 2.973   -0.383  -7.964  1.00 10.00 ? 77 ALA A CA   1 
ATOM   1144 C  C    . ALA A 1 80 ? 2.319   -1.028  -6.744  1.00 10.00 ? 77 ALA A C    1 
ATOM   1145 O  O    . ALA A 1 80 ? 1.244   -1.602  -6.857  1.00 10.00 ? 77 ALA A O    1 
ATOM   1146 C  CB   . ALA A 1 80 ? 4.363   -0.961  -8.236  1.00 10.00 ? 77 ALA A CB   1 
ATOM   1147 H  H    . ALA A 1 80 ? 3.134   1.501   -6.943  1.00 10.00 ? 77 ALA A H    1 
ATOM   1148 H  HA   . ALA A 1 80 ? 2.345   -0.633  -8.817  1.00 10.00 ? 77 ALA A HA   1 
ATOM   1149 H  HB1  . ALA A 1 80 ? 4.931   -0.308  -8.892  1.00 10.00 ? 77 ALA A HB1  1 
ATOM   1150 H  HB2  . ALA A 1 80 ? 4.937   -1.104  -7.322  1.00 10.00 ? 77 ALA A HB2  1 
ATOM   1151 H  HB3  . ALA A 1 80 ? 4.218   -1.919  -8.725  1.00 10.00 ? 77 ALA A HB3  1 
ATOM   1152 N  N    . LYS A 1 81 ? 2.996   -0.953  -5.597  1.00 10.00 ? 78 LYS A N    1 
ATOM   1153 C  CA   . LYS A 1 81 ? 2.725   -1.750  -4.406  1.00 10.00 ? 78 LYS A CA   1 
ATOM   1154 C  C    . LYS A 1 81 ? 2.655   -0.954  -3.081  1.00 10.00 ? 78 LYS A C    1 
ATOM   1155 O  O    . LYS A 1 81 ? 3.168   -1.466  -2.057  1.00 10.00 ? 78 LYS A O    1 
ATOM   1156 C  CB   . LYS A 1 81 ? 3.784   -2.859  -4.363  1.00 10.00 ? 78 LYS A CB   1 
ATOM   1157 C  CG   . LYS A 1 81 ? 5.179   -2.350  -3.988  1.00 10.00 ? 78 LYS A CG   1 
ATOM   1158 C  CD   . LYS A 1 81 ? 5.748   -3.252  -2.895  1.00 10.00 ? 78 LYS A CD   1 
ATOM   1159 C  CE   . LYS A 1 81 ? 7.132   -2.734  -2.536  1.00 10.00 ? 78 LYS A CE   1 
ATOM   1160 N  NZ   . LYS A 1 81 ? 7.039   -1.697  -1.479  1.00 10.00 ? 78 LYS A NZ   1 
ATOM   1161 O  OXT  . LYS A 1 81 ? 2.082   0.153   -3.090  1.00 10.00 ? 78 LYS A OXT  1 
ATOM   1162 H  H    . LYS A 1 81 ? 3.845   -0.423  -5.616  1.00 10.00 ? 78 LYS A H    1 
ATOM   1163 H  HA   . LYS A 1 81 ? 1.750   -2.215  -4.533  1.00 10.00 ? 78 LYS A HA   1 
ATOM   1164 H  HB2  . LYS A 1 81 ? 3.478   -3.599  -3.632  1.00 10.00 ? 78 LYS A HB2  1 
ATOM   1165 H  HB3  . LYS A 1 81 ? 3.841   -3.345  -5.334  1.00 10.00 ? 78 LYS A HB3  1 
ATOM   1166 H  HG2  . LYS A 1 81 ? 5.829   -2.353  -4.862  1.00 10.00 ? 78 LYS A HG2  1 
ATOM   1167 H  HG3  . LYS A 1 81 ? 5.139   -1.334  -3.605  1.00 10.00 ? 78 LYS A HG3  1 
ATOM   1168 H  HD2  . LYS A 1 81 ? 5.100   -3.266  -2.007  1.00 10.00 ? 78 LYS A HD2  1 
ATOM   1169 H  HD3  . LYS A 1 81 ? 5.828   -4.271  -3.274  1.00 10.00 ? 78 LYS A HD3  1 
ATOM   1170 H  HE2  . LYS A 1 81 ? 7.691   -3.617  -2.248  1.00 10.00 ? 78 LYS A HE2  1 
ATOM   1171 H  HE3  . LYS A 1 81 ? 7.632   -2.336  -3.421  1.00 10.00 ? 78 LYS A HE3  1 
ATOM   1172 H  HZ1  . LYS A 1 81 ? 6.412   -0.969  -1.790  1.00 10.00 ? 78 LYS A HZ1  1 
ATOM   1173 H  HZ2  . LYS A 1 81 ? 6.647   -2.088  -0.638  1.00 10.00 ? 78 LYS A HZ2  1 
ATOM   1174 H  HZ3  . LYS A 1 81 ? 7.933   -1.272  -1.243  1.00 10.00 ? 78 LYS A HZ3  1 
HETATM 1175 FE FE   . HEC B 2 .  ? 1.849   -3.972  3.048   1.00 10.00 ? 90 HEC A FE   1 
HETATM 1176 C  CHA  . HEC B 2 .  ? 3.560   -6.433  1.184   1.00 10.00 ? 90 HEC A CHA  1 
HETATM 1177 C  CHB  . HEC B 2 .  ? 0.850   -2.443  0.095   1.00 10.00 ? 90 HEC A CHB  1 
HETATM 1178 C  CHC  . HEC B 2 .  ? -0.107  -1.866  4.911   1.00 10.00 ? 90 HEC A CHC  1 
HETATM 1179 C  CHD  . HEC B 2 .  ? 3.255   -5.335  5.942   1.00 10.00 ? 90 HEC A CHD  1 
HETATM 1180 N  NA   . HEC B 2 .  ? 2.123   -4.384  1.014   1.00 10.00 ? 90 HEC A NA   1 
HETATM 1181 C  C1A  . HEC B 2 .  ? 2.808   -5.462  0.507   1.00 10.00 ? 90 HEC A C1A  1 
HETATM 1182 C  C2A  . HEC B 2 .  ? 2.657   -5.419  -0.925  1.00 10.00 ? 90 HEC A C2A  1 
HETATM 1183 C  C3A  . HEC B 2 .  ? 1.850   -4.343  -1.217  1.00 10.00 ? 90 HEC A C3A  1 
HETATM 1184 C  C4A  . HEC B 2 .  ? 1.595   -3.631  0.007   1.00 10.00 ? 90 HEC A C4A  1 
HETATM 1185 C  CMA  . HEC B 2 .  ? 1.106   -4.103  -2.495  1.00 10.00 ? 90 HEC A CMA  1 
HETATM 1186 C  CAA  . HEC B 2 .  ? 3.330   -6.338  -1.916  1.00 10.00 ? 90 HEC A CAA  1 
HETATM 1187 C  CBA  . HEC B 2 .  ? 2.685   -7.722  -2.030  1.00 10.00 ? 90 HEC A CBA  1 
HETATM 1188 C  CGA  . HEC B 2 .  ? 3.445   -8.552  -3.050  1.00 10.00 ? 90 HEC A CGA  1 
HETATM 1189 O  O1A  . HEC B 2 .  ? 4.437   -9.190  -2.636  1.00 10.00 ? 90 HEC A O1A  1 
HETATM 1190 O  O2A  . HEC B 2 .  ? 3.099   -8.451  -4.245  1.00 10.00 ? 90 HEC A O2A  1 
HETATM 1191 N  NB   . HEC B 2 .  ? 0.584   -2.444  2.581   1.00 10.00 ? 90 HEC A NB   1 
HETATM 1192 C  C1B  . HEC B 2 .  ? 0.384   -1.947  1.319   1.00 10.00 ? 90 HEC A C1B  1 
HETATM 1193 C  C2B  . HEC B 2 .  ? -0.445  -0.775  1.442   1.00 10.00 ? 90 HEC A C2B  1 
HETATM 1194 C  C3B  . HEC B 2 .  ? -0.763  -0.637  2.781   1.00 10.00 ? 90 HEC A C3B  1 
HETATM 1195 C  C4B  . HEC B 2 .  ? -0.093  -1.700  3.508   1.00 10.00 ? 90 HEC A C4B  1 
HETATM 1196 C  CMB  . HEC B 2 .  ? -0.838  0.131   0.287   1.00 10.00 ? 90 HEC A CMB  1 
HETATM 1197 C  CAB  . HEC B 2 .  ? -1.496  0.538   3.396   1.00 10.00 ? 90 HEC A CAB  1 
HETATM 1198 C  CBB  . HEC B 2 .  ? -2.942  0.701   2.900   1.00 10.00 ? 90 HEC A CBB  1 
HETATM 1199 N  NC   . HEC B 2 .  ? 1.592   -3.675  5.078   1.00 10.00 ? 90 HEC A NC   1 
HETATM 1200 C  C1C  . HEC B 2 .  ? 0.706   -2.783  5.609   1.00 10.00 ? 90 HEC A C1C  1 
HETATM 1201 C  C2C  . HEC B 2 .  ? 0.803   -2.903  7.051   1.00 10.00 ? 90 HEC A C2C  1 
HETATM 1202 C  C3C  . HEC B 2 .  ? 1.744   -3.877  7.328   1.00 10.00 ? 90 HEC A C3C  1 
HETATM 1203 C  C4C  . HEC B 2 .  ? 2.271   -4.340  6.065   1.00 10.00 ? 90 HEC A C4C  1 
HETATM 1204 C  CMC  . HEC B 2 .  ? 0.054   -2.083  8.077   1.00 10.00 ? 90 HEC A CMC  1 
HETATM 1205 C  CAC  . HEC B 2 .  ? 2.144   -4.440  8.685   1.00 10.00 ? 90 HEC A CAC  1 
HETATM 1206 C  CBC  . HEC B 2 .  ? 0.987   -4.662  9.657   1.00 10.00 ? 90 HEC A CBC  1 
HETATM 1207 N  ND   . HEC B 2 .  ? 3.253   -5.553  3.482   1.00 10.00 ? 90 HEC A ND   1 
HETATM 1208 C  C1D  . HEC B 2 .  ? 3.649   -5.897  4.733   1.00 10.00 ? 90 HEC A C1D  1 
HETATM 1209 C  C2D  . HEC B 2 .  ? 4.544   -7.023  4.609   1.00 10.00 ? 90 HEC A C2D  1 
HETATM 1210 C  C3D  . HEC B 2 .  ? 4.532   -7.406  3.289   1.00 10.00 ? 90 HEC A C3D  1 
HETATM 1211 C  C4D  . HEC B 2 .  ? 3.770   -6.417  2.563   1.00 10.00 ? 90 HEC A C4D  1 
HETATM 1212 C  CMD  . HEC B 2 .  ? 5.283   -7.725  5.724   1.00 10.00 ? 90 HEC A CMD  1 
HETATM 1213 C  CAD  . HEC B 2 .  ? 5.015   -8.735  2.756   1.00 10.00 ? 90 HEC A CAD  1 
HETATM 1214 C  CBD  . HEC B 2 .  ? 6.398   -8.718  2.104   1.00 10.00 ? 90 HEC A CBD  1 
HETATM 1215 C  CGD  . HEC B 2 .  ? 6.770   -10.107 1.609   1.00 10.00 ? 90 HEC A CGD  1 
HETATM 1216 O  O1D  . HEC B 2 .  ? 7.038   -10.222 0.395   1.00 10.00 ? 90 HEC A O1D  1 
HETATM 1217 O  O2D  . HEC B 2 .  ? 6.752   -11.031 2.451   1.00 10.00 ? 90 HEC A O2D  1 
HETATM 1218 H  HHA  . HEC B 2 .  ? 4.040   -7.210  0.610   1.00 10.00 ? 90 HEC A HHA  1 
HETATM 1219 H  HHB  . HEC B 2 .  ? 0.581   -1.906  -0.818  1.00 10.00 ? 90 HEC A HHB  1 
HETATM 1220 H  HHC  . HEC B 2 .  ? -0.734  -1.214  5.494   1.00 10.00 ? 90 HEC A HHC  1 
HETATM 1221 H  HHD  . HEC B 2 .  ? 3.698   -5.753  6.829   1.00 10.00 ? 90 HEC A HHD  1 
HETATM 1222 H  HMA1 . HEC B 2 .  ? 0.115   -4.539  -2.411  1.00 10.00 ? 90 HEC A HMA1 1 
HETATM 1223 H  HMA2 . HEC B 2 .  ? 1.010   -3.032  -2.663  1.00 10.00 ? 90 HEC A HMA2 1 
HETATM 1224 H  HMA3 . HEC B 2 .  ? 1.608   -4.575  -3.331  1.00 10.00 ? 90 HEC A HMA3 1 
HETATM 1225 H  HAA1 . HEC B 2 .  ? 4.374   -6.461  -1.626  1.00 10.00 ? 90 HEC A HAA1 1 
HETATM 1226 H  HAA2 . HEC B 2 .  ? 3.325   -5.883  -2.904  1.00 10.00 ? 90 HEC A HAA2 1 
HETATM 1227 H  HBA1 . HEC B 2 .  ? 1.647   -7.629  -2.345  1.00 10.00 ? 90 HEC A HBA1 1 
HETATM 1228 H  HBA2 . HEC B 2 .  ? 2.720   -8.240  -1.074  1.00 10.00 ? 90 HEC A HBA2 1 
HETATM 1229 H  HMB1 . HEC B 2 .  ? -1.675  -0.301  -0.261  1.00 10.00 ? 90 HEC A HMB1 1 
HETATM 1230 H  HMB2 . HEC B 2 .  ? -1.119  1.129   0.612   1.00 10.00 ? 90 HEC A HMB2 1 
HETATM 1231 H  HMB3 . HEC B 2 .  ? 0.004   0.261   -0.395  1.00 10.00 ? 90 HEC A HMB3 1 
HETATM 1232 H  HAB  . HEC B 2 .  ? -1.549  0.450   4.475   1.00 10.00 ? 90 HEC A HAB  1 
HETATM 1233 H  HBB1 . HEC B 2 .  ? -3.513  -0.198  3.116   1.00 10.00 ? 90 HEC A HBB1 1 
HETATM 1234 H  HBB2 . HEC B 2 .  ? -3.411  1.541   3.416   1.00 10.00 ? 90 HEC A HBB2 1 
HETATM 1235 H  HBB3 . HEC B 2 .  ? -2.977  0.889   1.830   1.00 10.00 ? 90 HEC A HBB3 1 
HETATM 1236 H  HMC1 . HEC B 2 .  ? -0.713  -2.696  8.547   1.00 10.00 ? 90 HEC A HMC1 1 
HETATM 1237 H  HMC2 . HEC B 2 .  ? 0.753   -1.723  8.832   1.00 10.00 ? 90 HEC A HMC2 1 
HETATM 1238 H  HMC3 . HEC B 2 .  ? -0.432  -1.217  7.634   1.00 10.00 ? 90 HEC A HMC3 1 
HETATM 1239 H  HAC  . HEC B 2 .  ? 2.562   -5.433  8.546   1.00 10.00 ? 90 HEC A HAC  1 
HETATM 1240 H  HBC1 . HEC B 2 .  ? 0.160   -5.126  9.128   1.00 10.00 ? 90 HEC A HBC1 1 
HETATM 1241 H  HBC2 . HEC B 2 .  ? 1.330   -5.323  10.452  1.00 10.00 ? 90 HEC A HBC2 1 
HETATM 1242 H  HBC3 . HEC B 2 .  ? 0.681   -3.717  10.098  1.00 10.00 ? 90 HEC A HBC3 1 
HETATM 1243 H  HMD1 . HEC B 2 .  ? 4.621   -8.429  6.219   1.00 10.00 ? 90 HEC A HMD1 1 
HETATM 1244 H  HMD2 . HEC B 2 .  ? 6.139   -8.266  5.321   1.00 10.00 ? 90 HEC A HMD2 1 
HETATM 1245 H  HMD3 . HEC B 2 .  ? 5.654   -7.017  6.462   1.00 10.00 ? 90 HEC A HMD3 1 
HETATM 1246 H  HAD1 . HEC B 2 .  ? 4.302   -9.108  2.022   1.00 10.00 ? 90 HEC A HAD1 1 
HETATM 1247 H  HAD2 . HEC B 2 .  ? 5.032   -9.456  3.575   1.00 10.00 ? 90 HEC A HAD2 1 
HETATM 1248 H  HBD1 . HEC B 2 .  ? 7.150   -8.400  2.825   1.00 10.00 ? 90 HEC A HBD1 1 
HETATM 1249 H  HBD2 . HEC B 2 .  ? 6.397   -8.047  1.247   1.00 10.00 ? 90 HEC A HBD2 1 
# 
